data_2J4E
#
_entry.id   2J4E
#
_cell.length_a   67.998
_cell.length_b   75.292
_cell.length_c   110.793
_cell.angle_alpha   85.12
_cell.angle_beta   77.72
_cell.angle_gamma   69.19
#
_symmetry.space_group_name_H-M   'P 1'
#
loop_
_entity.id
_entity.type
_entity.pdbx_description
1 polymer 'INOSINE TRIPHOSPHATE PYROPHOSPHATASE'
2 non-polymer "INOSINE 5'-TRIPHOSPHATE"
3 non-polymer 'MAGNESIUM ION'
4 non-polymer 'PYROPHOSPHATE 2-'
5 non-polymer 'INOSINIC ACID'
6 water water
#
_entity_poly.entity_id   1
_entity_poly.type   'polypeptide(L)'
_entity_poly.pdbx_seq_one_letter_code
;GSMAASLVGKKIVFVTGNAKKLEEVVQILGDKFPCTLVAQKIDLPEYQGEPDEISIQKCQEAVRQVQGPVLVEDTCLCFN
ALGGLPGPYIKWFLEKLKPEGLHQLLAGFEDKSAYALCTFALSTGDPSQPVRLFRGRTSGRIVAPRGCQDFGWDPCFQPD
GYEQTYAEMPKAEKNAVSHRFRALLELQEYFGSLAA
;
_entity_poly.pdbx_strand_id   A,B,C,D,E,F,G,H
#
loop_
_chem_comp.id
_chem_comp.type
_chem_comp.name
_chem_comp.formula
IMP non-polymer 'INOSINIC ACID' 'C10 H13 N4 O8 P'
ITT non-polymer 'INOSINE 5'-TRIPHOSPHATE' 'C10 H15 N4 O14 P3'
MG non-polymer 'MAGNESIUM ION' 'Mg 2'
POP non-polymer 'PYROPHOSPHATE 2-' 'H2 O7 P2 -2'
#
# COMPACT_ATOMS: atom_id res chain seq x y z
N ALA A 4 41.07 -25.22 18.06
CA ALA A 4 42.02 -25.27 16.91
C ALA A 4 42.47 -26.72 16.65
N ALA A 5 43.21 -27.29 17.61
CA ALA A 5 43.64 -28.69 17.52
C ALA A 5 42.48 -29.66 17.73
N SER A 6 41.48 -29.20 18.50
CA SER A 6 40.27 -29.99 18.79
C SER A 6 39.48 -30.38 17.54
N LEU A 7 39.41 -29.47 16.58
CA LEU A 7 38.63 -29.66 15.36
C LEU A 7 39.29 -30.58 14.32
N VAL A 8 40.50 -31.05 14.58
CA VAL A 8 41.22 -31.90 13.61
C VAL A 8 40.40 -33.13 13.23
N GLY A 9 40.39 -33.47 11.94
CA GLY A 9 39.71 -34.68 11.45
C GLY A 9 38.23 -34.81 11.76
N LYS A 10 37.61 -33.71 12.20
CA LYS A 10 36.21 -33.74 12.62
C LYS A 10 35.29 -33.48 11.44
N LYS A 11 33.98 -33.60 11.69
CA LYS A 11 32.94 -33.22 10.73
C LYS A 11 32.48 -31.79 11.06
N ILE A 12 32.37 -30.94 10.04
CA ILE A 12 31.97 -29.54 10.23
C ILE A 12 30.78 -29.18 9.35
N VAL A 13 29.64 -28.90 9.98
CA VAL A 13 28.44 -28.52 9.26
C VAL A 13 28.55 -27.08 8.79
N PHE A 14 28.70 -26.90 7.49
CA PHE A 14 28.77 -25.57 6.89
C PHE A 14 27.35 -25.17 6.52
N VAL A 15 26.84 -24.12 7.16
CA VAL A 15 25.43 -23.72 6.99
C VAL A 15 25.26 -22.47 6.11
N THR A 16 24.65 -22.66 4.94
CA THR A 16 24.44 -21.58 3.98
C THR A 16 23.47 -22.02 2.89
N GLY A 17 22.51 -21.15 2.58
CA GLY A 17 21.54 -21.41 1.51
C GLY A 17 22.12 -21.17 0.12
N ASN A 18 23.18 -20.37 0.04
CA ASN A 18 23.75 -19.92 -1.23
C ASN A 18 24.57 -21.02 -1.91
N ALA A 19 24.05 -21.55 -3.01
CA ALA A 19 24.67 -22.65 -3.74
C ALA A 19 25.98 -22.24 -4.41
N LYS A 20 26.00 -21.02 -4.97
CA LYS A 20 27.16 -20.53 -5.73
C LYS A 20 28.39 -20.33 -4.86
N LYS A 21 28.20 -19.84 -3.63
CA LYS A 21 29.32 -19.62 -2.73
C LYS A 21 29.84 -20.95 -2.16
N LEU A 22 28.91 -21.85 -1.80
CA LEU A 22 29.30 -23.19 -1.37
C LEU A 22 30.15 -23.84 -2.45
N GLU A 23 29.64 -23.80 -3.68
CA GLU A 23 30.33 -24.35 -4.85
C GLU A 23 31.76 -23.80 -4.98
N GLU A 24 31.91 -22.49 -4.74
CA GLU A 24 33.23 -21.85 -4.74
C GLU A 24 34.09 -22.31 -3.57
N VAL A 25 33.51 -22.36 -2.38
CA VAL A 25 34.24 -22.74 -1.17
C VAL A 25 34.81 -24.16 -1.26
N VAL A 26 34.01 -25.10 -1.79
CA VAL A 26 34.52 -26.47 -2.04
C VAL A 26 35.74 -26.44 -2.96
N GLN A 27 35.65 -25.64 -4.01
CA GLN A 27 36.70 -25.58 -5.03
C GLN A 27 37.96 -24.84 -4.57
N ILE A 28 37.78 -23.72 -3.86
CA ILE A 28 38.91 -22.91 -3.37
C ILE A 28 39.74 -23.64 -2.30
N LEU A 29 39.39 -24.89 -2.01
CA LEU A 29 40.25 -25.76 -1.24
C LEU A 29 40.04 -27.21 -1.71
N GLY A 30 40.63 -28.16 -1.00
CA GLY A 30 40.38 -29.57 -1.23
C GLY A 30 41.27 -30.36 -0.31
N ASP A 31 41.44 -31.65 -0.58
CA ASP A 31 42.52 -32.38 0.05
C ASP A 31 43.68 -31.43 -0.23
N LYS A 32 44.32 -30.86 0.81
CA LYS A 32 44.41 -31.41 2.16
C LYS A 32 43.89 -30.47 3.26
N PHE A 33 42.60 -30.12 3.21
CA PHE A 33 41.96 -29.43 4.32
C PHE A 33 41.60 -30.47 5.39
N PRO A 34 42.19 -30.37 6.60
CA PRO A 34 42.10 -31.43 7.63
C PRO A 34 40.70 -32.00 7.95
N CYS A 35 39.72 -31.13 8.16
CA CYS A 35 38.35 -31.56 8.51
C CYS A 35 37.56 -31.95 7.26
N THR A 36 36.31 -32.37 7.47
CA THR A 36 35.40 -32.63 6.36
C THR A 36 34.18 -31.73 6.51
N LEU A 37 33.79 -31.11 5.41
CA LEU A 37 32.66 -30.19 5.42
C LEU A 37 31.38 -30.87 4.93
N VAL A 38 30.25 -30.40 5.45
CA VAL A 38 28.94 -30.89 5.03
C VAL A 38 27.99 -29.70 4.92
N ALA A 39 27.45 -29.50 3.72
CA ALA A 39 26.54 -28.39 3.46
C ALA A 39 25.13 -28.76 3.90
N GLN A 40 24.56 -27.95 4.78
CA GLN A 40 23.14 -28.04 5.12
C GLN A 40 22.52 -26.66 4.92
N LYS A 41 21.61 -26.56 3.96
CA LYS A 41 21.01 -25.28 3.64
C LYS A 41 20.00 -24.91 4.73
N ILE A 42 20.26 -23.77 5.40
CA ILE A 42 19.31 -23.18 6.34
C ILE A 42 19.34 -21.68 6.16
N ASP A 43 18.15 -21.09 6.00
CA ASP A 43 18.00 -19.65 5.78
C ASP A 43 18.11 -18.93 7.14
N LEU A 44 19.34 -18.62 7.54
CA LEU A 44 19.59 -18.04 8.88
C LEU A 44 19.33 -16.53 8.89
N PRO A 45 18.74 -16.02 9.99
CA PRO A 45 18.40 -14.60 10.08
C PRO A 45 19.52 -13.75 10.68
N GLU A 46 19.99 -12.75 9.92
CA GLU A 46 21.13 -11.93 10.31
C GLU A 46 20.70 -10.60 10.95
N TYR A 47 21.55 -10.08 11.82
CA TYR A 47 21.32 -8.80 12.51
C TYR A 47 21.83 -7.60 11.71
N GLN A 48 21.37 -6.41 12.10
CA GLN A 48 21.91 -5.16 11.58
C GLN A 48 23.18 -4.80 12.37
N GLY A 49 24.12 -4.17 11.68
CA GLY A 49 25.31 -3.62 12.33
C GLY A 49 26.60 -3.82 11.56
N GLU A 50 27.63 -4.28 12.26
CA GLU A 50 28.97 -4.46 11.71
C GLU A 50 29.15 -5.93 11.33
N PRO A 51 29.96 -6.21 10.28
CA PRO A 51 30.10 -7.60 9.79
C PRO A 51 30.63 -8.58 10.84
N ASP A 52 31.56 -8.13 11.68
CA ASP A 52 32.04 -8.92 12.82
C ASP A 52 30.89 -9.35 13.73
N GLU A 53 30.18 -8.38 14.30
CA GLU A 53 29.04 -8.63 15.18
C GLU A 53 28.03 -9.58 14.53
N ILE A 54 27.65 -9.27 13.29
CA ILE A 54 26.69 -10.09 12.53
C ILE A 54 27.16 -11.53 12.44
N SER A 55 28.37 -11.71 11.92
CA SER A 55 28.97 -13.03 11.74
C SER A 55 29.05 -13.83 13.04
N ILE A 56 29.49 -13.17 14.12
CA ILE A 56 29.55 -13.81 15.44
C ILE A 56 28.17 -14.33 15.86
N GLN A 57 27.15 -13.49 15.69
CA GLN A 57 25.79 -13.84 16.07
C GLN A 57 25.16 -14.86 15.13
N LYS A 58 25.45 -14.74 13.84
CA LYS A 58 24.94 -15.69 12.83
C LYS A 58 25.43 -17.10 13.13
N CYS A 59 26.68 -17.18 13.57
CA CYS A 59 27.31 -18.43 13.96
C CYS A 59 26.67 -18.98 15.23
N GLN A 60 26.50 -18.12 16.23
CA GLN A 60 25.82 -18.48 17.48
C GLN A 60 24.38 -18.97 17.24
N GLU A 61 23.74 -18.48 16.17
CA GLU A 61 22.41 -18.96 15.78
C GLU A 61 22.48 -20.35 15.18
N ALA A 62 23.47 -20.57 14.30
CA ALA A 62 23.69 -21.87 13.68
C ALA A 62 23.99 -22.94 14.71
N VAL A 63 24.79 -22.58 15.72
CA VAL A 63 25.12 -23.46 16.85
C VAL A 63 23.85 -23.99 17.53
N ARG A 64 22.88 -23.12 17.78
CA ARG A 64 21.63 -23.52 18.43
C ARG A 64 20.85 -24.56 17.62
N GLN A 65 20.90 -24.45 16.29
CA GLN A 65 20.11 -25.30 15.39
C GLN A 65 20.80 -26.61 14.99
N VAL A 66 22.13 -26.57 14.83
CA VAL A 66 22.90 -27.76 14.46
C VAL A 66 23.50 -28.43 15.69
N GLN A 67 24.13 -27.63 16.56
CA GLN A 67 24.70 -28.07 17.85
C GLN A 67 26.05 -28.79 17.76
N GLY A 68 26.27 -29.54 16.68
CA GLY A 68 27.61 -30.07 16.38
C GLY A 68 28.55 -28.95 15.97
N PRO A 69 29.77 -29.31 15.52
CA PRO A 69 30.70 -28.30 15.00
C PRO A 69 30.13 -27.60 13.76
N VAL A 70 30.26 -26.28 13.69
CA VAL A 70 29.54 -25.48 12.71
C VAL A 70 30.38 -24.34 12.12
N LEU A 71 30.12 -24.02 10.85
CA LEU A 71 30.77 -22.91 10.16
C LEU A 71 29.75 -22.09 9.36
N VAL A 72 29.81 -20.76 9.47
CA VAL A 72 28.98 -19.85 8.66
C VAL A 72 29.86 -18.85 7.93
N GLU A 73 29.26 -18.02 7.07
CA GLU A 73 29.98 -16.92 6.43
C GLU A 73 29.07 -15.79 5.91
N ASP A 74 29.62 -14.58 5.84
CA ASP A 74 28.92 -13.39 5.33
C ASP A 74 29.79 -12.67 4.33
N THR A 75 29.18 -12.15 3.27
CA THR A 75 29.88 -11.36 2.29
C THR A 75 29.30 -9.95 2.23
N CYS A 76 30.19 -8.96 2.16
CA CYS A 76 29.80 -7.57 2.09
C CYS A 76 30.43 -6.94 0.85
N LEU A 77 29.63 -6.18 0.11
CA LEU A 77 30.13 -5.32 -0.95
C LEU A 77 30.03 -3.90 -0.41
N CYS A 78 31.17 -3.25 -0.25
CA CYS A 78 31.28 -1.97 0.48
C CYS A 78 31.79 -0.85 -0.44
N PHE A 79 30.97 0.18 -0.64
CA PHE A 79 31.34 1.33 -1.50
C PHE A 79 31.96 2.44 -0.63
N ASN A 80 33.18 2.85 -0.97
CA ASN A 80 33.87 3.91 -0.22
C ASN A 80 33.13 5.26 -0.30
N ALA A 81 32.51 5.54 -1.43
CA ALA A 81 31.65 6.72 -1.55
C ALA A 81 30.53 6.73 -0.50
N LEU A 82 30.05 5.54 -0.14
CA LEU A 82 28.91 5.40 0.78
C LEU A 82 29.30 4.84 2.16
N GLY A 83 30.46 5.25 2.66
CA GLY A 83 30.94 4.84 3.98
C GLY A 83 30.94 3.35 4.22
N GLY A 84 31.18 2.57 3.18
CA GLY A 84 31.23 1.12 3.30
C GLY A 84 29.89 0.42 3.13
N LEU A 85 28.84 1.21 2.90
CA LEU A 85 27.53 0.68 2.55
C LEU A 85 27.51 0.45 1.04
N PRO A 86 26.57 -0.38 0.54
CA PRO A 86 25.56 -1.14 1.27
C PRO A 86 26.15 -2.16 2.25
N GLY A 87 27.38 -2.59 2.00
CA GLY A 87 28.11 -3.44 2.94
C GLY A 87 27.37 -4.72 3.29
N PRO A 88 26.99 -4.89 4.58
CA PRO A 88 26.32 -6.12 5.02
C PRO A 88 24.88 -6.27 4.56
N TYR A 89 24.34 -5.27 3.86
CA TYR A 89 22.96 -5.28 3.37
C TYR A 89 22.89 -5.50 1.86
N ILE A 90 24.06 -5.68 1.24
CA ILE A 90 24.17 -5.85 -0.21
C ILE A 90 23.10 -6.80 -0.76
N LYS A 91 22.85 -7.92 -0.08
CA LYS A 91 21.85 -8.90 -0.54
C LYS A 91 20.57 -8.22 -1.01
N TRP A 92 20.09 -7.27 -0.21
CA TRP A 92 18.80 -6.63 -0.44
C TRP A 92 18.87 -5.65 -1.59
N PHE A 93 19.97 -4.92 -1.65
CA PHE A 93 20.18 -3.95 -2.74
C PHE A 93 20.25 -4.67 -4.09
N LEU A 94 20.81 -5.88 -4.06
CA LEU A 94 20.90 -6.72 -5.26
C LEU A 94 19.53 -7.24 -5.67
N GLU A 95 18.71 -7.50 -4.68
CA GLU A 95 17.36 -8.00 -4.88
C GLU A 95 16.46 -6.95 -5.56
N LYS A 96 16.61 -5.69 -5.16
CA LYS A 96 15.76 -4.59 -5.64
C LYS A 96 16.33 -3.91 -6.89
N LEU A 97 17.65 -3.82 -6.99
CA LEU A 97 18.31 -3.04 -8.04
C LEU A 97 19.02 -3.84 -9.13
N LYS A 98 19.54 -5.03 -8.80
CA LYS A 98 20.44 -5.79 -9.69
C LYS A 98 21.73 -5.01 -9.97
N PRO A 99 22.75 -5.67 -10.57
CA PRO A 99 24.03 -4.98 -10.80
C PRO A 99 23.92 -3.65 -11.55
N GLU A 100 23.08 -3.60 -12.58
CA GLU A 100 22.90 -2.36 -13.34
C GLU A 100 22.62 -1.21 -12.36
N GLY A 101 21.65 -1.43 -11.48
CA GLY A 101 21.23 -0.42 -10.52
C GLY A 101 22.27 -0.10 -9.46
N LEU A 102 23.07 -1.08 -9.08
CA LEU A 102 24.13 -0.84 -8.09
C LEU A 102 25.16 0.17 -8.62
N HIS A 103 25.38 0.19 -9.94
CA HIS A 103 26.26 1.18 -10.55
C HIS A 103 25.60 2.57 -10.53
N GLN A 104 24.33 2.63 -10.92
CA GLN A 104 23.54 3.90 -10.87
C GLN A 104 23.57 4.52 -9.46
N LEU A 105 23.64 3.67 -8.44
CA LEU A 105 23.68 4.10 -7.05
C LEU A 105 24.82 5.09 -6.76
N LEU A 106 25.94 4.93 -7.48
CA LEU A 106 27.11 5.82 -7.36
C LEU A 106 27.21 6.87 -8.47
N ALA A 107 26.13 7.08 -9.23
CA ALA A 107 26.15 8.01 -10.35
C ALA A 107 26.38 9.46 -9.89
N GLY A 108 26.05 9.75 -8.63
CA GLY A 108 26.24 11.08 -8.07
C GLY A 108 27.54 11.26 -7.29
N PHE A 109 28.47 10.34 -7.46
CA PHE A 109 29.77 10.38 -6.77
C PHE A 109 30.91 10.17 -7.76
N GLU A 110 32.03 10.84 -7.53
CA GLU A 110 33.24 10.60 -8.33
C GLU A 110 33.91 9.29 -7.90
N ASP A 111 33.92 9.01 -6.60
CA ASP A 111 34.62 7.86 -6.04
C ASP A 111 33.89 6.56 -6.35
N LYS A 112 34.25 5.94 -7.46
CA LYS A 112 33.65 4.67 -7.86
C LYS A 112 34.30 3.48 -7.14
N SER A 113 35.28 3.75 -6.27
CA SER A 113 36.00 2.66 -5.59
C SER A 113 35.13 1.92 -4.56
N ALA A 114 35.62 0.76 -4.12
CA ALA A 114 34.87 -0.12 -3.23
C ALA A 114 35.78 -1.22 -2.71
N TYR A 115 35.26 -2.05 -1.80
CA TYR A 115 35.94 -3.28 -1.40
C TYR A 115 34.92 -4.37 -1.08
N ALA A 116 35.33 -5.62 -1.27
CA ALA A 116 34.50 -6.78 -1.01
C ALA A 116 35.05 -7.54 0.20
N LEU A 117 34.22 -7.68 1.24
CA LEU A 117 34.62 -8.31 2.49
C LEU A 117 33.92 -9.65 2.65
N CYS A 118 34.69 -10.65 3.12
CA CYS A 118 34.20 -12.01 3.32
C CYS A 118 34.63 -12.48 4.71
N THR A 119 33.66 -12.83 5.54
CA THR A 119 33.92 -13.17 6.94
C THR A 119 33.36 -14.54 7.28
N PHE A 120 34.26 -15.50 7.52
CA PHE A 120 33.90 -16.83 8.01
C PHE A 120 33.89 -16.85 9.54
N ALA A 121 32.93 -17.58 10.11
CA ALA A 121 32.83 -17.74 11.56
C ALA A 121 32.79 -19.21 11.92
N LEU A 122 33.44 -19.58 13.02
CA LEU A 122 33.59 -20.99 13.41
C LEU A 122 33.18 -21.21 14.87
N SER A 123 32.55 -22.36 15.14
CA SER A 123 32.24 -22.81 16.50
C SER A 123 32.31 -24.34 16.58
N THR A 124 32.08 -24.89 17.77
CA THR A 124 32.18 -26.34 17.99
C THR A 124 30.86 -26.92 18.51
N PRO A 130 33.61 -19.80 22.59
CA PRO A 130 34.38 -18.67 22.06
C PRO A 130 34.52 -18.74 20.54
N VAL A 131 33.86 -17.82 19.84
CA VAL A 131 33.80 -17.85 18.37
C VAL A 131 35.02 -17.19 17.73
N ARG A 132 35.51 -17.78 16.64
CA ARG A 132 36.69 -17.31 15.92
C ARG A 132 36.35 -16.96 14.48
N LEU A 133 36.97 -15.90 13.97
CA LEU A 133 36.64 -15.36 12.66
C LEU A 133 37.83 -15.40 11.72
N PHE A 134 37.54 -15.50 10.42
CA PHE A 134 38.56 -15.51 9.37
C PHE A 134 38.14 -14.59 8.22
N ARG A 135 38.90 -13.51 8.03
CA ARG A 135 38.50 -12.41 7.14
C ARG A 135 39.35 -12.34 5.87
N GLY A 136 38.70 -12.07 4.75
CA GLY A 136 39.36 -11.87 3.46
C GLY A 136 38.78 -10.64 2.80
N ARG A 137 39.62 -9.90 2.07
CA ARG A 137 39.23 -8.59 1.54
C ARG A 137 39.90 -8.27 0.19
N THR A 138 39.12 -7.73 -0.74
CA THR A 138 39.63 -7.33 -2.06
C THR A 138 39.11 -5.96 -2.45
N SER A 139 40.01 -5.05 -2.81
CA SER A 139 39.64 -3.69 -3.23
C SER A 139 39.43 -3.64 -4.75
N GLY A 140 38.54 -2.76 -5.19
CA GLY A 140 38.25 -2.58 -6.61
C GLY A 140 37.41 -1.36 -6.89
N ARG A 141 36.81 -1.31 -8.08
CA ARG A 141 35.88 -0.24 -8.47
C ARG A 141 34.59 -0.81 -9.04
N ILE A 142 33.48 -0.09 -8.84
CA ILE A 142 32.15 -0.51 -9.31
C ILE A 142 31.85 0.10 -10.67
N VAL A 143 31.60 -0.77 -11.65
CA VAL A 143 31.46 -0.38 -13.05
C VAL A 143 30.09 -0.76 -13.59
N ALA A 144 29.84 -0.44 -14.86
CA ALA A 144 28.65 -0.94 -15.56
C ALA A 144 28.83 -2.45 -15.69
N PRO A 145 27.75 -3.23 -15.52
CA PRO A 145 27.89 -4.67 -15.50
C PRO A 145 28.50 -5.26 -16.76
N ARG A 146 29.51 -6.10 -16.57
CA ARG A 146 30.16 -6.84 -17.63
C ARG A 146 30.29 -8.30 -17.22
N GLY A 147 29.85 -9.21 -18.08
CA GLY A 147 30.04 -10.66 -17.88
C GLY A 147 28.80 -11.42 -17.49
N CYS A 148 28.98 -12.68 -17.11
CA CYS A 148 27.88 -13.57 -16.70
C CYS A 148 27.10 -13.05 -15.50
N GLN A 149 25.82 -13.44 -15.44
CA GLN A 149 24.87 -12.94 -14.46
C GLN A 149 24.58 -13.93 -13.33
N ASP A 150 25.17 -15.12 -13.38
CA ASP A 150 24.75 -16.23 -12.51
C ASP A 150 25.30 -16.22 -11.07
N PHE A 151 25.99 -15.15 -10.67
CA PHE A 151 26.41 -15.01 -9.27
C PHE A 151 26.50 -13.58 -8.76
N GLY A 152 25.39 -13.09 -8.21
CA GLY A 152 25.34 -11.83 -7.47
C GLY A 152 25.96 -10.63 -8.16
N TRP A 153 26.76 -9.89 -7.40
CA TRP A 153 27.30 -8.60 -7.84
C TRP A 153 28.60 -8.69 -8.66
N ASP A 154 29.01 -9.91 -9.00
CA ASP A 154 30.22 -10.14 -9.80
C ASP A 154 30.29 -9.25 -11.05
N PRO A 155 29.20 -9.19 -11.83
CA PRO A 155 29.20 -8.39 -13.05
C PRO A 155 29.69 -6.94 -12.90
N CYS A 156 29.51 -6.31 -11.74
CA CYS A 156 29.85 -4.90 -11.56
C CYS A 156 31.03 -4.60 -10.63
N PHE A 157 31.72 -5.64 -10.13
CA PHE A 157 32.93 -5.43 -9.34
C PHE A 157 34.19 -5.74 -10.16
N GLN A 158 34.94 -4.70 -10.46
CA GLN A 158 36.23 -4.85 -11.13
C GLN A 158 37.33 -4.69 -10.12
N PRO A 159 38.04 -5.78 -9.80
CA PRO A 159 39.08 -5.70 -8.80
C PRO A 159 40.28 -4.91 -9.31
N ASP A 160 41.07 -4.36 -8.39
CA ASP A 160 42.28 -3.61 -8.70
C ASP A 160 43.38 -4.49 -9.30
N GLY A 161 44.01 -3.98 -10.36
CA GLY A 161 45.07 -4.68 -11.05
C GLY A 161 44.61 -5.43 -12.30
N TYR A 162 43.29 -5.55 -12.46
CA TYR A 162 42.72 -6.34 -13.55
C TYR A 162 41.75 -5.51 -14.40
N GLU A 163 41.72 -5.79 -15.69
CA GLU A 163 40.85 -5.07 -16.64
C GLU A 163 39.48 -5.74 -16.82
N GLN A 164 39.24 -6.85 -16.11
CA GLN A 164 37.94 -7.53 -16.18
C GLN A 164 37.31 -7.74 -14.80
N THR A 165 35.97 -7.83 -14.78
CA THR A 165 35.21 -8.04 -13.54
C THR A 165 35.26 -9.50 -13.11
N TYR A 166 34.79 -9.80 -11.90
CA TYR A 166 34.77 -11.17 -11.38
C TYR A 166 33.91 -12.11 -12.23
N ALA A 167 32.84 -11.59 -12.82
CA ALA A 167 31.96 -12.40 -13.67
C ALA A 167 32.63 -12.79 -14.98
N GLU A 168 33.44 -11.88 -15.52
CA GLU A 168 34.15 -12.10 -16.77
C GLU A 168 35.26 -13.12 -16.61
N MET A 169 36.03 -12.98 -15.52
CA MET A 169 37.11 -13.91 -15.17
C MET A 169 36.65 -15.36 -15.19
N PRO A 170 37.48 -16.27 -15.72
CA PRO A 170 37.13 -17.68 -15.56
C PRO A 170 37.17 -18.03 -14.06
N LYS A 171 36.21 -18.83 -13.61
CA LYS A 171 36.10 -19.11 -12.17
C LYS A 171 37.48 -19.41 -11.55
N ALA A 172 38.28 -20.21 -12.24
CA ALA A 172 39.64 -20.54 -11.78
C ALA A 172 40.44 -19.30 -11.35
N GLU A 173 40.40 -18.23 -12.16
CA GLU A 173 41.15 -17.00 -11.86
C GLU A 173 40.55 -16.31 -10.65
N LYS A 174 39.22 -16.21 -10.62
CA LYS A 174 38.54 -15.55 -9.52
C LYS A 174 38.90 -16.24 -8.22
N ASN A 175 38.83 -17.57 -8.22
CA ASN A 175 39.14 -18.39 -7.05
C ASN A 175 40.56 -18.20 -6.50
N ALA A 176 41.45 -17.67 -7.33
CA ALA A 176 42.83 -17.41 -6.92
C ALA A 176 43.03 -16.01 -6.32
N VAL A 177 42.14 -15.08 -6.64
CA VAL A 177 42.34 -13.67 -6.30
C VAL A 177 41.25 -13.04 -5.43
N SER A 178 40.15 -13.75 -5.21
CA SER A 178 38.95 -13.13 -4.63
C SER A 178 39.03 -12.89 -3.13
N HIS A 179 38.10 -12.09 -2.65
CA HIS A 179 37.85 -11.89 -1.21
C HIS A 179 37.67 -13.22 -0.45
N ARG A 180 36.99 -14.18 -1.08
CA ARG A 180 36.75 -15.50 -0.49
C ARG A 180 38.06 -16.27 -0.33
N PHE A 181 38.86 -16.26 -1.40
CA PHE A 181 40.20 -16.83 -1.36
C PHE A 181 40.96 -16.31 -0.15
N ARG A 182 41.05 -14.99 -0.01
CA ARG A 182 41.78 -14.36 1.10
C ARG A 182 41.35 -14.88 2.46
N ALA A 183 40.04 -15.05 2.65
CA ALA A 183 39.50 -15.57 3.90
C ALA A 183 39.81 -17.05 4.04
N LEU A 184 39.48 -17.83 3.01
CA LEU A 184 39.75 -19.28 3.03
C LEU A 184 41.22 -19.60 3.31
N LEU A 185 42.11 -18.74 2.82
CA LEU A 185 43.54 -18.86 3.09
C LEU A 185 43.84 -18.74 4.59
N GLU A 186 43.09 -17.89 5.30
CA GLU A 186 43.21 -17.74 6.75
C GLU A 186 42.73 -19.00 7.45
N LEU A 187 41.56 -19.48 7.04
CA LEU A 187 40.95 -20.70 7.58
C LEU A 187 41.93 -21.88 7.47
N GLN A 188 42.42 -22.12 6.26
CA GLN A 188 43.37 -23.21 6.02
C GLN A 188 44.69 -23.03 6.79
N GLU A 189 45.23 -21.82 6.73
CA GLU A 189 46.47 -21.47 7.44
C GLU A 189 46.36 -21.66 8.96
N TYR A 190 45.14 -21.54 9.49
CA TYR A 190 44.89 -21.73 10.92
C TYR A 190 45.13 -23.18 11.38
N PHE A 191 44.83 -24.13 10.50
CA PHE A 191 45.12 -25.54 10.75
C PHE A 191 46.48 -25.91 10.15
N GLY A 192 47.53 -25.84 10.95
CA GLY A 192 48.90 -26.16 10.51
C GLY A 192 49.67 -24.95 10.04
N SER B 2 -8.73 -5.43 23.93
CA SER B 2 -8.33 -6.70 24.59
C SER B 2 -7.15 -6.43 25.53
N MET B 3 -5.93 -6.34 24.99
CA MET B 3 -4.78 -5.89 25.78
C MET B 3 -4.93 -4.39 26.07
N ALA B 4 -5.73 -3.71 25.23
CA ALA B 4 -6.13 -2.32 25.48
C ALA B 4 -6.68 -2.16 26.89
N ALA B 5 -7.63 -3.03 27.25
CA ALA B 5 -8.20 -3.06 28.58
C ALA B 5 -7.13 -3.28 29.66
N SER B 6 -6.30 -4.29 29.46
CA SER B 6 -5.29 -4.65 30.44
C SER B 6 -4.26 -3.55 30.69
N LEU B 7 -3.95 -2.76 29.67
CA LEU B 7 -2.92 -1.72 29.77
C LEU B 7 -3.44 -0.34 30.17
N VAL B 8 -4.75 -0.11 30.08
CA VAL B 8 -5.31 1.21 30.40
C VAL B 8 -5.04 1.54 31.87
N GLY B 9 -4.52 2.73 32.12
CA GLY B 9 -4.17 3.18 33.49
C GLY B 9 -2.81 2.74 34.00
N LYS B 10 -2.24 1.71 33.38
CA LYS B 10 -0.99 1.10 33.83
C LYS B 10 0.22 1.85 33.28
N LYS B 11 1.40 1.45 33.74
CA LYS B 11 2.67 2.00 33.30
C LYS B 11 3.19 1.19 32.12
N ILE B 12 3.54 1.88 31.03
CA ILE B 12 4.20 1.25 29.87
C ILE B 12 5.55 1.88 29.65
N VAL B 13 6.58 1.04 29.47
CA VAL B 13 7.94 1.52 29.27
C VAL B 13 8.26 1.67 27.78
N PHE B 14 8.49 2.91 27.34
CA PHE B 14 8.92 3.16 25.97
C PHE B 14 10.42 2.99 25.93
N VAL B 15 10.86 1.83 25.46
CA VAL B 15 12.27 1.47 25.51
C VAL B 15 12.94 1.90 24.19
N THR B 16 13.75 2.96 24.29
CA THR B 16 14.45 3.53 23.12
C THR B 16 15.72 4.27 23.56
N GLY B 17 16.70 4.31 22.66
CA GLY B 17 17.92 5.10 22.86
C GLY B 17 17.86 6.47 22.21
N ASN B 18 16.83 6.71 21.41
CA ASN B 18 16.70 7.95 20.64
C ASN B 18 15.86 8.98 21.39
N ALA B 19 16.49 10.07 21.81
CA ALA B 19 15.84 11.06 22.67
C ALA B 19 14.94 12.03 21.89
N LYS B 20 15.36 12.39 20.68
CA LYS B 20 14.56 13.25 19.81
C LYS B 20 13.24 12.56 19.47
N LYS B 21 13.33 11.26 19.18
CA LYS B 21 12.15 10.42 18.92
C LYS B 21 11.22 10.35 20.12
N LEU B 22 11.80 10.20 21.31
CA LEU B 22 11.04 10.24 22.56
C LEU B 22 10.39 11.61 22.76
N GLU B 23 11.17 12.67 22.52
CA GLU B 23 10.67 14.03 22.66
C GLU B 23 9.43 14.28 21.79
N GLU B 24 9.40 13.69 20.59
CA GLU B 24 8.26 13.85 19.69
C GLU B 24 7.05 13.01 20.11
N VAL B 25 7.28 11.83 20.66
CA VAL B 25 6.19 10.98 21.16
C VAL B 25 5.47 11.67 22.33
N VAL B 26 6.25 12.26 23.24
CA VAL B 26 5.72 12.93 24.42
C VAL B 26 5.00 14.25 24.07
N GLN B 27 5.39 14.91 22.98
CA GLN B 27 4.68 16.13 22.52
C GLN B 27 3.47 15.81 21.64
N ILE B 28 3.48 14.66 20.96
CA ILE B 28 2.30 14.21 20.20
C ILE B 28 1.21 13.71 21.17
N LEU B 29 1.54 12.74 22.02
CA LEU B 29 0.64 12.33 23.08
C LEU B 29 0.65 13.40 24.16
N GLY B 30 -0.39 14.24 24.20
CA GLY B 30 -0.49 15.29 25.21
C GLY B 30 -0.83 14.70 26.58
N ASP B 31 -1.76 15.34 27.28
CA ASP B 31 -2.26 14.79 28.55
C ASP B 31 -3.39 13.81 28.25
N LYS B 32 -3.54 13.47 26.98
CA LYS B 32 -4.75 12.82 26.48
C LYS B 32 -4.64 11.30 26.45
N PHE B 33 -3.52 10.77 26.95
CA PHE B 33 -3.25 9.33 26.84
C PHE B 33 -3.59 8.61 28.14
N PRO B 34 -4.46 7.58 28.06
CA PRO B 34 -4.94 6.84 29.24
C PRO B 34 -3.92 5.88 29.87
N CYS B 35 -2.67 5.96 29.44
CA CYS B 35 -1.58 5.20 30.04
C CYS B 35 -0.40 6.15 30.26
N THR B 36 0.56 5.71 31.07
CA THR B 36 1.71 6.54 31.43
C THR B 36 2.98 6.01 30.76
N LEU B 37 3.70 6.90 30.07
CA LEU B 37 4.96 6.53 29.43
C LEU B 37 6.15 6.82 30.33
N VAL B 38 7.03 5.82 30.43
CA VAL B 38 8.30 5.92 31.14
C VAL B 38 9.39 5.51 30.16
N ALA B 39 10.24 6.45 29.76
CA ALA B 39 11.35 6.14 28.87
C ALA B 39 12.46 5.41 29.62
N GLN B 40 13.02 4.38 29.02
CA GLN B 40 14.19 3.69 29.54
C GLN B 40 15.17 3.49 28.40
N LYS B 41 16.37 4.07 28.47
CA LYS B 41 17.28 4.01 27.34
C LYS B 41 18.10 2.72 27.28
N ILE B 42 17.67 1.82 26.40
CA ILE B 42 18.48 0.70 25.96
C ILE B 42 18.54 0.78 24.44
N ASP B 43 19.75 0.63 23.89
CA ASP B 43 19.92 0.59 22.45
C ASP B 43 19.78 -0.86 21.98
N LEU B 44 18.62 -1.19 21.39
CA LEU B 44 18.32 -2.57 21.03
C LEU B 44 18.85 -2.96 19.63
N PRO B 45 19.29 -4.22 19.47
CA PRO B 45 19.62 -4.73 18.16
C PRO B 45 18.37 -4.99 17.32
N GLU B 46 18.49 -4.76 16.02
CA GLU B 46 17.39 -4.92 15.09
C GLU B 46 17.81 -5.93 14.02
N TYR B 47 16.96 -6.93 13.77
CA TYR B 47 17.21 -7.88 12.70
C TYR B 47 17.07 -7.21 11.33
N GLN B 48 17.68 -7.83 10.33
CA GLN B 48 17.41 -7.47 8.94
C GLN B 48 16.09 -8.12 8.53
N GLY B 49 15.37 -7.50 7.59
CA GLY B 49 14.13 -8.07 7.07
C GLY B 49 13.02 -7.07 6.83
N GLU B 50 11.78 -7.53 6.93
CA GLU B 50 10.61 -6.69 6.68
C GLU B 50 10.35 -5.82 7.93
N PRO B 51 9.73 -4.65 7.74
CA PRO B 51 9.51 -3.73 8.87
C PRO B 51 8.74 -4.33 10.04
N ASP B 52 7.69 -5.12 9.76
CA ASP B 52 6.86 -5.75 10.81
C ASP B 52 7.63 -6.76 11.65
N GLU B 53 8.26 -7.71 10.97
CA GLU B 53 9.00 -8.75 11.66
C GLU B 53 10.16 -8.18 12.47
N ILE B 54 10.78 -7.11 11.96
CA ILE B 54 11.82 -6.38 12.69
C ILE B 54 11.26 -5.76 13.97
N SER B 55 10.15 -5.04 13.84
CA SER B 55 9.45 -4.42 14.96
C SER B 55 9.05 -5.44 16.03
N ILE B 56 8.38 -6.51 15.58
CA ILE B 56 7.97 -7.60 16.48
C ILE B 56 9.17 -8.11 17.30
N GLN B 57 10.25 -8.46 16.61
CA GLN B 57 11.43 -9.05 17.26
C GLN B 57 12.10 -8.07 18.20
N LYS B 58 12.21 -6.81 17.79
CA LYS B 58 12.76 -5.76 18.64
C LYS B 58 11.98 -5.66 19.93
N CYS B 59 10.66 -5.73 19.84
CA CYS B 59 9.80 -5.68 21.01
C CYS B 59 10.09 -6.86 21.94
N GLN B 60 10.09 -8.06 21.37
CA GLN B 60 10.31 -9.27 22.15
C GLN B 60 11.64 -9.24 22.90
N GLU B 61 12.64 -8.59 22.30
CA GLU B 61 13.94 -8.34 22.94
C GLU B 61 13.81 -7.34 24.09
N ALA B 62 13.01 -6.29 23.88
CA ALA B 62 12.72 -5.32 24.94
C ALA B 62 11.98 -5.99 26.11
N VAL B 63 11.07 -6.91 25.77
CA VAL B 63 10.35 -7.70 26.77
C VAL B 63 11.30 -8.51 27.67
N ARG B 64 12.35 -9.07 27.08
CA ARG B 64 13.33 -9.86 27.83
C ARG B 64 14.11 -9.03 28.83
N GLN B 65 14.39 -7.77 28.48
CA GLN B 65 15.29 -6.92 29.27
C GLN B 65 14.59 -6.07 30.34
N VAL B 66 13.27 -5.93 30.24
CA VAL B 66 12.52 -4.98 31.08
C VAL B 66 11.47 -5.64 31.97
N GLN B 67 10.72 -6.61 31.43
CA GLN B 67 9.83 -7.50 32.20
C GLN B 67 8.42 -6.93 32.48
N GLY B 68 8.28 -5.61 32.51
CA GLY B 68 6.95 -4.97 32.57
C GLY B 68 6.32 -4.85 31.19
N PRO B 69 5.19 -4.11 31.09
CA PRO B 69 4.67 -3.67 29.79
C PRO B 69 5.68 -2.81 29.05
N VAL B 70 5.67 -2.90 27.72
CA VAL B 70 6.75 -2.36 26.90
C VAL B 70 6.26 -1.81 25.56
N LEU B 71 6.79 -0.64 25.17
CA LEU B 71 6.56 -0.05 23.86
C LEU B 71 7.89 0.20 23.16
N VAL B 72 7.96 -0.16 21.89
CA VAL B 72 9.14 0.13 21.07
C VAL B 72 8.64 0.69 19.74
N GLU B 73 9.58 1.20 18.94
CA GLU B 73 9.25 1.66 17.58
C GLU B 73 10.46 1.68 16.63
N ASP B 74 10.18 1.53 15.35
CA ASP B 74 11.18 1.64 14.28
C ASP B 74 10.67 2.51 13.14
N THR B 75 11.51 3.46 12.71
CA THR B 75 11.20 4.37 11.61
C THR B 75 11.96 3.96 10.36
N CYS B 76 11.32 4.11 9.21
CA CYS B 76 11.93 3.78 7.92
C CYS B 76 11.80 4.95 6.98
N LEU B 77 12.81 5.16 6.15
CA LEU B 77 12.75 6.11 5.06
C LEU B 77 13.00 5.29 3.82
N CYS B 78 12.02 5.25 2.92
CA CYS B 78 12.01 4.31 1.79
C CYS B 78 11.96 5.05 0.46
N PHE B 79 12.97 4.84 -0.40
CA PHE B 79 13.04 5.46 -1.72
C PHE B 79 12.46 4.50 -2.75
N ASN B 80 11.45 4.95 -3.50
CA ASN B 80 10.77 4.11 -4.48
C ASN B 80 11.68 3.71 -5.65
N ALA B 81 12.57 4.62 -6.04
CA ALA B 81 13.57 4.31 -7.07
C ALA B 81 14.39 3.08 -6.69
N LEU B 82 14.67 2.93 -5.40
CA LEU B 82 15.45 1.78 -4.89
C LEU B 82 14.59 0.64 -4.29
N GLY B 83 13.31 0.56 -4.65
CA GLY B 83 12.45 -0.52 -4.18
C GLY B 83 12.19 -0.54 -2.67
N GLY B 84 12.12 0.64 -2.08
CA GLY B 84 11.88 0.75 -0.64
C GLY B 84 13.14 0.74 0.19
N LEU B 85 14.29 0.90 -0.47
CA LEU B 85 15.55 1.06 0.23
C LEU B 85 15.91 2.55 0.30
N PRO B 86 16.71 2.97 1.31
CA PRO B 86 17.35 2.17 2.35
C PRO B 86 16.37 1.56 3.36
N GLY B 87 15.23 2.21 3.56
CA GLY B 87 14.13 1.62 4.32
C GLY B 87 14.46 1.42 5.78
N PRO B 88 14.45 0.16 6.25
CA PRO B 88 14.68 -0.13 7.67
C PRO B 88 16.15 -0.01 8.08
N TYR B 89 17.02 0.16 7.09
CA TYR B 89 18.45 0.35 7.32
C TYR B 89 18.83 1.81 7.17
N ILE B 90 17.82 2.69 7.19
CA ILE B 90 18.05 4.13 7.01
C ILE B 90 19.08 4.69 7.99
N LYS B 91 19.03 4.25 9.25
CA LYS B 91 19.98 4.71 10.26
C LYS B 91 21.40 4.80 9.68
N TRP B 92 21.86 3.70 9.12
CA TRP B 92 23.26 3.53 8.75
C TRP B 92 23.65 4.34 7.50
N PHE B 93 22.66 4.74 6.72
CA PHE B 93 22.91 5.55 5.54
C PHE B 93 22.96 7.03 5.91
N LEU B 94 22.03 7.44 6.77
CA LEU B 94 22.08 8.76 7.39
C LEU B 94 23.42 8.93 8.12
N GLU B 95 23.81 7.89 8.85
CA GLU B 95 25.03 7.89 9.66
C GLU B 95 26.30 8.10 8.86
N LYS B 96 26.33 7.58 7.63
CA LYS B 96 27.49 7.69 6.75
C LYS B 96 27.36 8.84 5.75
N LEU B 97 26.18 9.00 5.17
CA LEU B 97 25.96 9.93 4.05
C LEU B 97 25.45 11.31 4.44
N LYS B 98 24.77 11.43 5.58
CA LYS B 98 24.09 12.67 5.96
C LYS B 98 22.97 12.95 4.93
N PRO B 99 22.11 13.96 5.19
CA PRO B 99 21.01 14.24 4.26
C PRO B 99 21.46 14.62 2.85
N GLU B 100 22.45 15.50 2.76
CA GLU B 100 23.09 15.86 1.49
C GLU B 100 23.45 14.61 0.70
N GLY B 101 24.03 13.62 1.38
CA GLY B 101 24.41 12.37 0.75
C GLY B 101 23.20 11.51 0.36
N LEU B 102 22.17 11.50 1.21
CA LEU B 102 20.95 10.74 0.92
C LEU B 102 20.26 11.25 -0.34
N HIS B 103 20.41 12.54 -0.62
CA HIS B 103 19.96 13.11 -1.89
C HIS B 103 20.83 12.64 -3.04
N GLN B 104 22.14 12.83 -2.92
CA GLN B 104 23.10 12.39 -3.94
C GLN B 104 22.89 10.93 -4.32
N LEU B 105 22.40 10.12 -3.38
CA LEU B 105 22.17 8.70 -3.63
C LEU B 105 21.18 8.46 -4.78
N LEU B 106 20.22 9.38 -4.95
CA LEU B 106 19.26 9.29 -6.04
C LEU B 106 19.66 10.12 -7.28
N ALA B 107 20.90 10.61 -7.31
CA ALA B 107 21.36 11.51 -8.38
C ALA B 107 21.09 10.94 -9.77
N GLY B 108 21.44 9.67 -9.97
CA GLY B 108 21.27 9.01 -11.25
C GLY B 108 19.90 8.37 -11.45
N PHE B 109 18.95 8.70 -10.58
CA PHE B 109 17.60 8.20 -10.67
C PHE B 109 16.63 9.34 -10.86
N GLU B 110 15.69 9.15 -11.78
CA GLU B 110 14.71 10.18 -12.07
C GLU B 110 13.64 10.30 -10.99
N ASP B 111 13.26 9.18 -10.39
CA ASP B 111 12.20 9.15 -9.37
C ASP B 111 12.73 9.54 -7.99
N LYS B 112 12.23 10.66 -7.47
CA LYS B 112 12.64 11.17 -6.16
C LYS B 112 11.60 10.90 -5.10
N SER B 113 10.51 10.23 -5.47
CA SER B 113 9.41 9.94 -4.53
C SER B 113 9.84 8.98 -3.42
N ALA B 114 9.29 9.18 -2.23
CA ALA B 114 9.70 8.43 -1.05
C ALA B 114 8.60 8.42 0.00
N TYR B 115 8.70 7.52 0.96
CA TYR B 115 7.79 7.54 2.07
C TYR B 115 8.49 7.20 3.37
N ALA B 116 7.95 7.71 4.47
CA ALA B 116 8.46 7.40 5.79
C ALA B 116 7.40 6.59 6.51
N LEU B 117 7.83 5.44 7.02
CA LEU B 117 6.94 4.52 7.73
C LEU B 117 7.41 4.45 9.19
N CYS B 118 6.46 4.55 10.11
CA CYS B 118 6.75 4.50 11.54
C CYS B 118 5.91 3.42 12.15
N THR B 119 6.55 2.39 12.71
CA THR B 119 5.83 1.29 13.33
C THR B 119 6.07 1.28 14.83
N PHE B 120 5.00 1.29 15.61
CA PHE B 120 5.07 1.05 17.05
C PHE B 120 4.75 -0.41 17.34
N ALA B 121 5.41 -0.98 18.35
CA ALA B 121 5.16 -2.36 18.74
C ALA B 121 4.95 -2.43 20.25
N LEU B 122 3.79 -2.95 20.66
CA LEU B 122 3.39 -2.96 22.07
C LEU B 122 3.22 -4.39 22.61
N SER B 123 3.81 -4.65 23.77
CA SER B 123 3.64 -5.93 24.48
C SER B 123 3.21 -5.70 25.92
N THR B 124 2.49 -6.67 26.48
CA THR B 124 2.01 -6.58 27.86
C THR B 124 3.11 -6.88 28.87
N GLY B 125 4.10 -7.68 28.47
CA GLY B 125 5.14 -8.16 29.37
C GLY B 125 5.28 -9.67 29.29
N ASP B 126 4.14 -10.34 29.17
CA ASP B 126 4.10 -11.78 28.88
C ASP B 126 4.66 -12.02 27.49
N PRO B 127 5.76 -12.79 27.39
CA PRO B 127 6.38 -12.99 26.08
C PRO B 127 5.62 -13.96 25.17
N SER B 128 4.68 -14.73 25.72
CA SER B 128 4.00 -15.78 24.96
C SER B 128 2.81 -15.29 24.14
N GLN B 129 2.11 -14.27 24.62
CA GLN B 129 0.98 -13.69 23.86
C GLN B 129 1.50 -12.55 22.97
N PRO B 130 0.79 -12.27 21.86
CA PRO B 130 1.41 -11.55 20.74
C PRO B 130 1.64 -10.06 20.93
N VAL B 131 2.55 -9.54 20.12
CA VAL B 131 2.87 -8.12 20.06
C VAL B 131 1.90 -7.46 19.10
N ARG B 132 1.31 -6.34 19.52
CA ARG B 132 0.36 -5.59 18.70
C ARG B 132 1.10 -4.44 18.01
N LEU B 133 0.84 -4.25 16.71
CA LEU B 133 1.56 -3.26 15.90
C LEU B 133 0.69 -2.08 15.50
N PHE B 134 1.33 -0.94 15.25
CA PHE B 134 0.65 0.29 14.83
C PHE B 134 1.51 1.07 13.83
N ARG B 135 1.08 1.13 12.57
CA ARG B 135 1.81 1.87 11.54
C ARG B 135 1.19 3.26 11.29
N GLY B 136 2.01 4.13 10.71
CA GLY B 136 1.54 5.32 10.02
C GLY B 136 2.55 5.57 8.92
N ARG B 137 2.13 6.09 7.77
CA ARG B 137 3.10 6.47 6.72
C ARG B 137 2.79 7.78 6.00
N THR B 138 3.80 8.66 5.97
CA THR B 138 3.73 9.91 5.23
C THR B 138 4.44 9.73 3.89
N SER B 139 3.88 10.33 2.84
CA SER B 139 4.52 10.34 1.52
C SER B 139 5.16 11.69 1.22
N GLY B 140 6.27 11.66 0.48
CA GLY B 140 7.00 12.86 0.12
C GLY B 140 8.04 12.57 -0.94
N ARG B 141 9.00 13.47 -1.09
CA ARG B 141 10.15 13.25 -1.98
C ARG B 141 11.45 13.70 -1.35
N ILE B 142 12.54 13.14 -1.86
CA ILE B 142 13.87 13.46 -1.35
C ILE B 142 14.40 14.67 -2.11
N VAL B 143 14.80 15.69 -1.37
CA VAL B 143 15.25 16.96 -1.96
C VAL B 143 16.59 17.41 -1.39
N ALA B 144 17.24 18.32 -2.11
CA ALA B 144 18.49 18.91 -1.64
C ALA B 144 18.21 19.55 -0.29
N PRO B 145 19.05 19.27 0.73
CA PRO B 145 18.76 19.58 2.14
C PRO B 145 18.37 21.04 2.40
N ARG B 146 17.23 21.19 3.05
CA ARG B 146 16.69 22.49 3.41
C ARG B 146 16.29 22.48 4.87
N GLY B 147 16.78 23.44 5.63
CA GLY B 147 16.29 23.65 6.98
C GLY B 147 17.40 23.82 7.99
N CYS B 148 17.50 22.84 8.87
CA CYS B 148 18.41 22.92 9.98
C CYS B 148 18.62 21.52 10.51
N GLN B 149 19.87 21.14 10.68
CA GLN B 149 20.22 19.81 11.16
C GLN B 149 19.97 19.72 12.66
N ASP B 150 18.72 19.46 13.01
CA ASP B 150 18.34 19.20 14.39
C ASP B 150 18.12 17.70 14.55
N PHE B 151 17.31 17.13 13.66
CA PHE B 151 16.85 15.76 13.80
C PHE B 151 17.09 14.97 12.51
N GLY B 152 18.08 14.07 12.54
CA GLY B 152 18.27 13.04 11.50
C GLY B 152 18.07 13.50 10.07
N TRP B 153 17.23 12.79 9.33
CA TRP B 153 17.06 13.00 7.88
C TRP B 153 15.98 14.03 7.50
N ASP B 154 15.47 14.77 8.46
CA ASP B 154 14.40 15.75 8.20
C ASP B 154 14.67 16.76 7.09
N PRO B 155 15.89 17.31 7.01
CA PRO B 155 16.18 18.33 5.99
C PRO B 155 15.89 17.92 4.54
N CYS B 156 16.07 16.65 4.22
CA CYS B 156 15.90 16.18 2.85
C CYS B 156 14.53 15.54 2.54
N PHE B 157 13.61 15.50 3.50
CA PHE B 157 12.29 14.92 3.23
C PHE B 157 11.19 15.96 3.17
N GLN B 158 10.61 16.15 1.98
CA GLN B 158 9.50 17.08 1.79
C GLN B 158 8.22 16.28 1.61
N PRO B 159 7.32 16.31 2.62
CA PRO B 159 6.08 15.56 2.52
C PRO B 159 5.11 16.13 1.48
N ASP B 160 4.25 15.27 0.92
CA ASP B 160 3.33 15.69 -0.14
C ASP B 160 2.20 16.57 0.38
N GLY B 161 1.88 17.62 -0.37
CA GLY B 161 0.88 18.60 0.03
C GLY B 161 1.48 19.77 0.81
N TYR B 162 2.80 19.72 1.05
CA TYR B 162 3.53 20.78 1.75
C TYR B 162 4.73 21.23 0.92
N GLU B 163 5.00 22.52 0.90
CA GLU B 163 6.10 23.07 0.11
C GLU B 163 7.39 23.23 0.90
N GLN B 164 7.41 22.88 2.18
CA GLN B 164 8.65 22.90 2.97
C GLN B 164 8.93 21.58 3.67
N THR B 165 10.21 21.28 3.90
CA THR B 165 10.64 20.01 4.50
C THR B 165 10.39 19.93 5.99
N TYR B 166 10.33 18.69 6.49
CA TYR B 166 10.26 18.42 7.92
C TYR B 166 11.15 19.34 8.75
N ALA B 167 12.38 19.59 8.30
CA ALA B 167 13.30 20.45 9.06
C ALA B 167 12.92 21.93 9.03
N GLU B 168 12.41 22.41 7.90
CA GLU B 168 11.97 23.81 7.76
C GLU B 168 10.74 24.08 8.64
N MET B 169 9.80 23.13 8.66
CA MET B 169 8.59 23.23 9.48
C MET B 169 8.93 23.46 10.96
N PRO B 170 8.21 24.38 11.62
CA PRO B 170 8.21 24.35 13.09
C PRO B 170 7.81 22.97 13.63
N LYS B 171 8.46 22.54 14.70
CA LYS B 171 8.27 21.19 15.27
C LYS B 171 6.79 20.91 15.60
N ALA B 172 6.02 21.95 15.88
CA ALA B 172 4.58 21.82 16.05
C ALA B 172 3.87 21.39 14.74
N GLU B 173 4.28 21.96 13.60
CA GLU B 173 3.70 21.57 12.29
C GLU B 173 4.14 20.16 11.88
N LYS B 174 5.38 19.80 12.17
CA LYS B 174 5.86 18.45 11.88
C LYS B 174 5.04 17.40 12.64
N ASN B 175 4.76 17.67 13.92
CA ASN B 175 3.97 16.75 14.75
C ASN B 175 2.48 16.67 14.35
N ALA B 176 2.03 17.58 13.50
CA ALA B 176 0.65 17.56 13.00
C ALA B 176 0.49 16.70 11.74
N VAL B 177 1.60 16.39 11.08
CA VAL B 177 1.58 15.77 9.76
C VAL B 177 2.57 14.63 9.54
N SER B 178 3.39 14.33 10.55
CA SER B 178 4.51 13.39 10.38
C SER B 178 4.07 11.94 10.28
N HIS B 179 4.95 11.10 9.75
CA HIS B 179 4.81 9.65 9.85
C HIS B 179 4.55 9.18 11.29
N ARG B 180 5.24 9.78 12.26
CA ARG B 180 5.08 9.42 13.67
C ARG B 180 3.73 9.84 14.25
N PHE B 181 3.16 10.91 13.71
CA PHE B 181 1.84 11.36 14.12
C PHE B 181 0.80 10.37 13.59
N ARG B 182 0.96 9.95 12.34
CA ARG B 182 0.02 9.02 11.72
C ARG B 182 -0.03 7.70 12.48
N ALA B 183 1.10 7.31 13.06
CA ALA B 183 1.24 6.03 13.76
C ALA B 183 0.70 6.10 15.18
N LEU B 184 0.90 7.24 15.83
CA LEU B 184 0.39 7.46 17.19
C LEU B 184 -1.13 7.65 17.18
N LEU B 185 -1.67 8.01 16.02
CA LEU B 185 -3.12 8.07 15.81
C LEU B 185 -3.74 6.67 15.90
N GLU B 186 -3.05 5.68 15.30
CA GLU B 186 -3.47 4.28 15.39
C GLU B 186 -3.38 3.77 16.83
N LEU B 187 -2.38 4.25 17.57
CA LEU B 187 -2.23 3.89 18.98
C LEU B 187 -3.33 4.50 19.86
N GLN B 188 -3.68 5.74 19.60
CA GLN B 188 -4.80 6.39 20.29
C GLN B 188 -6.16 5.92 19.79
N GLU B 189 -6.24 5.45 18.54
CA GLU B 189 -7.45 4.81 18.04
C GLU B 189 -7.73 3.54 18.87
N TYR B 190 -6.68 2.77 19.11
CA TYR B 190 -6.77 1.50 19.83
C TYR B 190 -7.33 1.68 21.24
N PHE B 191 -6.62 2.44 22.07
CA PHE B 191 -7.18 2.97 23.32
C PHE B 191 -8.21 3.99 22.90
N GLY B 192 -9.23 4.22 23.72
CA GLY B 192 -10.30 5.11 23.31
C GLY B 192 -11.20 4.46 22.28
N SER B 193 -11.33 3.13 22.37
CA SER B 193 -12.48 2.43 21.81
C SER B 193 -13.39 2.05 22.97
N LEU B 194 -13.00 2.41 24.20
CA LEU B 194 -13.43 1.72 25.42
C LEU B 194 -14.65 2.32 26.16
N ALA B 195 -14.42 3.28 27.05
CA ALA B 195 -15.47 3.80 27.91
C ALA B 195 -16.43 4.67 27.11
N SER C 2 0.85 36.61 -14.84
CA SER C 2 0.31 37.97 -15.12
C SER C 2 -0.91 38.23 -14.24
N MET C 3 -0.83 39.31 -13.44
CA MET C 3 -1.62 39.52 -12.20
C MET C 3 -0.71 39.15 -11.01
N ALA C 4 -0.04 38.01 -11.12
CA ALA C 4 1.02 37.65 -10.18
C ALA C 4 2.23 38.50 -10.47
N ALA C 5 2.58 38.61 -11.75
CA ALA C 5 3.71 39.46 -12.19
C ALA C 5 3.50 40.92 -11.81
N SER C 6 2.25 41.38 -11.90
CA SER C 6 1.90 42.75 -11.54
C SER C 6 2.03 43.00 -10.04
N LEU C 7 1.40 42.13 -9.25
CA LEU C 7 1.30 42.34 -7.80
C LEU C 7 2.51 41.90 -6.97
N VAL C 8 3.39 41.09 -7.55
CA VAL C 8 4.53 40.55 -6.81
C VAL C 8 5.39 41.64 -6.15
N GLY C 9 5.62 41.48 -4.84
CA GLY C 9 6.45 42.41 -4.08
C GLY C 9 5.76 43.71 -3.69
N LYS C 10 4.45 43.78 -3.89
CA LYS C 10 3.69 45.01 -3.64
C LYS C 10 2.83 44.94 -2.36
N LYS C 11 2.19 46.05 -2.04
CA LYS C 11 1.31 46.17 -0.89
C LYS C 11 -0.10 45.74 -1.26
N ILE C 12 -0.53 44.57 -0.78
CA ILE C 12 -1.92 44.12 -0.92
C ILE C 12 -2.67 44.31 0.40
N VAL C 13 -3.90 44.82 0.32
CA VAL C 13 -4.68 45.17 1.51
C VAL C 13 -5.74 44.10 1.79
N PHE C 14 -5.51 43.32 2.85
CA PHE C 14 -6.45 42.27 3.24
C PHE C 14 -7.58 42.92 4.03
N VAL C 15 -8.72 43.11 3.38
CA VAL C 15 -9.87 43.74 4.04
C VAL C 15 -10.77 42.69 4.70
N THR C 16 -10.77 42.69 6.03
CA THR C 16 -11.53 41.75 6.83
C THR C 16 -11.85 42.36 8.20
N GLY C 17 -12.99 41.96 8.76
CA GLY C 17 -13.40 42.37 10.10
C GLY C 17 -13.09 41.34 11.17
N ASN C 18 -12.82 40.11 10.74
CA ASN C 18 -12.62 39.00 11.66
C ASN C 18 -11.17 38.96 12.16
N ALA C 19 -10.99 39.23 13.46
CA ALA C 19 -9.66 39.28 14.07
C ALA C 19 -8.99 37.91 14.14
N LYS C 20 -9.78 36.90 14.44
CA LYS C 20 -9.26 35.55 14.66
C LYS C 20 -8.84 34.87 13.36
N LYS C 21 -9.46 35.24 12.24
CA LYS C 21 -9.08 34.66 10.94
C LYS C 21 -7.86 35.37 10.36
N LEU C 22 -7.62 36.61 10.79
CA LEU C 22 -6.42 37.36 10.40
C LEU C 22 -5.18 36.79 11.08
N GLU C 23 -5.33 36.30 12.30
CA GLU C 23 -4.24 35.61 12.98
C GLU C 23 -3.78 34.43 12.15
N GLU C 24 -4.74 33.58 11.78
CA GLU C 24 -4.46 32.35 11.06
C GLU C 24 -3.84 32.59 9.70
N VAL C 25 -4.28 33.64 9.01
CA VAL C 25 -3.66 34.01 7.73
C VAL C 25 -2.19 34.37 7.94
N VAL C 26 -1.92 35.21 8.94
CA VAL C 26 -0.57 35.69 9.22
C VAL C 26 0.41 34.60 9.66
N GLN C 27 -0.02 33.72 10.57
CA GLN C 27 0.88 32.69 11.12
C GLN C 27 1.03 31.46 10.20
N ILE C 28 0.12 31.31 9.24
CA ILE C 28 0.25 30.26 8.22
C ILE C 28 1.16 30.71 7.07
N LEU C 29 1.05 31.97 6.64
CA LEU C 29 1.88 32.50 5.53
C LEU C 29 3.35 32.62 5.93
N GLY C 30 3.60 33.24 7.09
CA GLY C 30 4.91 33.19 7.76
C GLY C 30 6.07 33.81 7.02
N ASP C 31 5.87 35.01 6.50
CA ASP C 31 6.95 35.83 5.89
C ASP C 31 7.69 35.22 4.70
N LYS C 32 7.28 34.01 4.30
CA LYS C 32 7.79 33.39 3.07
C LYS C 32 6.81 33.65 1.93
N PHE C 33 6.13 34.79 2.01
CA PHE C 33 5.19 35.21 0.98
C PHE C 33 5.83 36.40 0.29
N PRO C 34 5.88 36.40 -1.06
CA PRO C 34 6.57 37.45 -1.80
C PRO C 34 5.91 38.83 -1.77
N CYS C 35 4.70 38.93 -1.22
CA CYS C 35 4.01 40.22 -1.11
C CYS C 35 3.85 40.65 0.35
N THR C 36 3.35 41.85 0.55
CA THR C 36 3.12 42.39 1.90
C THR C 36 1.62 42.52 2.15
N LEU C 37 1.13 41.75 3.12
CA LEU C 37 -0.27 41.85 3.53
C LEU C 37 -0.40 42.92 4.60
N VAL C 38 -1.30 43.88 4.35
CA VAL C 38 -1.67 44.93 5.29
C VAL C 38 -3.17 44.84 5.52
N ALA C 39 -3.60 44.77 6.77
CA ALA C 39 -5.02 44.60 7.08
C ALA C 39 -5.72 45.95 7.23
N GLN C 40 -6.93 46.04 6.67
CA GLN C 40 -7.80 47.20 6.91
C GLN C 40 -9.14 46.68 7.40
N LYS C 41 -9.60 47.20 8.53
CA LYS C 41 -10.76 46.61 9.21
C LYS C 41 -12.06 47.25 8.75
N ILE C 42 -12.55 46.80 7.60
CA ILE C 42 -13.89 47.09 7.11
C ILE C 42 -14.76 45.85 7.28
N ASP C 43 -16.03 46.06 7.61
CA ASP C 43 -17.02 44.99 7.68
C ASP C 43 -17.81 44.99 6.38
N LEU C 44 -17.38 44.17 5.41
CA LEU C 44 -17.96 44.22 4.07
C LEU C 44 -19.31 43.52 3.98
N PRO C 45 -20.25 44.08 3.18
CA PRO C 45 -21.51 43.41 2.90
C PRO C 45 -21.32 42.28 1.91
N GLU C 46 -22.20 41.29 1.95
CA GLU C 46 -22.06 40.09 1.14
C GLU C 46 -23.39 39.71 0.55
N TYR C 47 -23.40 39.31 -0.71
CA TYR C 47 -24.63 38.86 -1.36
C TYR C 47 -25.03 37.49 -0.88
N GLN C 48 -26.26 37.10 -1.21
CA GLN C 48 -26.73 35.72 -1.09
C GLN C 48 -26.45 35.03 -2.43
N GLY C 49 -26.19 33.73 -2.38
CA GLY C 49 -26.06 32.94 -3.61
C GLY C 49 -25.03 31.85 -3.46
N GLU C 50 -24.17 31.74 -4.49
CA GLU C 50 -23.14 30.71 -4.54
C GLU C 50 -21.84 31.26 -3.93
N PRO C 51 -21.00 30.38 -3.34
CA PRO C 51 -19.71 30.78 -2.77
C PRO C 51 -18.84 31.63 -3.71
N ASP C 52 -18.70 31.17 -4.95
CA ASP C 52 -17.84 31.84 -5.92
C ASP C 52 -18.29 33.27 -6.17
N GLU C 53 -19.52 33.43 -6.64
CA GLU C 53 -20.10 34.76 -6.90
C GLU C 53 -20.14 35.65 -5.65
N ILE C 54 -20.30 35.07 -4.47
CA ILE C 54 -20.31 35.87 -3.23
C ILE C 54 -18.92 36.46 -3.00
N SER C 55 -17.89 35.64 -3.17
CA SER C 55 -16.51 36.10 -3.00
C SER C 55 -16.07 37.05 -4.11
N ILE C 56 -16.57 36.85 -5.33
CA ILE C 56 -16.29 37.76 -6.44
C ILE C 56 -16.85 39.16 -6.15
N GLN C 57 -18.14 39.21 -5.81
CA GLN C 57 -18.83 40.49 -5.57
C GLN C 57 -18.25 41.21 -4.35
N LYS C 58 -17.75 40.43 -3.38
CA LYS C 58 -17.17 40.97 -2.16
C LYS C 58 -15.82 41.61 -2.45
N CYS C 59 -15.06 41.02 -3.37
CA CYS C 59 -13.80 41.59 -3.81
C CYS C 59 -14.06 42.89 -4.57
N GLN C 60 -15.08 42.89 -5.43
CA GLN C 60 -15.46 44.09 -6.19
C GLN C 60 -15.95 45.23 -5.30
N GLU C 61 -16.63 44.90 -4.21
CA GLU C 61 -17.02 45.91 -3.22
C GLU C 61 -15.78 46.45 -2.48
N ALA C 62 -14.83 45.56 -2.19
CA ALA C 62 -13.58 45.96 -1.52
C ALA C 62 -12.72 46.86 -2.40
N VAL C 63 -12.80 46.64 -3.71
CA VAL C 63 -12.12 47.49 -4.69
C VAL C 63 -12.72 48.89 -4.73
N ARG C 64 -14.04 48.98 -4.55
CA ARG C 64 -14.73 50.28 -4.54
C ARG C 64 -14.34 51.12 -3.32
N GLN C 65 -14.18 50.49 -2.16
CA GLN C 65 -13.96 51.22 -0.90
C GLN C 65 -12.49 51.42 -0.52
N VAL C 66 -11.57 50.69 -1.14
CA VAL C 66 -10.14 50.80 -0.81
C VAL C 66 -9.31 51.30 -2.02
N GLN C 67 -9.58 50.74 -3.20
CA GLN C 67 -9.07 51.28 -4.47
C GLN C 67 -7.68 50.77 -4.92
N GLY C 68 -6.83 50.39 -3.96
CA GLY C 68 -5.53 49.77 -4.28
C GLY C 68 -5.65 48.30 -4.62
N PRO C 69 -4.54 47.55 -4.49
CA PRO C 69 -4.58 46.09 -4.50
C PRO C 69 -5.22 45.58 -3.22
N VAL C 70 -6.00 44.50 -3.33
CA VAL C 70 -6.88 44.09 -2.24
C VAL C 70 -7.24 42.60 -2.25
N LEU C 71 -7.40 42.04 -1.04
CA LEU C 71 -7.73 40.64 -0.82
C LEU C 71 -8.85 40.53 0.19
N VAL C 72 -9.71 39.53 0.03
CA VAL C 72 -10.78 39.24 1.00
C VAL C 72 -10.85 37.73 1.21
N GLU C 73 -11.76 37.28 2.05
CA GLU C 73 -12.10 35.87 2.11
C GLU C 73 -13.50 35.65 2.67
N ASP C 74 -14.17 34.62 2.16
CA ASP C 74 -15.40 34.12 2.76
C ASP C 74 -15.25 32.66 3.11
N THR C 75 -15.78 32.29 4.27
CA THR C 75 -15.72 30.90 4.72
C THR C 75 -17.11 30.30 4.86
N CYS C 76 -17.31 29.16 4.19
CA CYS C 76 -18.52 28.38 4.32
C CYS C 76 -18.31 27.16 5.20
N LEU C 77 -19.35 26.81 5.96
CA LEU C 77 -19.42 25.52 6.64
C LEU C 77 -20.69 24.89 6.12
N CYS C 78 -20.56 23.72 5.51
CA CYS C 78 -21.64 23.15 4.71
C CYS C 78 -22.03 21.78 5.25
N PHE C 79 -23.29 21.64 5.66
CA PHE C 79 -23.79 20.35 6.15
C PHE C 79 -24.46 19.59 4.99
N ASN C 80 -23.89 18.47 4.60
CA ASN C 80 -24.41 17.70 3.46
C ASN C 80 -25.88 17.29 3.63
N ALA C 81 -26.31 17.09 4.88
CA ALA C 81 -27.69 16.73 5.17
C ALA C 81 -28.63 17.88 4.89
N LEU C 82 -28.10 19.11 4.86
CA LEU C 82 -28.93 20.30 4.55
C LEU C 82 -28.66 20.86 3.16
N GLY C 83 -28.16 20.03 2.25
CA GLY C 83 -27.85 20.47 0.89
C GLY C 83 -26.70 21.46 0.79
N GLY C 84 -25.81 21.44 1.78
CA GLY C 84 -24.66 22.33 1.78
C GLY C 84 -24.87 23.55 2.65
N LEU C 85 -26.03 23.62 3.28
CA LEU C 85 -26.38 24.75 4.14
C LEU C 85 -25.89 24.48 5.57
N PRO C 86 -25.72 25.55 6.38
CA PRO C 86 -25.95 26.96 6.09
C PRO C 86 -24.94 27.58 5.12
N GLY C 87 -23.77 26.95 4.97
CA GLY C 87 -22.80 27.36 3.97
C GLY C 87 -22.43 28.83 4.10
N PRO C 88 -22.75 29.64 3.07
CA PRO C 88 -22.34 31.04 3.06
C PRO C 88 -23.10 31.89 4.07
N TYR C 89 -24.05 31.29 4.78
CA TYR C 89 -24.82 31.99 5.80
C TYR C 89 -24.47 31.47 7.19
N ILE C 90 -23.40 30.68 7.27
CA ILE C 90 -22.93 30.11 8.53
C ILE C 90 -22.77 31.13 9.65
N LYS C 91 -22.30 32.33 9.31
CA LYS C 91 -22.08 33.39 10.30
C LYS C 91 -23.31 33.65 11.17
N TRP C 92 -24.47 33.77 10.54
CA TRP C 92 -25.70 34.15 11.23
C TRP C 92 -26.24 32.99 12.05
N PHE C 93 -26.10 31.78 11.52
CA PHE C 93 -26.46 30.58 12.25
C PHE C 93 -25.57 30.38 13.49
N LEU C 94 -24.26 30.54 13.33
CA LEU C 94 -23.34 30.51 14.47
C LEU C 94 -23.68 31.60 15.49
N GLU C 95 -24.14 32.75 15.01
CA GLU C 95 -24.49 33.89 15.87
C GLU C 95 -25.66 33.54 16.77
N LYS C 96 -26.73 33.01 16.18
CA LYS C 96 -27.96 32.71 16.92
C LYS C 96 -27.87 31.40 17.71
N LEU C 97 -27.22 30.39 17.15
CA LEU C 97 -27.28 29.02 17.69
C LEU C 97 -26.09 28.59 18.57
N LYS C 98 -24.95 29.26 18.44
CA LYS C 98 -23.71 28.83 19.13
C LYS C 98 -23.31 27.46 18.58
N PRO C 99 -22.16 26.91 19.02
CA PRO C 99 -21.80 25.56 18.58
C PRO C 99 -22.85 24.48 18.95
N GLU C 100 -23.30 24.48 20.21
CA GLU C 100 -24.36 23.56 20.67
C GLU C 100 -25.54 23.50 19.69
N GLY C 101 -26.03 24.67 19.31
CA GLY C 101 -27.18 24.78 18.43
C GLY C 101 -26.91 24.37 17.00
N LEU C 102 -25.69 24.63 16.53
CA LEU C 102 -25.32 24.17 15.19
C LEU C 102 -25.36 22.64 15.11
N HIS C 103 -24.91 21.97 16.16
CA HIS C 103 -25.00 20.52 16.25
C HIS C 103 -26.47 20.06 16.44
N GLN C 104 -27.22 20.74 17.31
CA GLN C 104 -28.65 20.42 17.52
C GLN C 104 -29.47 20.58 16.25
N LEU C 105 -29.02 21.46 15.34
CA LEU C 105 -29.74 21.70 14.08
C LEU C 105 -29.81 20.45 13.21
N LEU C 106 -28.87 19.53 13.43
CA LEU C 106 -28.81 18.27 12.70
C LEU C 106 -29.41 17.11 13.49
N ALA C 107 -29.99 17.40 14.65
CA ALA C 107 -30.55 16.35 15.52
C ALA C 107 -31.44 15.37 14.76
N GLY C 108 -32.29 15.89 13.87
CA GLY C 108 -33.26 15.04 13.17
C GLY C 108 -32.77 14.38 11.89
N PHE C 109 -31.48 14.52 11.60
CA PHE C 109 -30.90 13.97 10.39
C PHE C 109 -29.89 12.86 10.71
N GLU C 110 -29.79 11.89 9.82
CA GLU C 110 -28.88 10.77 10.03
C GLU C 110 -27.44 11.13 9.64
N ASP C 111 -27.31 11.97 8.62
CA ASP C 111 -26.02 12.44 8.11
C ASP C 111 -25.48 13.61 8.92
N LYS C 112 -24.32 13.43 9.55
CA LYS C 112 -23.67 14.48 10.30
C LYS C 112 -22.42 14.98 9.59
N SER C 113 -22.20 14.50 8.36
CA SER C 113 -21.02 14.89 7.59
C SER C 113 -21.19 16.31 7.03
N ALA C 114 -20.08 17.03 6.92
CA ALA C 114 -20.08 18.40 6.41
C ALA C 114 -18.74 18.73 5.82
N TYR C 115 -18.60 19.91 5.25
CA TYR C 115 -17.29 20.38 4.79
C TYR C 115 -17.11 21.87 5.01
N ALA C 116 -15.87 22.28 5.28
CA ALA C 116 -15.52 23.68 5.41
C ALA C 116 -14.86 24.13 4.10
N LEU C 117 -15.44 25.15 3.47
CA LEU C 117 -14.89 25.72 2.23
C LEU C 117 -14.32 27.11 2.54
N CYS C 118 -13.17 27.42 1.95
CA CYS C 118 -12.51 28.71 2.13
C CYS C 118 -12.14 29.30 0.78
N THR C 119 -12.67 30.49 0.48
CA THR C 119 -12.40 31.16 -0.80
C THR C 119 -11.82 32.56 -0.59
N PHE C 120 -10.58 32.75 -1.05
CA PHE C 120 -9.93 34.06 -1.08
C PHE C 120 -10.14 34.67 -2.45
N ALA C 121 -10.52 35.94 -2.50
CA ALA C 121 -10.65 36.66 -3.77
C ALA C 121 -9.63 37.79 -3.85
N LEU C 122 -8.85 37.82 -4.93
CA LEU C 122 -7.79 38.80 -5.15
C LEU C 122 -8.12 39.73 -6.32
N SER C 123 -7.81 41.02 -6.15
CA SER C 123 -7.94 42.02 -7.24
C SER C 123 -6.80 43.04 -7.22
N THR C 124 -6.59 43.72 -8.35
CA THR C 124 -5.36 44.51 -8.55
C THR C 124 -5.38 45.92 -7.91
N GLY C 125 -6.31 46.81 -8.27
CA GLY C 125 -6.99 46.69 -9.54
C GLY C 125 -8.06 47.68 -9.94
N ASP C 126 -8.40 47.55 -11.21
CA ASP C 126 -9.48 48.27 -11.82
C ASP C 126 -10.61 47.27 -12.01
N PRO C 127 -11.86 47.70 -11.82
CA PRO C 127 -13.01 46.77 -11.96
C PRO C 127 -13.21 46.16 -13.35
N SER C 128 -12.43 46.59 -14.35
CA SER C 128 -12.43 45.99 -15.69
C SER C 128 -11.44 44.84 -15.78
N GLN C 129 -11.33 44.06 -14.70
CA GLN C 129 -10.34 43.00 -14.60
C GLN C 129 -10.93 41.84 -13.78
N PRO C 130 -10.88 40.60 -14.31
CA PRO C 130 -11.46 39.49 -13.56
C PRO C 130 -10.84 39.33 -12.17
N VAL C 131 -11.61 38.78 -11.24
CA VAL C 131 -11.13 38.47 -9.90
C VAL C 131 -10.58 37.04 -9.87
N ARG C 132 -9.41 36.84 -9.27
CA ARG C 132 -8.83 35.50 -9.17
C ARG C 132 -9.22 34.92 -7.81
N LEU C 133 -9.77 33.70 -7.83
CA LEU C 133 -10.16 33.01 -6.60
C LEU C 133 -9.20 31.88 -6.22
N PHE C 134 -9.16 31.56 -4.93
CA PHE C 134 -8.31 30.51 -4.40
C PHE C 134 -9.07 29.73 -3.35
N ARG C 135 -9.44 28.49 -3.69
CA ARG C 135 -10.27 27.68 -2.81
C ARG C 135 -9.43 26.71 -2.00
N GLY C 136 -10.07 26.15 -0.99
CA GLY C 136 -9.51 25.08 -0.20
C GLY C 136 -10.59 24.53 0.72
N ARG C 137 -10.91 23.24 0.58
CA ARG C 137 -11.94 22.64 1.41
C ARG C 137 -11.45 21.46 2.20
N THR C 138 -12.17 21.19 3.28
CA THR C 138 -11.85 20.17 4.24
C THR C 138 -13.14 19.43 4.60
N SER C 139 -13.12 18.10 4.52
CA SER C 139 -14.29 17.30 4.89
C SER C 139 -14.19 16.87 6.34
N GLY C 140 -15.33 16.88 7.03
CA GLY C 140 -15.41 16.41 8.41
C GLY C 140 -16.82 16.00 8.77
N ARG C 141 -17.12 15.99 10.07
CA ARG C 141 -18.50 15.79 10.53
C ARG C 141 -18.83 16.73 11.71
N ILE C 142 -20.11 16.98 11.93
CA ILE C 142 -20.55 17.90 12.97
C ILE C 142 -20.83 17.09 14.23
N VAL C 143 -20.13 17.43 15.32
CA VAL C 143 -20.26 16.69 16.57
C VAL C 143 -20.69 17.62 17.68
N ALA C 144 -21.00 17.04 18.83
CA ALA C 144 -21.31 17.83 20.02
C ALA C 144 -20.06 18.60 20.37
N PRO C 145 -20.19 19.91 20.60
CA PRO C 145 -19.03 20.78 20.76
C PRO C 145 -17.98 20.23 21.72
N ARG C 146 -16.73 20.26 21.29
CA ARG C 146 -15.60 19.81 22.08
C ARG C 146 -14.42 20.76 21.87
N GLY C 147 -13.94 21.35 22.96
CA GLY C 147 -12.76 22.22 22.93
C GLY C 147 -13.09 23.60 23.48
N CYS C 148 -12.19 24.54 23.25
CA CYS C 148 -12.40 25.92 23.66
C CYS C 148 -13.25 26.67 22.64
N GLN C 149 -13.94 27.70 23.12
CA GLN C 149 -14.74 28.59 22.28
C GLN C 149 -13.92 29.80 21.87
N ASP C 150 -12.78 29.54 21.24
CA ASP C 150 -11.87 30.59 20.79
C ASP C 150 -12.34 31.19 19.47
N PHE C 151 -12.75 30.32 18.55
CA PHE C 151 -13.08 30.70 17.18
C PHE C 151 -14.34 30.00 16.69
N GLY C 152 -15.43 30.74 16.60
CA GLY C 152 -16.63 30.31 15.89
C GLY C 152 -16.98 28.85 16.01
N TRP C 153 -17.11 28.18 14.86
CA TRP C 153 -17.67 26.81 14.82
C TRP C 153 -16.64 25.69 15.01
N ASP C 154 -15.44 26.02 15.46
CA ASP C 154 -14.38 25.03 15.59
C ASP C 154 -14.78 23.82 16.42
N PRO C 155 -15.36 24.04 17.62
CA PRO C 155 -15.63 22.93 18.53
C PRO C 155 -16.57 21.85 17.99
N CYS C 156 -17.46 22.21 17.06
CA CYS C 156 -18.43 21.24 16.55
C CYS C 156 -18.03 20.60 15.20
N PHE C 157 -16.81 20.86 14.74
CA PHE C 157 -16.32 20.30 13.48
C PHE C 157 -15.12 19.35 13.68
N GLN C 158 -15.36 18.04 13.55
CA GLN C 158 -14.30 17.03 13.57
C GLN C 158 -13.92 16.64 12.14
N PRO C 159 -12.70 17.03 11.71
CA PRO C 159 -12.30 16.80 10.33
C PRO C 159 -11.95 15.33 10.07
N ASP C 160 -12.08 14.89 8.82
CA ASP C 160 -11.81 13.49 8.47
C ASP C 160 -10.35 13.15 8.63
N GLY C 161 -10.06 12.01 9.23
CA GLY C 161 -8.70 11.55 9.46
C GLY C 161 -8.21 11.83 10.87
N TYR C 162 -9.01 12.54 11.67
CA TYR C 162 -8.64 12.90 13.03
C TYR C 162 -9.78 12.59 14.01
N GLU C 163 -9.44 12.47 15.28
CA GLU C 163 -10.43 12.25 16.35
C GLU C 163 -10.69 13.52 17.16
N GLN C 164 -9.81 14.52 17.03
CA GLN C 164 -10.04 15.83 17.62
C GLN C 164 -10.76 16.76 16.64
N THR C 165 -11.68 17.58 17.12
CA THR C 165 -12.23 18.69 16.33
C THR C 165 -11.21 19.80 16.22
N TYR C 166 -11.48 20.79 15.39
CA TYR C 166 -10.58 21.92 15.22
C TYR C 166 -10.27 22.63 16.54
N ALA C 167 -11.26 22.74 17.42
CA ALA C 167 -11.06 23.47 18.69
C ALA C 167 -10.09 22.74 19.63
N GLU C 168 -10.16 21.41 19.65
CA GLU C 168 -9.30 20.58 20.52
C GLU C 168 -7.86 20.54 20.03
N MET C 169 -7.69 20.47 18.71
CA MET C 169 -6.36 20.53 18.10
C MET C 169 -5.63 21.79 18.55
N PRO C 170 -4.31 21.70 18.67
CA PRO C 170 -3.54 22.93 18.86
C PRO C 170 -3.57 23.77 17.57
N LYS C 171 -3.10 25.01 17.63
CA LYS C 171 -3.23 25.93 16.50
C LYS C 171 -2.29 25.55 15.34
N ALA C 172 -1.12 25.01 15.68
CA ALA C 172 -0.16 24.56 14.68
C ALA C 172 -0.75 23.43 13.81
N GLU C 173 -1.46 22.51 14.46
CA GLU C 173 -2.04 21.35 13.78
C GLU C 173 -3.20 21.73 12.88
N LYS C 174 -4.04 22.65 13.36
CA LYS C 174 -5.18 23.14 12.59
C LYS C 174 -4.66 23.82 11.33
N ASN C 175 -3.74 24.76 11.54
CA ASN C 175 -3.15 25.54 10.45
C ASN C 175 -2.29 24.70 9.48
N ALA C 176 -2.17 23.39 9.73
CA ALA C 176 -1.51 22.47 8.80
C ALA C 176 -2.49 21.60 7.99
N VAL C 177 -3.74 21.49 8.47
CA VAL C 177 -4.73 20.56 7.91
C VAL C 177 -6.05 21.23 7.47
N SER C 178 -6.24 22.51 7.83
CA SER C 178 -7.53 23.17 7.69
C SER C 178 -7.85 23.65 6.30
N HIS C 179 -9.12 23.96 6.12
CA HIS C 179 -9.63 24.62 4.92
C HIS C 179 -8.84 25.87 4.53
N ARG C 180 -8.46 26.67 5.51
CA ARG C 180 -7.80 27.94 5.24
C ARG C 180 -6.36 27.75 4.77
N PHE C 181 -5.66 26.80 5.39
CA PHE C 181 -4.33 26.38 4.94
C PHE C 181 -4.34 25.97 3.47
N ARG C 182 -5.39 25.26 3.08
CA ARG C 182 -5.52 24.74 1.72
C ARG C 182 -5.70 25.89 0.74
N ALA C 183 -6.59 26.80 1.09
CA ALA C 183 -6.83 27.98 0.27
C ALA C 183 -5.55 28.78 0.12
N LEU C 184 -4.82 28.94 1.22
CA LEU C 184 -3.58 29.72 1.20
C LEU C 184 -2.48 29.03 0.42
N LEU C 185 -2.47 27.69 0.42
CA LEU C 185 -1.51 26.92 -0.37
C LEU C 185 -1.64 27.21 -1.88
N GLU C 186 -2.88 27.38 -2.36
CA GLU C 186 -3.14 27.80 -3.75
C GLU C 186 -2.57 29.20 -4.04
N LEU C 187 -2.73 30.11 -3.08
CA LEU C 187 -2.21 31.47 -3.21
C LEU C 187 -0.68 31.45 -3.22
N GLN C 188 -0.09 30.68 -2.32
CA GLN C 188 1.37 30.53 -2.23
C GLN C 188 1.97 29.79 -3.42
N GLU C 189 1.12 29.04 -4.13
CA GLU C 189 1.52 28.31 -5.34
C GLU C 189 1.35 29.19 -6.58
N TYR C 190 0.33 30.07 -6.56
CA TYR C 190 0.10 31.01 -7.65
C TYR C 190 1.28 31.95 -7.75
N PHE C 191 1.44 32.79 -6.73
CA PHE C 191 2.69 33.48 -6.51
C PHE C 191 3.70 32.39 -6.23
N GLY C 192 4.86 32.43 -6.86
CA GLY C 192 5.86 31.38 -6.63
C GLY C 192 6.11 30.54 -7.85
N SER C 193 5.10 30.40 -8.71
CA SER C 193 5.31 29.79 -10.03
C SER C 193 6.23 30.64 -10.92
N LEU C 194 6.43 31.91 -10.52
CA LEU C 194 7.37 32.84 -11.18
C LEU C 194 8.84 32.45 -10.95
N ALA C 195 9.72 32.89 -11.82
CA ALA C 195 11.13 32.52 -11.78
C ALA C 195 11.87 33.11 -10.56
N SER D 2 -30.75 27.38 -7.05
CA SER D 2 -30.60 28.53 -7.99
C SER D 2 -30.45 28.01 -9.42
N MET D 3 -29.23 27.67 -9.84
CA MET D 3 -29.01 27.15 -11.20
C MET D 3 -29.35 25.66 -11.25
N ALA D 4 -29.13 24.96 -10.14
CA ALA D 4 -29.49 23.54 -10.07
C ALA D 4 -31.00 23.36 -10.27
N ALA D 5 -31.80 24.18 -9.58
CA ALA D 5 -33.25 24.05 -9.62
C ALA D 5 -33.80 24.29 -11.01
N SER D 6 -33.32 25.36 -11.65
CA SER D 6 -33.71 25.69 -13.02
C SER D 6 -33.44 24.53 -13.97
N LEU D 7 -32.27 23.91 -13.81
CA LEU D 7 -31.75 22.96 -14.78
C LEU D 7 -32.07 21.49 -14.50
N VAL D 8 -32.42 21.16 -13.26
CA VAL D 8 -32.69 19.77 -12.92
C VAL D 8 -33.82 19.20 -13.79
N GLY D 9 -33.63 17.98 -14.29
CA GLY D 9 -34.59 17.33 -15.17
C GLY D 9 -34.58 17.78 -16.63
N LYS D 10 -33.96 18.93 -16.91
CA LYS D 10 -34.01 19.54 -18.24
C LYS D 10 -32.76 19.20 -19.03
N LYS D 11 -32.73 19.63 -20.29
CA LYS D 11 -31.69 19.26 -21.25
C LYS D 11 -30.57 20.30 -21.28
N ILE D 12 -29.34 19.82 -21.11
CA ILE D 12 -28.13 20.63 -21.16
C ILE D 12 -27.23 20.11 -22.27
N VAL D 13 -26.75 21.01 -23.13
CA VAL D 13 -25.85 20.63 -24.23
C VAL D 13 -24.39 20.71 -23.78
N PHE D 14 -23.66 19.62 -23.99
CA PHE D 14 -22.24 19.56 -23.67
C PHE D 14 -21.49 19.77 -24.99
N VAL D 15 -20.83 20.91 -25.11
CA VAL D 15 -20.15 21.28 -26.37
C VAL D 15 -18.63 21.05 -26.24
N THR D 16 -18.13 20.18 -27.13
CA THR D 16 -16.76 19.65 -27.09
C THR D 16 -16.49 18.93 -28.41
N GLY D 17 -15.23 18.85 -28.80
CA GLY D 17 -14.84 18.12 -30.02
C GLY D 17 -13.95 16.93 -29.72
N ASN D 18 -13.82 16.59 -28.44
CA ASN D 18 -12.87 15.60 -27.97
C ASN D 18 -13.59 14.32 -27.55
N ALA D 19 -13.52 13.30 -28.39
CA ALA D 19 -14.35 12.09 -28.23
C ALA D 19 -13.99 11.25 -26.99
N LYS D 20 -12.69 11.10 -26.70
CA LYS D 20 -12.27 10.41 -25.50
C LYS D 20 -12.72 11.10 -24.23
N LYS D 21 -12.87 12.42 -24.26
CA LYS D 21 -13.34 13.16 -23.08
C LYS D 21 -14.82 12.93 -22.85
N LEU D 22 -15.58 13.06 -23.93
CA LEU D 22 -17.01 12.78 -23.89
C LEU D 22 -17.26 11.35 -23.39
N GLU D 23 -16.47 10.40 -23.87
CA GLU D 23 -16.64 9.01 -23.48
C GLU D 23 -16.25 8.81 -22.02
N GLU D 24 -15.37 9.65 -21.49
CA GLU D 24 -15.05 9.63 -20.05
C GLU D 24 -16.14 10.28 -19.19
N VAL D 25 -16.73 11.36 -19.68
CA VAL D 25 -17.84 12.02 -18.96
C VAL D 25 -19.04 11.09 -18.90
N VAL D 26 -19.34 10.47 -20.04
CA VAL D 26 -20.48 9.55 -20.16
C VAL D 26 -20.34 8.31 -19.28
N GLN D 27 -19.11 7.82 -19.14
CA GLN D 27 -18.82 6.69 -18.24
C GLN D 27 -18.91 7.11 -16.77
N ILE D 28 -18.29 8.24 -16.42
CA ILE D 28 -18.30 8.73 -15.03
C ILE D 28 -19.73 9.00 -14.58
N LEU D 29 -20.39 9.94 -15.24
CA LEU D 29 -21.83 10.14 -15.06
C LEU D 29 -22.49 8.92 -15.67
N GLY D 30 -23.18 8.12 -14.86
CA GLY D 30 -23.72 6.87 -15.39
C GLY D 30 -25.06 7.11 -16.07
N ASP D 31 -26.09 6.48 -15.54
CA ASP D 31 -27.46 6.79 -15.88
C ASP D 31 -28.13 7.39 -14.64
N LYS D 32 -27.31 8.01 -13.79
CA LYS D 32 -27.72 8.54 -12.48
C LYS D 32 -27.67 10.07 -12.40
N PHE D 33 -27.29 10.74 -13.48
CA PHE D 33 -27.29 12.20 -13.52
C PHE D 33 -28.71 12.70 -13.80
N PRO D 34 -29.28 13.53 -12.89
CA PRO D 34 -30.68 13.97 -12.99
C PRO D 34 -30.97 15.06 -14.05
N CYS D 35 -30.08 15.22 -15.02
CA CYS D 35 -30.38 16.00 -16.22
C CYS D 35 -30.06 15.13 -17.44
N THR D 36 -30.41 15.60 -18.63
CA THR D 36 -30.03 14.90 -19.84
C THR D 36 -28.88 15.64 -20.52
N LEU D 37 -27.68 15.08 -20.46
CA LEU D 37 -26.54 15.60 -21.22
C LEU D 37 -26.61 15.12 -22.66
N VAL D 38 -26.56 16.07 -23.58
CA VAL D 38 -26.59 15.82 -25.02
C VAL D 38 -25.36 16.49 -25.61
N ALA D 39 -24.46 15.70 -26.17
CA ALA D 39 -23.22 16.27 -26.70
C ALA D 39 -23.48 16.88 -28.06
N GLN D 40 -22.78 17.97 -28.35
CA GLN D 40 -22.81 18.63 -29.66
C GLN D 40 -21.36 18.96 -30.04
N LYS D 41 -21.06 18.96 -31.33
CA LYS D 41 -19.68 19.12 -31.78
C LYS D 41 -19.41 20.52 -32.31
N ILE D 42 -18.58 21.26 -31.58
CA ILE D 42 -18.08 22.57 -32.01
C ILE D 42 -16.67 22.76 -31.46
N ASP D 43 -15.69 22.89 -32.35
CA ASP D 43 -14.34 23.22 -31.94
C ASP D 43 -14.29 24.70 -31.53
N LEU D 44 -14.41 24.94 -30.21
CA LEU D 44 -14.56 26.30 -29.68
C LEU D 44 -13.23 27.03 -29.56
N PRO D 45 -13.20 28.34 -29.85
CA PRO D 45 -11.98 29.11 -29.60
C PRO D 45 -11.81 29.47 -28.13
N GLU D 46 -10.63 29.20 -27.58
CA GLU D 46 -10.33 29.48 -26.18
C GLU D 46 -9.35 30.64 -26.07
N TYR D 47 -9.40 31.37 -24.96
CA TYR D 47 -8.47 32.46 -24.71
C TYR D 47 -7.23 31.97 -24.00
N GLN D 48 -6.21 32.82 -23.98
CA GLN D 48 -5.04 32.61 -23.14
C GLN D 48 -5.32 33.17 -21.77
N GLY D 49 -4.58 32.68 -20.78
CA GLY D 49 -4.62 33.24 -19.44
C GLY D 49 -4.95 32.21 -18.38
N GLU D 50 -5.64 32.66 -17.34
CA GLU D 50 -5.88 31.84 -16.16
C GLU D 50 -7.04 30.87 -16.43
N PRO D 51 -6.91 29.61 -16.02
CA PRO D 51 -7.91 28.58 -16.32
C PRO D 51 -9.34 28.88 -15.84
N ASP D 52 -9.49 29.66 -14.78
CA ASP D 52 -10.82 30.13 -14.40
C ASP D 52 -11.40 30.94 -15.56
N GLU D 53 -10.71 32.01 -15.92
CA GLU D 53 -11.22 32.97 -16.89
C GLU D 53 -11.32 32.39 -18.30
N ILE D 54 -10.48 31.40 -18.62
CA ILE D 54 -10.57 30.73 -19.91
C ILE D 54 -11.90 30.01 -20.02
N SER D 55 -12.21 29.22 -19.00
CA SER D 55 -13.40 28.38 -19.01
C SER D 55 -14.70 29.17 -18.86
N ILE D 56 -14.66 30.26 -18.11
CA ILE D 56 -15.79 31.20 -18.08
C ILE D 56 -16.09 31.67 -19.51
N GLN D 57 -15.06 32.22 -20.17
CA GLN D 57 -15.17 32.78 -21.52
C GLN D 57 -15.45 31.72 -22.59
N LYS D 58 -15.06 30.48 -22.33
CA LYS D 58 -15.36 29.38 -23.23
C LYS D 58 -16.85 29.06 -23.19
N CYS D 59 -17.41 29.08 -21.97
CA CYS D 59 -18.82 28.79 -21.77
C CYS D 59 -19.71 29.86 -22.43
N GLN D 60 -19.32 31.12 -22.30
CA GLN D 60 -20.10 32.23 -22.83
C GLN D 60 -20.10 32.24 -24.35
N GLU D 61 -19.01 31.77 -24.95
CA GLU D 61 -18.94 31.55 -26.41
C GLU D 61 -19.87 30.41 -26.82
N ALA D 62 -19.94 29.37 -25.99
CA ALA D 62 -20.86 28.26 -26.21
C ALA D 62 -22.31 28.74 -26.16
N VAL D 63 -22.60 29.66 -25.24
CA VAL D 63 -23.94 30.22 -25.09
C VAL D 63 -24.37 30.97 -26.35
N ARG D 64 -23.41 31.58 -27.02
CA ARG D 64 -23.65 32.34 -28.25
C ARG D 64 -24.03 31.47 -29.45
N GLN D 65 -23.36 30.32 -29.61
CA GLN D 65 -23.56 29.45 -30.79
C GLN D 65 -24.68 28.42 -30.65
N VAL D 66 -24.94 27.97 -29.42
CA VAL D 66 -25.97 26.95 -29.17
C VAL D 66 -27.28 27.58 -28.67
N GLN D 67 -27.14 28.50 -27.72
CA GLN D 67 -28.27 29.25 -27.10
C GLN D 67 -29.37 28.34 -26.50
N GLY D 68 -28.92 27.41 -25.67
CA GLY D 68 -29.74 26.77 -24.65
C GLY D 68 -28.89 26.73 -23.38
N PRO D 69 -29.30 25.94 -22.39
CA PRO D 69 -28.39 25.62 -21.29
C PRO D 69 -27.19 24.83 -21.82
N VAL D 70 -26.00 25.12 -21.30
CA VAL D 70 -24.79 24.61 -21.94
C VAL D 70 -23.64 24.35 -20.96
N LEU D 71 -22.80 23.38 -21.33
CA LEU D 71 -21.67 22.93 -20.50
C LEU D 71 -20.44 22.78 -21.38
N VAL D 72 -19.30 23.27 -20.88
CA VAL D 72 -18.01 23.08 -21.53
C VAL D 72 -17.00 22.69 -20.47
N GLU D 73 -15.85 22.15 -20.89
CA GLU D 73 -14.80 21.82 -19.95
C GLU D 73 -13.38 21.99 -20.51
N ASP D 74 -12.42 22.11 -19.59
CA ASP D 74 -11.02 22.39 -19.93
C ASP D 74 -10.09 21.73 -18.95
N THR D 75 -9.25 20.85 -19.47
CA THR D 75 -8.25 20.18 -18.68
C THR D 75 -6.90 20.87 -18.87
N CYS D 76 -6.22 21.14 -17.75
CA CYS D 76 -4.84 21.57 -17.77
C CYS D 76 -3.97 20.47 -17.20
N LEU D 77 -2.77 20.31 -17.78
CA LEU D 77 -1.73 19.48 -17.19
C LEU D 77 -0.56 20.41 -16.87
N CYS D 78 -0.20 20.50 -15.60
CA CYS D 78 0.69 21.57 -15.12
C CYS D 78 1.96 21.00 -14.48
N PHE D 79 3.11 21.37 -15.02
CA PHE D 79 4.40 20.91 -14.49
C PHE D 79 4.94 21.98 -13.54
N ASN D 80 5.32 21.57 -12.34
CA ASN D 80 5.77 22.54 -11.35
C ASN D 80 7.12 23.17 -11.66
N ALA D 81 8.02 22.40 -12.27
CA ALA D 81 9.30 22.94 -12.74
C ALA D 81 9.09 24.06 -13.77
N LEU D 82 8.00 23.98 -14.54
CA LEU D 82 7.66 24.98 -15.54
C LEU D 82 6.62 25.98 -15.04
N GLY D 83 6.46 26.10 -13.72
CA GLY D 83 5.55 27.09 -13.13
C GLY D 83 4.07 26.91 -13.44
N GLY D 84 3.66 25.71 -13.83
CA GLY D 84 2.28 25.42 -14.16
C GLY D 84 2.05 25.16 -15.64
N LEU D 85 3.08 25.44 -16.45
CA LEU D 85 3.01 25.23 -17.90
C LEU D 85 3.28 23.75 -18.23
N PRO D 86 2.78 23.26 -19.39
CA PRO D 86 1.99 23.94 -20.41
C PRO D 86 0.64 24.44 -19.90
N GLY D 87 0.16 23.82 -18.81
CA GLY D 87 -1.03 24.27 -18.12
C GLY D 87 -2.22 24.26 -19.05
N PRO D 88 -2.81 25.45 -19.31
CA PRO D 88 -3.96 25.51 -20.21
C PRO D 88 -3.61 25.27 -21.69
N TYR D 89 -2.32 25.18 -22.01
CA TYR D 89 -1.87 25.00 -23.38
C TYR D 89 -1.33 23.58 -23.61
N ILE D 90 -1.70 22.65 -22.76
CA ILE D 90 -1.26 21.25 -22.90
C ILE D 90 -1.67 20.64 -24.24
N LYS D 91 -2.86 20.94 -24.70
CA LYS D 91 -3.34 20.45 -26.01
C LYS D 91 -2.31 20.61 -27.11
N TRP D 92 -1.78 21.82 -27.26
CA TRP D 92 -0.90 22.17 -28.37
C TRP D 92 0.50 21.53 -28.22
N PHE D 93 0.98 21.45 -26.97
CA PHE D 93 2.24 20.79 -26.67
C PHE D 93 2.12 19.30 -26.96
N LEU D 94 1.14 18.66 -26.32
CA LEU D 94 0.84 17.24 -26.51
C LEU D 94 0.72 16.87 -27.99
N GLU D 95 0.07 17.74 -28.77
CA GLU D 95 -0.19 17.49 -30.19
C GLU D 95 1.09 17.27 -30.97
N LYS D 96 2.14 18.00 -30.62
CA LYS D 96 3.41 17.97 -31.35
C LYS D 96 4.52 17.20 -30.61
N LEU D 97 4.42 17.07 -29.29
CA LEU D 97 5.42 16.34 -28.52
C LEU D 97 5.05 14.85 -28.34
N LYS D 98 3.76 14.57 -28.20
CA LYS D 98 3.31 13.24 -27.81
C LYS D 98 3.73 12.99 -26.34
N PRO D 99 3.26 11.89 -25.74
CA PRO D 99 3.63 11.63 -24.35
C PRO D 99 5.14 11.57 -24.10
N GLU D 100 5.87 10.92 -25.00
CA GLU D 100 7.33 10.76 -24.88
C GLU D 100 8.07 12.10 -24.91
N GLY D 101 7.57 13.05 -25.71
CA GLY D 101 8.12 14.40 -25.75
C GLY D 101 7.78 15.22 -24.51
N LEU D 102 6.55 15.09 -24.02
CA LEU D 102 6.13 15.83 -22.83
C LEU D 102 7.06 15.49 -21.68
N HIS D 103 7.36 14.21 -21.54
CA HIS D 103 8.35 13.74 -20.60
C HIS D 103 9.74 14.38 -20.83
N GLN D 104 10.18 14.43 -22.09
CA GLN D 104 11.51 14.98 -22.40
C GLN D 104 11.65 16.47 -22.12
N LEU D 105 10.54 17.18 -22.17
CA LEU D 105 10.49 18.60 -21.81
C LEU D 105 11.07 18.87 -20.39
N LEU D 106 10.92 17.90 -19.49
CA LEU D 106 11.41 18.03 -18.12
C LEU D 106 12.82 17.44 -17.91
N ALA D 107 13.51 17.09 -18.99
CA ALA D 107 14.84 16.47 -18.89
C ALA D 107 15.85 17.34 -18.12
N GLY D 108 15.79 18.66 -18.29
CA GLY D 108 16.71 19.57 -17.58
C GLY D 108 16.26 19.98 -16.18
N PHE D 109 15.29 19.28 -15.61
CA PHE D 109 14.72 19.64 -14.32
C PHE D 109 14.60 18.42 -13.40
N GLU D 110 14.98 18.61 -12.14
CA GLU D 110 14.95 17.53 -11.15
C GLU D 110 13.53 17.20 -10.72
N ASP D 111 12.73 18.24 -10.53
CA ASP D 111 11.34 18.14 -10.09
C ASP D 111 10.45 17.65 -11.24
N LYS D 112 9.95 16.43 -11.13
CA LYS D 112 9.05 15.85 -12.14
C LYS D 112 7.59 15.86 -11.67
N SER D 113 7.28 16.63 -10.62
CA SER D 113 5.91 16.67 -10.08
C SER D 113 5.02 17.54 -10.95
N ALA D 114 3.77 17.13 -11.11
CA ALA D 114 2.79 17.90 -11.86
C ALA D 114 1.42 17.69 -11.26
N TYR D 115 0.46 18.50 -11.73
CA TYR D 115 -0.93 18.25 -11.44
C TYR D 115 -1.80 18.40 -12.66
N ALA D 116 -2.94 17.71 -12.65
CA ALA D 116 -3.92 17.84 -13.70
C ALA D 116 -5.15 18.53 -13.11
N LEU D 117 -5.61 19.58 -13.78
CA LEU D 117 -6.80 20.33 -13.35
C LEU D 117 -7.91 20.08 -14.36
N CYS D 118 -9.11 19.79 -13.87
CA CYS D 118 -10.29 19.69 -14.73
C CYS D 118 -11.32 20.71 -14.30
N THR D 119 -11.73 21.57 -15.22
CA THR D 119 -12.71 22.61 -14.93
C THR D 119 -13.90 22.50 -15.88
N PHE D 120 -15.09 22.41 -15.28
CA PHE D 120 -16.35 22.41 -16.02
C PHE D 120 -17.01 23.78 -15.86
N ALA D 121 -17.52 24.33 -16.95
CA ALA D 121 -18.29 25.56 -16.90
C ALA D 121 -19.73 25.26 -17.30
N LEU D 122 -20.68 25.78 -16.51
CA LEU D 122 -22.10 25.54 -16.74
C LEU D 122 -22.88 26.86 -16.77
N SER D 123 -23.75 27.02 -17.76
CA SER D 123 -24.60 28.21 -17.89
C SER D 123 -26.02 27.82 -18.26
N THR D 124 -26.98 28.67 -17.90
CA THR D 124 -28.39 28.41 -18.16
C THR D 124 -28.81 28.85 -19.57
N GLY D 125 -27.91 29.55 -20.28
CA GLY D 125 -28.22 30.06 -21.62
C GLY D 125 -28.62 31.54 -21.65
N ASP D 126 -28.79 32.14 -20.48
CA ASP D 126 -29.03 33.58 -20.35
C ASP D 126 -27.69 34.30 -20.21
N PRO D 127 -27.28 35.07 -21.23
CA PRO D 127 -25.91 35.61 -21.27
C PRO D 127 -25.48 36.51 -20.10
N SER D 128 -26.44 37.16 -19.44
CA SER D 128 -26.14 38.09 -18.33
C SER D 128 -25.87 37.41 -16.97
N GLN D 129 -26.38 36.19 -16.79
CA GLN D 129 -26.24 35.45 -15.52
C GLN D 129 -24.89 34.72 -15.45
N PRO D 130 -24.26 34.68 -14.26
CA PRO D 130 -22.92 34.12 -14.14
C PRO D 130 -22.83 32.64 -14.51
N VAL D 131 -21.62 32.22 -14.86
CA VAL D 131 -21.33 30.82 -15.12
C VAL D 131 -20.89 30.19 -13.81
N ARG D 132 -21.28 28.94 -13.58
CA ARG D 132 -20.86 28.20 -12.39
C ARG D 132 -19.76 27.22 -12.78
N LEU D 133 -18.67 27.21 -12.03
CA LEU D 133 -17.53 26.35 -12.32
C LEU D 133 -17.47 25.17 -11.37
N PHE D 134 -17.03 24.02 -11.89
CA PHE D 134 -16.81 22.84 -11.06
C PHE D 134 -15.43 22.28 -11.34
N ARG D 135 -14.68 22.07 -10.26
CA ARG D 135 -13.26 21.76 -10.33
C ARG D 135 -12.89 20.46 -9.67
N GLY D 136 -11.83 19.86 -10.20
CA GLY D 136 -11.20 18.72 -9.57
C GLY D 136 -9.75 18.68 -9.99
N ARG D 137 -8.87 18.26 -9.10
CA ARG D 137 -7.48 18.04 -9.49
C ARG D 137 -6.82 16.84 -8.82
N THR D 138 -5.87 16.25 -9.54
CA THR D 138 -5.08 15.12 -9.09
C THR D 138 -3.62 15.52 -9.16
N SER D 139 -2.81 14.97 -8.26
CA SER D 139 -1.38 15.23 -8.24
C SER D 139 -0.63 13.97 -8.62
N GLY D 140 0.47 14.13 -9.35
CA GLY D 140 1.27 13.00 -9.79
C GLY D 140 2.68 13.39 -10.17
N ARG D 141 3.27 12.62 -11.08
CA ARG D 141 4.59 12.93 -11.60
C ARG D 141 4.64 12.57 -13.08
N ILE D 142 5.57 13.21 -13.79
CA ILE D 142 5.75 12.98 -15.22
C ILE D 142 6.87 11.96 -15.45
N VAL D 143 6.48 10.82 -16.01
CA VAL D 143 7.37 9.68 -16.17
C VAL D 143 7.46 9.26 -17.63
N ALA D 144 8.47 8.46 -17.96
CA ALA D 144 8.58 7.85 -19.29
C ALA D 144 7.29 7.08 -19.59
N PRO D 145 6.67 7.33 -20.76
CA PRO D 145 5.40 6.73 -21.14
C PRO D 145 5.24 5.24 -20.82
N ARG D 146 4.31 4.92 -19.92
CA ARG D 146 3.91 3.55 -19.63
C ARG D 146 2.43 3.41 -19.98
N GLY D 147 2.10 2.49 -20.89
CA GLY D 147 1.09 2.79 -21.88
C GLY D 147 -0.12 1.92 -22.20
N CYS D 148 -0.37 1.85 -23.52
CA CYS D 148 -1.64 1.45 -24.20
C CYS D 148 -2.98 2.03 -23.69
N GLN D 149 -3.43 3.19 -24.21
CA GLN D 149 -2.64 4.28 -24.90
C GLN D 149 -3.51 5.10 -25.85
N ASP D 150 -4.73 5.42 -25.45
CA ASP D 150 -5.59 6.21 -26.33
C ASP D 150 -5.37 7.68 -26.00
N PHE D 151 -5.58 8.01 -24.74
CA PHE D 151 -5.95 9.37 -24.38
C PHE D 151 -4.72 10.22 -24.12
N GLY D 152 -4.37 11.05 -25.10
CA GLY D 152 -3.39 12.11 -24.92
C GLY D 152 -2.27 11.79 -23.95
N TRP D 153 -2.18 12.56 -22.85
CA TRP D 153 -1.03 12.49 -21.95
C TRP D 153 -1.11 11.43 -20.86
N ASP D 154 -2.14 10.57 -20.91
CA ASP D 154 -2.35 9.53 -19.88
C ASP D 154 -1.11 8.65 -19.63
N PRO D 155 -0.43 8.22 -20.72
CA PRO D 155 0.72 7.35 -20.53
C PRO D 155 1.84 7.92 -19.67
N CYS D 156 1.98 9.25 -19.61
CA CYS D 156 3.13 9.85 -18.93
C CYS D 156 2.79 10.52 -17.59
N PHE D 157 1.59 10.28 -17.09
CA PHE D 157 1.20 10.82 -15.78
C PHE D 157 0.96 9.71 -14.78
N GLN D 158 1.84 9.60 -13.78
CA GLN D 158 1.71 8.63 -12.69
C GLN D 158 1.13 9.31 -11.45
N PRO D 159 -0.18 9.15 -11.21
CA PRO D 159 -0.83 9.86 -10.10
C PRO D 159 -0.36 9.38 -8.73
N ASP D 160 -0.35 10.28 -7.75
CA ASP D 160 0.09 9.92 -6.39
C ASP D 160 -0.87 8.91 -5.76
N GLY D 161 -0.31 8.01 -4.95
CA GLY D 161 -1.11 6.96 -4.31
C GLY D 161 -1.12 5.64 -5.07
N TYR D 162 -0.78 5.69 -6.36
CA TYR D 162 -0.73 4.50 -7.20
C TYR D 162 0.61 4.46 -7.96
N GLU D 163 1.11 3.25 -8.23
CA GLU D 163 2.34 3.10 -8.99
C GLU D 163 2.08 3.06 -10.51
N GLN D 164 0.86 2.69 -10.91
CA GLN D 164 0.48 2.72 -12.32
C GLN D 164 0.18 4.15 -12.79
N THR D 165 0.40 4.40 -14.09
CA THR D 165 -0.04 5.65 -14.73
C THR D 165 -1.47 5.47 -15.20
N TYR D 166 -2.19 6.57 -15.43
CA TYR D 166 -3.58 6.51 -15.90
C TYR D 166 -3.77 5.54 -17.07
N ALA D 167 -2.81 5.52 -18.01
CA ALA D 167 -2.89 4.63 -19.17
C ALA D 167 -2.80 3.14 -18.80
N GLU D 168 -2.06 2.84 -17.74
CA GLU D 168 -1.87 1.46 -17.25
C GLU D 168 -3.00 0.98 -16.35
N MET D 169 -3.80 1.91 -15.83
CA MET D 169 -4.93 1.55 -15.00
C MET D 169 -6.04 1.02 -15.90
N PRO D 170 -6.92 0.17 -15.36
CA PRO D 170 -8.16 -0.09 -16.05
C PRO D 170 -8.95 1.20 -16.15
N LYS D 171 -9.75 1.33 -17.20
CA LYS D 171 -10.52 2.54 -17.45
C LYS D 171 -11.42 2.83 -16.27
N ALA D 172 -11.99 1.79 -15.68
CA ALA D 172 -12.92 1.96 -14.56
C ALA D 172 -12.22 2.43 -13.30
N GLU D 173 -10.91 2.17 -13.19
CA GLU D 173 -10.08 2.69 -12.09
C GLU D 173 -9.78 4.17 -12.30
N LYS D 174 -9.37 4.51 -13.52
CA LYS D 174 -9.04 5.88 -13.85
C LYS D 174 -10.26 6.76 -13.59
N ASN D 175 -11.42 6.30 -14.05
CA ASN D 175 -12.68 7.02 -13.87
C ASN D 175 -13.17 7.10 -12.42
N ALA D 176 -12.42 6.52 -11.49
CA ALA D 176 -12.76 6.54 -10.06
C ALA D 176 -11.84 7.45 -9.24
N VAL D 177 -10.72 7.88 -9.83
CA VAL D 177 -9.70 8.64 -9.11
C VAL D 177 -9.16 9.87 -9.87
N SER D 178 -9.71 10.16 -11.05
CA SER D 178 -9.15 11.18 -11.93
C SER D 178 -9.60 12.59 -11.57
N HIS D 179 -8.81 13.55 -12.04
CA HIS D 179 -9.20 14.96 -12.10
C HIS D 179 -10.61 15.16 -12.64
N ARG D 180 -10.98 14.37 -13.64
CA ARG D 180 -12.31 14.47 -14.23
C ARG D 180 -13.35 13.93 -13.28
N PHE D 181 -13.04 12.82 -12.61
CA PHE D 181 -13.99 12.30 -11.65
C PHE D 181 -14.19 13.33 -10.53
N ARG D 182 -13.10 13.87 -10.02
CA ARG D 182 -13.16 14.90 -8.97
C ARG D 182 -14.05 16.05 -9.38
N ALA D 183 -13.90 16.52 -10.61
CA ALA D 183 -14.68 17.67 -11.11
C ALA D 183 -16.15 17.32 -11.28
N LEU D 184 -16.43 16.14 -11.82
CA LEU D 184 -17.80 15.69 -12.03
C LEU D 184 -18.50 15.39 -10.70
N LEU D 185 -17.71 15.06 -9.68
CA LEU D 185 -18.24 14.81 -8.34
C LEU D 185 -18.78 16.09 -7.70
N GLU D 186 -18.15 17.23 -8.01
CA GLU D 186 -18.67 18.53 -7.58
C GLU D 186 -19.94 18.86 -8.35
N LEU D 187 -19.96 18.57 -9.65
CA LEU D 187 -21.15 18.79 -10.46
C LEU D 187 -22.32 17.95 -9.91
N GLN D 188 -22.06 16.70 -9.53
CA GLN D 188 -23.11 15.80 -9.01
C GLN D 188 -23.56 16.18 -7.60
N GLU D 189 -22.60 16.48 -6.73
CA GLU D 189 -22.90 16.96 -5.38
C GLU D 189 -23.81 18.19 -5.46
N TYR D 190 -23.58 19.03 -6.48
CA TYR D 190 -24.35 20.25 -6.72
C TYR D 190 -25.81 19.95 -6.94
N PHE D 191 -26.12 19.24 -8.03
CA PHE D 191 -27.51 18.87 -8.37
C PHE D 191 -28.15 17.95 -7.33
N GLY D 192 -27.33 17.15 -6.65
CA GLY D 192 -27.80 16.21 -5.64
C GLY D 192 -28.26 16.85 -4.35
N SER D 193 -27.80 18.07 -4.09
CA SER D 193 -28.18 18.80 -2.89
C SER D 193 -29.67 19.15 -2.84
N LEU D 194 -30.32 19.22 -4.01
CA LEU D 194 -31.74 19.58 -4.11
C LEU D 194 -32.60 18.53 -3.41
N ALA D 195 -33.58 18.99 -2.64
CA ALA D 195 -34.42 18.09 -1.85
C ALA D 195 -34.99 16.98 -2.73
N ALA D 196 -35.05 15.78 -2.18
CA ALA D 196 -35.57 14.62 -2.89
C ALA D 196 -37.06 14.79 -3.16
N SER E 2 -55.52 2.77 -40.10
CA SER E 2 -55.78 4.19 -40.45
C SER E 2 -55.69 5.06 -39.19
N MET E 3 -55.29 4.44 -38.09
CA MET E 3 -55.42 5.04 -36.76
C MET E 3 -54.33 6.10 -36.52
N ALA E 4 -53.16 5.92 -37.16
CA ALA E 4 -52.01 6.80 -37.00
C ALA E 4 -52.32 8.27 -37.33
N ALA E 5 -53.22 8.50 -38.28
CA ALA E 5 -53.64 9.85 -38.65
C ALA E 5 -54.40 10.55 -37.54
N SER E 6 -55.37 9.85 -36.93
CA SER E 6 -56.23 10.44 -35.88
C SER E 6 -55.45 11.01 -34.72
N LEU E 7 -54.36 10.35 -34.37
CA LEU E 7 -53.62 10.64 -33.14
C LEU E 7 -52.55 11.73 -33.29
N VAL E 8 -52.09 11.98 -34.51
CA VAL E 8 -50.97 12.90 -34.73
C VAL E 8 -51.23 14.26 -34.07
N GLY E 9 -50.29 14.68 -33.23
CA GLY E 9 -50.38 15.97 -32.54
C GLY E 9 -51.23 15.99 -31.28
N LYS E 10 -51.90 14.88 -30.98
CA LYS E 10 -52.81 14.80 -29.83
C LYS E 10 -52.13 14.20 -28.57
N LYS E 11 -52.89 14.13 -27.47
CA LYS E 11 -52.43 13.58 -26.19
C LYS E 11 -52.83 12.11 -26.07
N ILE E 12 -51.85 11.24 -25.87
CA ILE E 12 -52.08 9.82 -25.58
C ILE E 12 -51.71 9.52 -24.13
N VAL E 13 -52.67 9.07 -23.34
CA VAL E 13 -52.42 8.74 -21.95
C VAL E 13 -51.78 7.36 -21.86
N PHE E 14 -50.51 7.31 -21.45
CA PHE E 14 -49.80 6.05 -21.24
C PHE E 14 -50.07 5.63 -19.81
N VAL E 15 -50.79 4.51 -19.65
CA VAL E 15 -51.20 4.06 -18.32
C VAL E 15 -50.31 2.93 -17.86
N THR E 16 -49.54 3.20 -16.80
CA THR E 16 -48.50 2.30 -16.31
C THR E 16 -48.00 2.78 -14.95
N GLY E 17 -47.73 1.83 -14.06
CA GLY E 17 -47.25 2.15 -12.71
C GLY E 17 -45.74 2.15 -12.57
N ASN E 18 -45.06 1.62 -13.60
CA ASN E 18 -43.63 1.36 -13.53
C ASN E 18 -42.79 2.58 -13.97
N ALA E 19 -42.17 3.23 -12.99
CA ALA E 19 -41.31 4.39 -13.26
C ALA E 19 -40.12 4.02 -14.16
N LYS E 20 -39.53 2.84 -13.93
CA LYS E 20 -38.39 2.38 -14.74
C LYS E 20 -38.76 2.24 -16.22
N LYS E 21 -39.92 1.64 -16.46
CA LYS E 21 -40.41 1.35 -17.80
C LYS E 21 -40.81 2.63 -18.54
N LEU E 22 -41.53 3.50 -17.86
CA LEU E 22 -41.89 4.79 -18.41
C LEU E 22 -40.64 5.50 -18.93
N GLU E 23 -39.59 5.56 -18.10
CA GLU E 23 -38.38 6.30 -18.48
C GLU E 23 -37.69 5.70 -19.69
N GLU E 24 -37.65 4.37 -19.77
CA GLU E 24 -37.10 3.71 -20.95
C GLU E 24 -37.89 4.10 -22.20
N VAL E 25 -39.21 4.15 -22.11
CA VAL E 25 -40.01 4.52 -23.27
C VAL E 25 -39.72 5.96 -23.67
N VAL E 26 -39.55 6.83 -22.68
CA VAL E 26 -39.27 8.25 -22.94
C VAL E 26 -37.85 8.46 -23.52
N GLN E 27 -36.89 7.66 -23.07
CA GLN E 27 -35.54 7.70 -23.63
C GLN E 27 -35.52 7.22 -25.07
N ILE E 28 -36.21 6.11 -25.34
CA ILE E 28 -36.20 5.47 -26.67
C ILE E 28 -36.91 6.30 -27.73
N LEU E 29 -38.10 6.82 -27.41
CA LEU E 29 -38.80 7.74 -28.30
C LEU E 29 -38.03 9.05 -28.27
N GLY E 30 -37.58 9.51 -29.44
CA GLY E 30 -36.75 10.71 -29.51
C GLY E 30 -37.58 11.99 -29.46
N ASP E 31 -37.15 12.99 -30.23
CA ASP E 31 -37.95 14.18 -30.47
C ASP E 31 -38.88 13.92 -31.65
N LYS E 32 -38.56 12.88 -32.44
CA LYS E 32 -39.35 12.51 -33.62
C LYS E 32 -40.84 12.35 -33.31
N PHE E 33 -41.13 11.63 -32.23
CA PHE E 33 -42.48 11.14 -31.97
C PHE E 33 -43.55 12.24 -32.11
N PRO E 34 -44.47 12.09 -33.09
CA PRO E 34 -45.50 13.07 -33.37
C PRO E 34 -46.75 13.02 -32.46
N CYS E 35 -46.63 12.40 -31.29
CA CYS E 35 -47.67 12.43 -30.27
C CYS E 35 -47.09 12.88 -28.93
N THR E 36 -47.98 13.13 -27.96
CA THR E 36 -47.56 13.54 -26.63
C THR E 36 -48.01 12.50 -25.61
N LEU E 37 -47.07 11.69 -25.14
CA LEU E 37 -47.37 10.71 -24.12
C LEU E 37 -47.44 11.36 -22.75
N VAL E 38 -48.50 11.06 -22.00
CA VAL E 38 -48.62 11.48 -20.60
C VAL E 38 -48.84 10.25 -19.72
N ALA E 39 -47.96 10.07 -18.73
CA ALA E 39 -48.08 8.95 -17.81
C ALA E 39 -49.19 9.21 -16.79
N GLN E 40 -50.07 8.23 -16.63
CA GLN E 40 -51.05 8.21 -15.56
C GLN E 40 -50.96 6.84 -14.90
N LYS E 41 -50.74 6.80 -13.60
CA LYS E 41 -50.62 5.52 -12.92
C LYS E 41 -52.01 5.03 -12.53
N ILE E 42 -52.41 3.94 -13.18
CA ILE E 42 -53.53 3.12 -12.74
C ILE E 42 -52.97 1.72 -12.74
N ASP E 43 -53.43 0.90 -11.79
CA ASP E 43 -53.05 -0.50 -11.76
C ASP E 43 -54.21 -1.29 -12.34
N LEU E 44 -54.00 -1.84 -13.53
CA LEU E 44 -55.03 -2.60 -14.24
C LEU E 44 -54.85 -4.09 -13.98
N PRO E 45 -55.92 -4.79 -13.62
CA PRO E 45 -55.76 -6.22 -13.45
C PRO E 45 -55.53 -6.90 -14.81
N GLU E 46 -54.56 -7.80 -14.85
CA GLU E 46 -54.26 -8.53 -16.07
C GLU E 46 -54.91 -9.92 -16.03
N TYR E 47 -55.34 -10.40 -17.19
CA TYR E 47 -55.94 -11.74 -17.31
C TYR E 47 -54.85 -12.80 -17.44
N GLN E 48 -55.22 -14.07 -17.24
CA GLN E 48 -54.32 -15.20 -17.50
C GLN E 48 -54.50 -15.59 -18.96
N GLY E 49 -53.40 -16.00 -19.60
CA GLY E 49 -53.48 -16.47 -20.98
C GLY E 49 -52.27 -16.11 -21.82
N GLU E 50 -52.50 -16.02 -23.14
CA GLU E 50 -51.43 -15.68 -24.07
C GLU E 50 -51.18 -14.19 -24.02
N PRO E 51 -49.91 -13.76 -24.19
CA PRO E 51 -49.56 -12.34 -24.09
C PRO E 51 -50.41 -11.39 -24.94
N ASP E 52 -50.82 -11.82 -26.14
CA ASP E 52 -51.59 -10.95 -27.04
C ASP E 52 -53.00 -10.66 -26.54
N GLU E 53 -53.65 -11.64 -25.94
CA GLU E 53 -55.00 -11.42 -25.41
C GLU E 53 -54.92 -10.71 -24.06
N ILE E 54 -53.82 -10.91 -23.34
CA ILE E 54 -53.57 -10.19 -22.10
C ILE E 54 -53.41 -8.70 -22.37
N SER E 55 -52.59 -8.37 -23.36
CA SER E 55 -52.34 -6.98 -23.74
C SER E 55 -53.57 -6.31 -24.37
N ILE E 56 -54.29 -7.02 -25.23
CA ILE E 56 -55.55 -6.51 -25.79
C ILE E 56 -56.49 -6.13 -24.66
N GLN E 57 -56.71 -7.05 -23.73
CA GLN E 57 -57.66 -6.85 -22.64
C GLN E 57 -57.23 -5.77 -21.65
N LYS E 58 -55.93 -5.67 -21.40
CA LYS E 58 -55.40 -4.57 -20.59
C LYS E 58 -55.68 -3.22 -21.24
N CYS E 59 -55.64 -3.19 -22.57
CA CYS E 59 -55.90 -1.95 -23.31
C CYS E 59 -57.38 -1.54 -23.26
N GLN E 60 -58.27 -2.51 -23.43
CA GLN E 60 -59.71 -2.24 -23.34
C GLN E 60 -60.14 -1.87 -21.92
N GLU E 61 -59.38 -2.34 -20.91
CA GLU E 61 -59.62 -1.96 -19.52
C GLU E 61 -59.21 -0.51 -19.26
N ALA E 62 -58.08 -0.10 -19.80
CA ALA E 62 -57.65 1.30 -19.71
C ALA E 62 -58.65 2.23 -20.39
N VAL E 63 -59.08 1.85 -21.59
CA VAL E 63 -60.02 2.65 -22.36
C VAL E 63 -61.31 2.90 -21.59
N ARG E 64 -61.69 1.97 -20.72
CA ARG E 64 -62.87 2.14 -19.86
C ARG E 64 -62.66 3.22 -18.81
N GLN E 65 -61.42 3.40 -18.35
CA GLN E 65 -61.13 4.32 -17.24
C GLN E 65 -60.53 5.66 -17.67
N VAL E 66 -60.30 5.86 -18.97
CA VAL E 66 -59.77 7.13 -19.50
C VAL E 66 -60.68 7.77 -20.57
N GLN E 67 -61.30 6.95 -21.42
CA GLN E 67 -62.23 7.39 -22.49
C GLN E 67 -61.49 7.97 -23.72
N GLY E 68 -60.40 8.69 -23.50
CA GLY E 68 -59.54 9.16 -24.58
C GLY E 68 -58.65 8.04 -25.10
N PRO E 69 -57.71 8.38 -26.00
CA PRO E 69 -56.80 7.38 -26.56
C PRO E 69 -55.75 6.98 -25.53
N VAL E 70 -55.32 5.73 -25.58
CA VAL E 70 -54.53 5.16 -24.49
C VAL E 70 -53.47 4.20 -25.00
N LEU E 71 -52.38 4.09 -24.25
CA LEU E 71 -51.32 3.12 -24.53
C LEU E 71 -51.05 2.34 -23.25
N VAL E 72 -50.77 1.06 -23.42
CA VAL E 72 -50.35 0.20 -22.31
C VAL E 72 -49.28 -0.75 -22.82
N GLU E 73 -48.47 -1.28 -21.91
CA GLU E 73 -47.50 -2.29 -22.31
C GLU E 73 -47.29 -3.38 -21.26
N ASP E 74 -47.18 -4.61 -21.74
CA ASP E 74 -46.87 -5.76 -20.92
C ASP E 74 -45.60 -6.39 -21.41
N THR E 75 -44.75 -6.80 -20.47
CA THR E 75 -43.49 -7.48 -20.77
C THR E 75 -43.52 -8.86 -20.15
N CYS E 76 -43.08 -9.86 -20.91
CA CYS E 76 -42.91 -11.22 -20.40
C CYS E 76 -41.44 -11.62 -20.42
N LEU E 77 -41.08 -12.52 -19.52
CA LEU E 77 -39.76 -13.16 -19.53
C LEU E 77 -40.02 -14.65 -19.53
N CYS E 78 -39.41 -15.35 -20.48
CA CYS E 78 -39.83 -16.70 -20.86
C CYS E 78 -38.67 -17.69 -20.92
N PHE E 79 -38.57 -18.57 -19.93
CA PHE E 79 -37.54 -19.60 -19.93
C PHE E 79 -38.00 -20.73 -20.83
N ASN E 80 -37.16 -21.13 -21.78
CA ASN E 80 -37.55 -22.16 -22.77
C ASN E 80 -37.79 -23.51 -22.11
N ALA E 81 -36.94 -23.86 -21.15
CA ALA E 81 -37.05 -25.13 -20.40
C ALA E 81 -38.40 -25.28 -19.70
N LEU E 82 -39.10 -24.17 -19.49
CA LEU E 82 -40.41 -24.16 -18.84
C LEU E 82 -41.54 -23.79 -19.81
N GLY E 83 -41.34 -24.07 -21.10
CA GLY E 83 -42.37 -23.81 -22.11
C GLY E 83 -42.70 -22.33 -22.27
N GLY E 84 -41.72 -21.48 -21.99
CA GLY E 84 -41.90 -20.04 -22.12
C GLY E 84 -42.50 -19.41 -20.89
N LEU E 85 -42.40 -20.10 -19.75
CA LEU E 85 -42.84 -19.57 -18.47
C LEU E 85 -41.59 -19.13 -17.71
N PRO E 86 -41.74 -18.41 -16.58
CA PRO E 86 -42.95 -17.78 -16.01
C PRO E 86 -43.72 -16.81 -16.92
N GLY E 87 -43.11 -16.38 -18.02
CA GLY E 87 -43.82 -15.66 -19.09
C GLY E 87 -44.58 -14.43 -18.63
N PRO E 88 -45.90 -14.36 -18.90
CA PRO E 88 -46.69 -13.19 -18.52
C PRO E 88 -46.95 -13.07 -17.02
N TYR E 89 -46.54 -14.08 -16.25
CA TYR E 89 -46.69 -14.05 -14.80
C TYR E 89 -45.35 -13.73 -14.12
N ILE E 90 -44.39 -13.18 -14.88
CA ILE E 90 -43.03 -12.93 -14.38
C ILE E 90 -42.99 -12.03 -13.14
N LYS E 91 -43.88 -11.05 -13.10
CA LYS E 91 -44.04 -10.17 -11.94
C LYS E 91 -44.02 -10.91 -10.60
N TRP E 92 -44.82 -11.96 -10.52
CA TRP E 92 -45.07 -12.66 -9.26
C TRP E 92 -43.87 -13.47 -8.86
N PHE E 93 -43.27 -14.14 -9.85
CA PHE E 93 -42.05 -14.90 -9.61
C PHE E 93 -40.94 -14.00 -9.15
N LEU E 94 -40.91 -12.78 -9.66
CA LEU E 94 -39.91 -11.81 -9.23
C LEU E 94 -40.13 -11.44 -7.76
N GLU E 95 -41.39 -11.19 -7.42
CA GLU E 95 -41.78 -10.81 -6.07
C GLU E 95 -41.46 -11.89 -5.03
N LYS E 96 -41.63 -13.14 -5.41
CA LYS E 96 -41.39 -14.27 -4.51
C LYS E 96 -39.92 -14.68 -4.43
N LEU E 97 -39.26 -14.75 -5.58
CA LEU E 97 -37.94 -15.40 -5.69
C LEU E 97 -36.75 -14.44 -5.85
N LYS E 98 -37.00 -13.24 -6.40
CA LYS E 98 -35.96 -12.27 -6.74
C LYS E 98 -35.21 -12.80 -7.98
N PRO E 99 -34.28 -12.02 -8.55
CA PRO E 99 -33.48 -12.53 -9.66
C PRO E 99 -32.64 -13.77 -9.30
N GLU E 100 -32.11 -13.80 -8.07
CA GLU E 100 -31.30 -14.93 -7.60
C GLU E 100 -32.09 -16.25 -7.65
N GLY E 101 -33.38 -16.17 -7.31
CA GLY E 101 -34.27 -17.32 -7.35
C GLY E 101 -34.80 -17.67 -8.73
N LEU E 102 -34.94 -16.66 -9.60
CA LEU E 102 -35.30 -16.89 -11.00
C LEU E 102 -34.25 -17.80 -11.65
N HIS E 103 -33.00 -17.64 -11.23
CA HIS E 103 -31.89 -18.44 -11.73
C HIS E 103 -31.88 -19.84 -11.12
N GLN E 104 -32.15 -19.93 -9.81
CA GLN E 104 -32.29 -21.22 -9.13
C GLN E 104 -33.46 -22.05 -9.65
N LEU E 105 -34.44 -21.38 -10.26
CA LEU E 105 -35.64 -22.04 -10.78
C LEU E 105 -35.30 -22.94 -11.96
N LEU E 106 -34.13 -22.70 -12.56
CA LEU E 106 -33.65 -23.51 -13.67
C LEU E 106 -32.52 -24.41 -13.23
N ALA E 107 -32.38 -24.59 -11.92
CA ALA E 107 -31.28 -25.39 -11.35
C ALA E 107 -31.24 -26.81 -11.90
N GLY E 108 -32.39 -27.42 -12.13
CA GLY E 108 -32.45 -28.81 -12.59
C GLY E 108 -32.78 -28.96 -14.07
N PHE E 109 -32.29 -28.02 -14.87
CA PHE E 109 -32.54 -28.00 -16.31
C PHE E 109 -31.26 -27.61 -17.03
N GLU E 110 -30.91 -28.36 -18.07
CA GLU E 110 -29.72 -28.05 -18.88
C GLU E 110 -29.91 -26.75 -19.64
N ASP E 111 -31.09 -26.57 -20.24
CA ASP E 111 -31.39 -25.37 -21.01
C ASP E 111 -31.55 -24.11 -20.13
N LYS E 112 -30.65 -23.15 -20.30
CA LYS E 112 -30.78 -21.85 -19.60
C LYS E 112 -31.38 -20.80 -20.54
N SER E 113 -31.71 -21.19 -21.77
CA SER E 113 -32.12 -20.22 -22.78
C SER E 113 -33.49 -19.62 -22.47
N ALA E 114 -33.65 -18.36 -22.84
CA ALA E 114 -34.86 -17.60 -22.55
C ALA E 114 -35.07 -16.47 -23.56
N TYR E 115 -36.23 -15.82 -23.49
CA TYR E 115 -36.49 -14.66 -24.32
C TYR E 115 -37.37 -13.65 -23.63
N ALA E 116 -37.12 -12.37 -23.92
CA ALA E 116 -37.90 -11.27 -23.36
C ALA E 116 -38.84 -10.76 -24.43
N LEU E 117 -40.11 -10.63 -24.09
CA LEU E 117 -41.15 -10.20 -25.02
C LEU E 117 -41.79 -8.91 -24.50
N CYS E 118 -41.94 -7.93 -25.39
CA CYS E 118 -42.50 -6.63 -25.04
C CYS E 118 -43.67 -6.32 -25.97
N THR E 119 -44.88 -6.26 -25.42
CA THR E 119 -46.08 -6.01 -26.20
C THR E 119 -46.69 -4.68 -25.81
N PHE E 120 -46.75 -3.76 -26.77
CA PHE E 120 -47.47 -2.48 -26.60
C PHE E 120 -48.84 -2.59 -27.25
N ALA E 121 -49.86 -1.97 -26.64
CA ALA E 121 -51.21 -1.96 -27.19
C ALA E 121 -51.76 -0.53 -27.24
N LEU E 122 -52.39 -0.18 -28.36
CA LEU E 122 -52.88 1.18 -28.60
C LEU E 122 -54.36 1.21 -28.94
N SER E 123 -55.07 2.24 -28.45
CA SER E 123 -56.48 2.45 -28.80
C SER E 123 -56.77 3.93 -28.94
N THR E 124 -57.72 4.27 -29.81
CA THR E 124 -58.17 5.65 -29.99
C THR E 124 -59.19 6.06 -28.96
N GLY E 125 -59.75 5.09 -28.22
CA GLY E 125 -60.64 5.39 -27.11
C GLY E 125 -62.09 4.99 -27.29
N ASP E 126 -62.47 4.65 -28.53
CA ASP E 126 -63.82 4.14 -28.81
C ASP E 126 -63.75 2.69 -29.31
N PRO E 127 -64.84 1.93 -29.17
CA PRO E 127 -64.85 0.52 -29.57
C PRO E 127 -65.17 0.25 -31.05
N SER E 128 -65.16 1.28 -31.88
CA SER E 128 -65.32 1.11 -33.33
C SER E 128 -64.00 0.69 -33.99
N GLN E 129 -62.90 0.93 -33.29
CA GLN E 129 -61.55 0.57 -33.74
C GLN E 129 -60.97 -0.50 -32.80
N PRO E 130 -60.44 -1.59 -33.36
CA PRO E 130 -59.84 -2.61 -32.51
C PRO E 130 -58.47 -2.18 -31.96
N VAL E 131 -58.01 -2.87 -30.93
CA VAL E 131 -56.74 -2.55 -30.30
C VAL E 131 -55.61 -2.94 -31.24
N ARG E 132 -54.54 -2.15 -31.23
CA ARG E 132 -53.43 -2.32 -32.15
C ARG E 132 -52.21 -2.72 -31.35
N LEU E 133 -51.60 -3.88 -31.66
CA LEU E 133 -50.47 -4.39 -30.89
C LEU E 133 -49.13 -4.15 -31.59
N PHE E 134 -48.12 -3.82 -30.79
CA PHE E 134 -46.77 -3.56 -31.29
C PHE E 134 -45.78 -4.45 -30.53
N ARG E 135 -45.27 -5.47 -31.21
CA ARG E 135 -44.50 -6.53 -30.58
C ARG E 135 -43.00 -6.34 -30.76
N GLY E 136 -42.25 -6.81 -29.77
CA GLY E 136 -40.79 -6.75 -29.81
C GLY E 136 -40.23 -7.91 -29.02
N ARG E 137 -39.12 -8.47 -29.49
CA ARG E 137 -38.59 -9.71 -28.90
C ARG E 137 -37.05 -9.79 -28.93
N THR E 138 -36.50 -10.33 -27.84
CA THR E 138 -35.07 -10.49 -27.65
C THR E 138 -34.84 -11.87 -27.05
N SER E 139 -33.79 -12.56 -27.48
CA SER E 139 -33.41 -13.86 -26.89
C SER E 139 -32.20 -13.74 -25.96
N GLY E 140 -31.97 -14.74 -25.12
CA GLY E 140 -30.87 -14.72 -24.16
C GLY E 140 -30.69 -15.97 -23.32
N ARG E 141 -29.99 -15.81 -22.20
CA ARG E 141 -29.70 -16.89 -21.25
C ARG E 141 -29.99 -16.38 -19.83
N ILE E 142 -30.39 -17.28 -18.94
CA ILE E 142 -30.56 -16.93 -17.53
C ILE E 142 -29.28 -17.27 -16.75
N VAL E 143 -28.72 -16.27 -16.08
CA VAL E 143 -27.47 -16.44 -15.33
C VAL E 143 -27.58 -15.90 -13.90
N ALA E 144 -26.65 -16.28 -13.03
CA ALA E 144 -26.59 -15.71 -11.68
C ALA E 144 -26.50 -14.20 -11.80
N PRO E 145 -27.34 -13.47 -11.04
CA PRO E 145 -27.48 -12.01 -11.19
C PRO E 145 -26.17 -11.21 -11.24
N ARG E 146 -26.14 -10.18 -12.09
CA ARG E 146 -24.94 -9.38 -12.30
C ARG E 146 -25.32 -7.98 -12.75
N GLY E 147 -24.65 -6.98 -12.18
CA GLY E 147 -24.82 -5.60 -12.60
C GLY E 147 -25.65 -4.80 -11.62
N CYS E 148 -25.49 -3.48 -11.69
CA CYS E 148 -26.01 -2.56 -10.68
C CYS E 148 -27.33 -1.91 -11.03
N GLN E 149 -27.65 -1.85 -12.33
CA GLN E 149 -28.90 -1.23 -12.79
C GLN E 149 -30.09 -2.06 -12.32
N ASP E 150 -30.70 -1.66 -11.21
CA ASP E 150 -31.78 -2.44 -10.59
C ASP E 150 -33.13 -2.22 -11.25
N PHE E 151 -33.42 -3.04 -12.25
CA PHE E 151 -34.72 -3.02 -12.91
C PHE E 151 -35.18 -4.45 -13.09
N GLY E 152 -36.08 -4.88 -12.21
CA GLY E 152 -36.65 -6.23 -12.25
C GLY E 152 -35.65 -7.36 -12.46
N TRP E 153 -35.83 -8.09 -13.54
CA TRP E 153 -35.05 -9.29 -13.85
C TRP E 153 -33.77 -9.00 -14.67
N ASP E 154 -33.45 -7.73 -14.88
CA ASP E 154 -32.30 -7.35 -15.71
C ASP E 154 -30.99 -7.96 -15.25
N PRO E 155 -30.77 -8.06 -13.93
CA PRO E 155 -29.58 -8.74 -13.45
C PRO E 155 -29.33 -10.16 -13.99
N CYS E 156 -30.38 -10.92 -14.29
CA CYS E 156 -30.19 -12.33 -14.63
C CYS E 156 -30.46 -12.69 -16.08
N PHE E 157 -30.59 -11.71 -16.97
CA PHE E 157 -30.82 -11.98 -18.40
C PHE E 157 -29.67 -11.46 -19.26
N GLN E 158 -28.86 -12.38 -19.78
CA GLN E 158 -27.77 -12.08 -20.68
C GLN E 158 -28.23 -12.32 -22.13
N PRO E 159 -28.50 -11.23 -22.88
CA PRO E 159 -29.05 -11.36 -24.23
C PRO E 159 -28.02 -11.89 -25.20
N ASP E 160 -28.44 -12.73 -26.14
CA ASP E 160 -27.50 -13.35 -27.09
C ASP E 160 -26.72 -12.33 -27.93
N GLY E 161 -25.44 -12.63 -28.16
CA GLY E 161 -24.51 -11.71 -28.82
C GLY E 161 -23.65 -10.90 -27.86
N TYR E 162 -24.04 -10.85 -26.59
CA TYR E 162 -23.32 -10.04 -25.58
C TYR E 162 -22.88 -10.86 -24.36
N GLU E 163 -21.85 -10.36 -23.68
CA GLU E 163 -21.33 -10.98 -22.46
C GLU E 163 -21.89 -10.32 -21.21
N GLN E 164 -22.64 -9.24 -21.38
CA GLN E 164 -23.19 -8.48 -20.26
C GLN E 164 -24.69 -8.71 -20.08
N THR E 165 -25.13 -8.80 -18.83
CA THR E 165 -26.56 -8.80 -18.54
C THR E 165 -27.12 -7.41 -18.84
N TYR E 166 -28.44 -7.26 -18.89
CA TYR E 166 -29.02 -5.93 -19.11
C TYR E 166 -28.67 -4.97 -17.96
N ALA E 167 -28.48 -5.50 -16.76
CA ALA E 167 -28.16 -4.66 -15.61
C ALA E 167 -26.73 -4.12 -15.64
N GLU E 168 -25.86 -4.79 -16.39
CA GLU E 168 -24.46 -4.35 -16.53
C GLU E 168 -24.25 -3.31 -17.63
N MET E 169 -25.19 -3.19 -18.55
CA MET E 169 -25.05 -2.27 -19.69
C MET E 169 -25.40 -0.85 -19.30
N PRO E 170 -24.75 0.15 -19.94
CA PRO E 170 -25.35 1.47 -19.92
C PRO E 170 -26.73 1.46 -20.56
N LYS E 171 -27.60 2.35 -20.11
CA LYS E 171 -28.97 2.36 -20.60
C LYS E 171 -29.01 2.86 -22.05
N ALA E 172 -27.99 3.59 -22.49
CA ALA E 172 -27.84 3.91 -23.92
C ALA E 172 -27.74 2.63 -24.77
N GLU E 173 -27.01 1.64 -24.25
CA GLU E 173 -26.79 0.38 -24.93
C GLU E 173 -28.03 -0.53 -24.87
N LYS E 174 -28.70 -0.56 -23.71
CA LYS E 174 -29.88 -1.40 -23.55
C LYS E 174 -31.00 -0.90 -24.45
N ASN E 175 -31.29 0.40 -24.33
CA ASN E 175 -32.32 1.06 -25.16
C ASN E 175 -32.06 0.92 -26.67
N ALA E 176 -30.89 0.40 -27.05
CA ALA E 176 -30.53 0.20 -28.46
C ALA E 176 -30.62 -1.25 -28.91
N VAL E 177 -30.90 -2.16 -27.98
CA VAL E 177 -30.90 -3.59 -28.29
C VAL E 177 -32.03 -4.39 -27.63
N SER E 178 -32.73 -3.79 -26.67
CA SER E 178 -33.65 -4.55 -25.82
C SER E 178 -34.95 -4.90 -26.51
N HIS E 179 -35.66 -5.84 -25.90
CA HIS E 179 -37.04 -6.18 -26.28
C HIS E 179 -37.95 -4.95 -26.42
N ARG E 180 -37.75 -3.95 -25.57
CA ARG E 180 -38.60 -2.75 -25.59
C ARG E 180 -38.29 -1.87 -26.79
N PHE E 181 -37.00 -1.72 -27.10
CA PHE E 181 -36.57 -1.05 -28.32
C PHE E 181 -37.26 -1.67 -29.53
N ARG E 182 -37.08 -2.98 -29.71
CA ARG E 182 -37.71 -3.73 -30.81
C ARG E 182 -39.20 -3.43 -30.96
N ALA E 183 -39.89 -3.28 -29.84
CA ALA E 183 -41.31 -2.99 -29.83
C ALA E 183 -41.59 -1.54 -30.25
N LEU E 184 -40.84 -0.61 -29.70
CA LEU E 184 -41.00 0.81 -30.03
C LEU E 184 -40.52 1.11 -31.44
N LEU E 185 -39.73 0.20 -32.00
CA LEU E 185 -39.32 0.29 -33.41
C LEU E 185 -40.51 0.08 -34.35
N GLU E 186 -41.49 -0.71 -33.93
CA GLU E 186 -42.70 -0.91 -34.73
C GLU E 186 -43.74 0.17 -34.46
N LEU E 187 -43.78 0.66 -33.22
CA LEU E 187 -44.67 1.76 -32.85
C LEU E 187 -44.31 3.03 -33.61
N GLN E 188 -43.02 3.28 -33.78
CA GLN E 188 -42.57 4.47 -34.51
C GLN E 188 -42.76 4.33 -36.02
N GLU E 189 -42.55 3.13 -36.54
CA GLU E 189 -42.79 2.86 -37.97
C GLU E 189 -44.23 3.28 -38.32
N TYR E 190 -45.17 2.84 -37.47
CA TYR E 190 -46.60 3.16 -37.59
C TYR E 190 -46.89 4.63 -37.95
N PHE E 191 -46.19 5.57 -37.29
CA PHE E 191 -46.39 7.01 -37.55
C PHE E 191 -45.53 7.55 -38.71
N SER F 2 12.37 -10.58 0.01
CA SER F 2 12.99 -11.81 0.56
C SER F 2 12.10 -13.01 0.26
N MET F 3 10.92 -13.05 0.89
CA MET F 3 9.95 -14.11 0.63
C MET F 3 9.25 -13.83 -0.70
N ALA F 4 9.19 -12.55 -1.08
CA ALA F 4 8.76 -12.16 -2.42
C ALA F 4 9.69 -12.76 -3.47
N ALA F 5 10.99 -12.71 -3.20
CA ALA F 5 11.97 -13.35 -4.06
C ALA F 5 11.65 -14.83 -4.27
N SER F 6 11.47 -15.56 -3.16
CA SER F 6 11.36 -17.02 -3.22
C SER F 6 10.06 -17.49 -3.85
N LEU F 7 8.98 -16.75 -3.61
CA LEU F 7 7.67 -17.13 -4.14
C LEU F 7 7.42 -16.64 -5.57
N VAL F 8 8.19 -15.68 -6.07
CA VAL F 8 7.90 -15.09 -7.39
C VAL F 8 8.00 -16.17 -8.47
N GLY F 9 6.94 -16.30 -9.28
CA GLY F 9 6.87 -17.32 -10.33
C GLY F 9 6.36 -18.69 -9.88
N LYS F 10 6.15 -18.85 -8.57
CA LYS F 10 5.65 -20.12 -8.01
C LYS F 10 4.14 -20.04 -7.84
N LYS F 11 3.54 -21.15 -7.43
CA LYS F 11 2.08 -21.25 -7.24
C LYS F 11 1.68 -21.02 -5.77
N ILE F 12 0.77 -20.07 -5.54
CA ILE F 12 0.26 -19.77 -4.20
C ILE F 12 -1.19 -20.21 -4.11
N VAL F 13 -1.49 -21.16 -3.22
CA VAL F 13 -2.85 -21.62 -3.02
C VAL F 13 -3.62 -20.62 -2.17
N PHE F 14 -4.76 -20.16 -2.67
CA PHE F 14 -5.61 -19.22 -1.96
C PHE F 14 -6.79 -19.98 -1.37
N VAL F 15 -6.76 -20.19 -0.07
CA VAL F 15 -7.84 -20.91 0.60
C VAL F 15 -8.91 -19.96 1.13
N THR F 16 -10.10 -20.03 0.53
CA THR F 16 -11.25 -19.21 0.90
C THR F 16 -12.53 -19.98 0.60
N GLY F 17 -13.62 -19.58 1.26
CA GLY F 17 -14.87 -20.34 1.24
C GLY F 17 -16.05 -19.67 0.57
N ASN F 18 -15.82 -18.52 -0.07
CA ASN F 18 -16.89 -17.79 -0.79
C ASN F 18 -16.44 -17.20 -2.13
N ALA F 19 -17.10 -17.67 -3.18
CA ALA F 19 -16.82 -17.30 -4.55
C ALA F 19 -16.65 -15.79 -4.73
N LYS F 20 -17.59 -15.04 -4.16
CA LYS F 20 -17.66 -13.59 -4.37
C LYS F 20 -16.35 -12.88 -3.99
N LYS F 21 -15.69 -13.40 -2.97
CA LYS F 21 -14.41 -12.85 -2.52
C LYS F 21 -13.27 -13.25 -3.47
N LEU F 22 -13.29 -14.50 -3.91
CA LEU F 22 -12.31 -14.99 -4.88
C LEU F 22 -12.48 -14.30 -6.23
N GLU F 23 -13.74 -14.07 -6.60
CA GLU F 23 -14.06 -13.40 -7.86
C GLU F 23 -13.40 -12.02 -7.93
N GLU F 24 -13.51 -11.25 -6.86
CA GLU F 24 -12.96 -9.89 -6.84
C GLU F 24 -11.43 -9.88 -6.84
N VAL F 25 -10.81 -10.82 -6.13
CA VAL F 25 -9.35 -10.92 -6.06
C VAL F 25 -8.76 -11.24 -7.43
N VAL F 26 -9.43 -12.13 -8.17
CA VAL F 26 -9.01 -12.51 -9.53
C VAL F 26 -9.16 -11.35 -10.51
N GLN F 27 -10.15 -10.48 -10.31
CA GLN F 27 -10.37 -9.33 -11.21
C GLN F 27 -9.37 -8.21 -10.93
N ILE F 28 -9.15 -7.91 -9.65
CA ILE F 28 -8.20 -6.86 -9.23
C ILE F 28 -6.79 -7.20 -9.68
N LEU F 29 -6.27 -8.34 -9.23
CA LEU F 29 -5.11 -8.95 -9.84
C LEU F 29 -5.52 -9.29 -11.26
N GLY F 30 -4.77 -8.86 -12.26
CA GLY F 30 -5.11 -9.17 -13.64
C GLY F 30 -4.33 -10.37 -14.10
N ASP F 31 -3.51 -10.18 -15.11
CA ASP F 31 -2.41 -11.09 -15.42
C ASP F 31 -1.12 -10.32 -15.19
N LYS F 32 -1.19 -9.37 -14.26
CA LYS F 32 -0.07 -8.51 -13.91
C LYS F 32 0.51 -8.90 -12.54
N PHE F 33 0.27 -10.16 -12.14
CA PHE F 33 0.73 -10.65 -10.85
C PHE F 33 1.75 -11.76 -11.04
N PRO F 34 2.97 -11.57 -10.50
CA PRO F 34 4.12 -12.45 -10.80
C PRO F 34 4.00 -13.92 -10.36
N CYS F 35 3.07 -14.21 -9.45
CA CYS F 35 2.80 -15.57 -8.99
C CYS F 35 1.51 -16.11 -9.60
N THR F 36 1.28 -17.42 -9.43
CA THR F 36 0.08 -18.10 -9.90
C THR F 36 -0.84 -18.39 -8.72
N LEU F 37 -2.05 -17.83 -8.74
CA LEU F 37 -3.04 -18.12 -7.68
C LEU F 37 -3.97 -19.25 -8.08
N VAL F 38 -4.14 -20.22 -7.18
CA VAL F 38 -5.10 -21.31 -7.38
C VAL F 38 -5.97 -21.45 -6.13
N ALA F 39 -7.27 -21.28 -6.31
CA ALA F 39 -8.20 -21.33 -5.19
C ALA F 39 -8.49 -22.76 -4.74
N GLN F 40 -8.58 -22.96 -3.43
CA GLN F 40 -9.02 -24.24 -2.84
C GLN F 40 -10.01 -23.94 -1.72
N LYS F 41 -11.12 -24.67 -1.69
CA LYS F 41 -12.21 -24.36 -0.75
C LYS F 41 -12.10 -25.10 0.56
N ILE F 42 -11.67 -24.39 1.60
CA ILE F 42 -11.79 -24.86 2.97
C ILE F 42 -12.44 -23.75 3.82
N ASP F 43 -13.48 -24.10 4.57
CA ASP F 43 -14.07 -23.17 5.55
C ASP F 43 -13.21 -23.23 6.80
N LEU F 44 -12.32 -22.24 6.94
CA LEU F 44 -11.33 -22.20 8.03
C LEU F 44 -11.91 -21.60 9.29
N PRO F 45 -11.60 -22.20 10.45
CA PRO F 45 -12.04 -21.64 11.73
C PRO F 45 -11.15 -20.46 12.14
N GLU F 46 -11.76 -19.43 12.70
CA GLU F 46 -11.05 -18.19 13.03
C GLU F 46 -11.16 -17.89 14.52
N TYR F 47 -10.06 -17.46 15.13
CA TYR F 47 -10.08 -17.05 16.54
C TYR F 47 -10.81 -15.72 16.72
N GLN F 48 -11.20 -15.43 17.95
CA GLN F 48 -11.65 -14.10 18.35
C GLN F 48 -10.43 -13.29 18.77
N GLY F 49 -10.47 -11.99 18.50
CA GLY F 49 -9.41 -11.10 18.96
C GLY F 49 -9.14 -9.95 18.02
N GLU F 50 -7.87 -9.80 17.65
CA GLU F 50 -7.38 -8.66 16.86
C GLU F 50 -7.22 -9.06 15.39
N PRO F 51 -7.71 -8.20 14.47
CA PRO F 51 -7.64 -8.47 13.03
C PRO F 51 -6.30 -9.04 12.53
N ASP F 52 -5.20 -8.53 13.05
CA ASP F 52 -3.87 -9.05 12.71
C ASP F 52 -3.69 -10.48 13.20
N GLU F 53 -3.93 -10.69 14.49
CA GLU F 53 -3.71 -11.99 15.09
C GLU F 53 -4.64 -13.07 14.52
N ILE F 54 -5.83 -12.68 14.07
CA ILE F 54 -6.77 -13.65 13.51
C ILE F 54 -6.24 -14.12 12.15
N SER F 55 -5.73 -13.19 11.37
CA SER F 55 -5.21 -13.51 10.03
C SER F 55 -3.94 -14.36 10.12
N ILE F 56 -3.02 -13.96 11.00
CA ILE F 56 -1.80 -14.75 11.27
C ILE F 56 -2.15 -16.20 11.58
N GLN F 57 -3.05 -16.41 12.54
CA GLN F 57 -3.44 -17.76 12.97
C GLN F 57 -4.17 -18.51 11.87
N LYS F 58 -5.11 -17.83 11.22
CA LYS F 58 -5.85 -18.39 10.08
C LYS F 58 -4.91 -18.92 8.99
N CYS F 59 -3.80 -18.22 8.77
CA CYS F 59 -2.82 -18.62 7.76
C CYS F 59 -2.04 -19.87 8.20
N GLN F 60 -1.66 -19.91 9.47
CA GLN F 60 -0.95 -21.07 10.01
C GLN F 60 -1.84 -22.31 9.93
N GLU F 61 -3.14 -22.12 10.15
CA GLU F 61 -4.12 -23.20 10.05
C GLU F 61 -4.21 -23.78 8.63
N ALA F 62 -4.18 -22.92 7.62
CA ALA F 62 -4.24 -23.36 6.22
C ALA F 62 -2.95 -24.04 5.81
N VAL F 63 -1.83 -23.53 6.32
CA VAL F 63 -0.53 -24.17 6.12
C VAL F 63 -0.55 -25.62 6.62
N ARG F 64 -1.13 -25.84 7.79
CA ARG F 64 -1.28 -27.19 8.35
C ARG F 64 -2.13 -28.11 7.48
N GLN F 65 -3.07 -27.54 6.73
CA GLN F 65 -4.02 -28.32 5.91
C GLN F 65 -3.71 -28.35 4.41
N VAL F 66 -2.87 -27.44 3.92
CA VAL F 66 -2.66 -27.26 2.47
C VAL F 66 -1.24 -27.56 1.96
N GLN F 67 -0.24 -27.50 2.84
CA GLN F 67 1.13 -27.97 2.53
C GLN F 67 2.08 -26.89 1.97
N GLY F 68 1.87 -26.51 0.70
CA GLY F 68 2.74 -25.52 0.04
C GLY F 68 2.44 -24.09 0.43
N PRO F 69 2.85 -23.11 -0.40
CA PRO F 69 2.56 -21.68 -0.17
C PRO F 69 1.06 -21.42 -0.10
N VAL F 70 0.65 -20.50 0.76
CA VAL F 70 -0.77 -20.30 1.03
C VAL F 70 -1.12 -18.84 1.30
N LEU F 71 -2.23 -18.40 0.70
CA LEU F 71 -2.80 -17.08 0.96
C LEU F 71 -4.17 -17.27 1.59
N VAL F 72 -4.49 -16.46 2.60
CA VAL F 72 -5.85 -16.38 3.15
C VAL F 72 -6.21 -14.91 3.25
N GLU F 73 -7.43 -14.61 3.67
CA GLU F 73 -7.87 -13.21 3.85
C GLU F 73 -9.03 -13.04 4.83
N ASP F 74 -9.02 -11.93 5.55
CA ASP F 74 -10.06 -11.60 6.55
C ASP F 74 -10.53 -10.16 6.39
N THR F 75 -11.81 -10.01 6.08
CA THR F 75 -12.41 -8.69 5.95
C THR F 75 -13.16 -8.36 7.24
N CYS F 76 -13.16 -7.06 7.56
CA CYS F 76 -13.89 -6.56 8.72
C CYS F 76 -14.76 -5.39 8.29
N LEU F 77 -15.85 -5.18 8.99
CA LEU F 77 -16.65 -3.97 8.85
C LEU F 77 -16.73 -3.40 10.25
N CYS F 78 -16.21 -2.19 10.41
CA CYS F 78 -16.01 -1.60 11.72
C CYS F 78 -16.77 -0.30 11.88
N PHE F 79 -17.74 -0.29 12.79
CA PHE F 79 -18.52 0.89 13.11
C PHE F 79 -17.86 1.64 14.23
N ASN F 80 -17.40 2.86 13.96
CA ASN F 80 -16.71 3.68 14.97
C ASN F 80 -17.54 3.93 16.22
N ALA F 81 -18.87 4.07 16.06
CA ALA F 81 -19.80 4.22 17.19
C ALA F 81 -19.81 3.03 18.15
N LEU F 82 -19.48 1.84 17.64
CA LEU F 82 -19.39 0.64 18.46
C LEU F 82 -17.93 0.27 18.80
N GLY F 83 -17.04 1.26 18.77
CA GLY F 83 -15.62 1.05 19.05
C GLY F 83 -14.91 0.10 18.10
N GLY F 84 -15.36 0.08 16.85
CA GLY F 84 -14.75 -0.75 15.82
C GLY F 84 -15.47 -2.06 15.56
N LEU F 85 -16.48 -2.37 16.38
CA LEU F 85 -17.28 -3.57 16.18
C LEU F 85 -18.33 -3.35 15.10
N PRO F 86 -18.93 -4.41 14.56
CA PRO F 86 -18.65 -5.84 14.81
C PRO F 86 -17.26 -6.30 14.36
N GLY F 87 -16.63 -5.49 13.50
CA GLY F 87 -15.26 -5.74 13.06
C GLY F 87 -15.07 -7.17 12.57
N PRO F 88 -14.20 -7.93 13.25
CA PRO F 88 -13.89 -9.28 12.79
C PRO F 88 -15.06 -10.28 12.96
N TYR F 89 -16.13 -9.83 13.59
CA TYR F 89 -17.32 -10.66 13.76
C TYR F 89 -18.46 -10.19 12.85
N ILE F 90 -18.14 -9.46 11.79
CA ILE F 90 -19.14 -8.96 10.83
C ILE F 90 -19.95 -10.07 10.15
N LYS F 91 -19.29 -11.20 9.86
CA LYS F 91 -19.94 -12.33 9.22
C LYS F 91 -21.19 -12.75 9.97
N TRP F 92 -21.10 -12.78 11.29
CA TRP F 92 -22.16 -13.36 12.13
C TRP F 92 -23.34 -12.40 12.33
N PHE F 93 -23.03 -11.11 12.42
CA PHE F 93 -24.06 -10.09 12.53
C PHE F 93 -24.82 -10.00 11.22
N LEU F 94 -24.07 -9.91 10.12
CA LEU F 94 -24.64 -9.93 8.77
C LEU F 94 -25.58 -11.13 8.52
N GLU F 95 -25.22 -12.29 9.04
CA GLU F 95 -26.00 -13.51 8.85
C GLU F 95 -27.40 -13.37 9.45
N LYS F 96 -27.46 -12.84 10.66
CA LYS F 96 -28.73 -12.68 11.38
C LYS F 96 -29.47 -11.39 10.98
N LEU F 97 -28.73 -10.31 10.75
CA LEU F 97 -29.31 -8.98 10.56
C LEU F 97 -29.59 -8.54 9.12
N LYS F 98 -28.82 -9.03 8.16
CA LYS F 98 -28.85 -8.51 6.79
C LYS F 98 -28.34 -7.06 6.78
N PRO F 99 -28.14 -6.47 5.59
CA PRO F 99 -27.85 -5.04 5.54
C PRO F 99 -28.86 -4.15 6.27
N GLU F 100 -30.16 -4.38 6.10
CA GLU F 100 -31.18 -3.61 6.83
C GLU F 100 -30.91 -3.58 8.35
N GLY F 101 -30.66 -4.77 8.92
CA GLY F 101 -30.38 -4.91 10.34
C GLY F 101 -29.06 -4.30 10.78
N LEU F 102 -28.01 -4.41 9.95
CA LEU F 102 -26.72 -3.79 10.29
C LEU F 102 -26.85 -2.27 10.40
N HIS F 103 -27.66 -1.68 9.54
CA HIS F 103 -28.00 -0.27 9.62
C HIS F 103 -28.97 0.07 10.77
N GLN F 104 -29.92 -0.82 11.06
CA GLN F 104 -30.77 -0.66 12.25
C GLN F 104 -29.91 -0.61 13.52
N LEU F 105 -28.83 -1.39 13.52
CA LEU F 105 -27.97 -1.56 14.68
C LEU F 105 -27.35 -0.25 15.20
N LEU F 106 -27.33 0.79 14.36
CA LEU F 106 -26.86 2.13 14.76
C LEU F 106 -28.00 3.16 14.89
N ALA F 107 -29.24 2.69 14.96
CA ALA F 107 -30.39 3.60 15.04
C ALA F 107 -30.25 4.59 16.18
N GLY F 108 -29.67 4.14 17.28
CA GLY F 108 -29.53 4.97 18.47
C GLY F 108 -28.22 5.73 18.60
N PHE F 109 -27.35 5.60 17.61
CA PHE F 109 -26.04 6.23 17.66
C PHE F 109 -25.94 7.36 16.63
N GLU F 110 -25.43 8.52 17.07
CA GLU F 110 -25.15 9.64 16.18
C GLU F 110 -24.11 9.32 15.12
N ASP F 111 -23.07 8.60 15.51
CA ASP F 111 -21.95 8.30 14.60
C ASP F 111 -22.26 7.10 13.70
N LYS F 112 -22.36 7.37 12.40
CA LYS F 112 -22.68 6.36 11.41
C LYS F 112 -21.45 5.99 10.59
N SER F 113 -20.31 6.62 10.87
CA SER F 113 -19.11 6.32 10.10
C SER F 113 -18.56 4.94 10.42
N ALA F 114 -17.76 4.43 9.51
CA ALA F 114 -17.14 3.14 9.66
C ALA F 114 -15.94 3.05 8.75
N TYR F 115 -15.18 1.96 8.90
CA TYR F 115 -14.16 1.60 7.91
C TYR F 115 -14.26 0.11 7.57
N ALA F 116 -14.07 -0.20 6.29
CA ALA F 116 -13.90 -1.58 5.88
C ALA F 116 -12.40 -1.87 5.89
N LEU F 117 -12.00 -2.92 6.61
CA LEU F 117 -10.59 -3.31 6.71
C LEU F 117 -10.42 -4.66 6.07
N CYS F 118 -9.46 -4.76 5.16
CA CYS F 118 -9.14 -6.01 4.48
C CYS F 118 -7.68 -6.39 4.72
N THR F 119 -7.48 -7.57 5.27
CA THR F 119 -6.14 -8.07 5.58
C THR F 119 -5.91 -9.41 4.91
N PHE F 120 -4.92 -9.44 4.01
CA PHE F 120 -4.41 -10.68 3.42
C PHE F 120 -3.22 -11.20 4.24
N ALA F 121 -3.04 -12.52 4.24
CA ALA F 121 -1.92 -13.16 4.94
C ALA F 121 -1.28 -14.27 4.09
N LEU F 122 0.01 -14.12 3.80
CA LEU F 122 0.73 -15.06 2.96
C LEU F 122 1.83 -15.80 3.74
N SER F 123 2.00 -17.09 3.43
CA SER F 123 3.01 -17.96 4.04
C SER F 123 3.72 -18.78 2.97
N THR F 124 4.84 -19.42 3.33
CA THR F 124 5.71 -20.04 2.33
C THR F 124 5.35 -21.44 1.76
N GLY F 125 4.81 -22.40 2.52
CA GLY F 125 4.54 -22.33 3.94
C GLY F 125 5.35 -23.34 4.75
N ASP F 126 6.60 -22.95 5.02
CA ASP F 126 7.41 -23.56 6.05
C ASP F 126 7.10 -22.81 7.33
N PRO F 127 6.43 -23.46 8.31
CA PRO F 127 6.32 -22.78 9.60
C PRO F 127 7.69 -22.53 10.23
N SER F 128 7.72 -21.81 11.35
CA SER F 128 8.96 -21.22 11.89
C SER F 128 9.57 -20.28 10.84
N GLN F 129 8.69 -19.63 10.09
CA GLN F 129 9.06 -18.65 9.08
C GLN F 129 7.82 -17.75 8.93
N PRO F 130 7.85 -16.54 9.53
CA PRO F 130 6.71 -15.64 9.72
C PRO F 130 5.71 -15.53 8.58
N VAL F 131 4.48 -15.16 8.94
CA VAL F 131 3.42 -14.86 7.98
C VAL F 131 3.48 -13.38 7.69
N ARG F 132 3.43 -13.02 6.41
CA ARG F 132 3.47 -11.60 6.04
C ARG F 132 2.06 -11.14 5.74
N LEU F 133 1.67 -10.03 6.36
CA LEU F 133 0.33 -9.47 6.22
C LEU F 133 0.30 -8.27 5.29
N PHE F 134 -0.73 -8.21 4.45
CA PHE F 134 -0.96 -7.05 3.59
C PHE F 134 -2.32 -6.45 3.90
N ARG F 135 -2.32 -5.17 4.29
CA ARG F 135 -3.52 -4.47 4.77
C ARG F 135 -4.05 -3.49 3.73
N GLY F 136 -5.34 -3.22 3.83
CA GLY F 136 -5.97 -2.15 3.08
C GLY F 136 -7.24 -1.76 3.81
N ARG F 137 -7.45 -0.47 4.03
CA ARG F 137 -8.64 0.00 4.75
C ARG F 137 -9.34 1.08 3.94
N THR F 138 -10.67 1.09 3.98
CA THR F 138 -11.44 2.10 3.25
C THR F 138 -12.47 2.70 4.18
N SER F 139 -12.56 4.02 4.20
CA SER F 139 -13.46 4.73 5.10
C SER F 139 -14.76 5.04 4.41
N GLY F 140 -15.85 5.03 5.17
CA GLY F 140 -17.17 5.38 4.66
C GLY F 140 -18.16 5.59 5.80
N ARG F 141 -19.43 5.30 5.52
CA ARG F 141 -20.48 5.31 6.55
C ARG F 141 -21.61 4.35 6.23
N ILE F 142 -22.35 3.97 7.27
CA ILE F 142 -23.40 2.97 7.18
C ILE F 142 -24.74 3.64 6.94
N VAL F 143 -25.35 3.30 5.81
CA VAL F 143 -26.60 3.94 5.38
C VAL F 143 -27.71 2.91 5.28
N ALA F 144 -28.91 3.35 4.98
CA ALA F 144 -29.97 2.42 4.61
C ALA F 144 -29.47 1.65 3.38
N PRO F 145 -29.76 0.34 3.30
CA PRO F 145 -29.32 -0.45 2.14
C PRO F 145 -29.75 0.12 0.80
N ARG F 146 -28.77 0.32 -0.08
CA ARG F 146 -28.98 0.78 -1.44
C ARG F 146 -28.21 -0.15 -2.40
N GLY F 147 -28.78 -0.41 -3.57
CA GLY F 147 -28.09 -1.22 -4.58
C GLY F 147 -28.52 -2.67 -4.55
N CYS F 148 -28.52 -3.30 -5.72
CA CYS F 148 -29.09 -4.64 -5.87
C CYS F 148 -28.08 -5.78 -5.89
N GLN F 149 -26.78 -5.46 -5.90
CA GLN F 149 -25.75 -6.49 -6.01
C GLN F 149 -25.53 -7.17 -4.65
N ASP F 150 -26.09 -8.37 -4.53
CA ASP F 150 -25.93 -9.17 -3.32
C ASP F 150 -24.49 -9.56 -3.18
N PHE F 151 -23.80 -8.87 -2.28
CA PHE F 151 -22.55 -9.36 -1.72
C PHE F 151 -22.53 -8.88 -0.29
N GLY F 152 -22.98 -9.74 0.62
CA GLY F 152 -22.90 -9.46 2.04
C GLY F 152 -23.32 -8.04 2.38
N TRP F 153 -22.42 -7.30 3.02
CA TRP F 153 -22.74 -5.98 3.58
C TRP F 153 -22.64 -4.79 2.62
N ASP F 154 -22.27 -5.04 1.36
CA ASP F 154 -22.05 -3.97 0.36
C ASP F 154 -23.14 -2.90 0.28
N PRO F 155 -24.41 -3.32 0.28
CA PRO F 155 -25.47 -2.34 0.12
C PRO F 155 -25.57 -1.27 1.21
N CYS F 156 -25.07 -1.56 2.41
CA CYS F 156 -25.22 -0.64 3.53
C CYS F 156 -24.03 0.29 3.75
N PHE F 157 -22.97 0.13 2.96
CA PHE F 157 -21.74 0.89 3.14
C PHE F 157 -21.52 1.87 1.99
N GLN F 158 -21.38 3.16 2.31
CA GLN F 158 -21.08 4.18 1.31
C GLN F 158 -19.70 4.79 1.58
N PRO F 159 -18.71 4.49 0.71
CA PRO F 159 -17.34 4.91 0.98
C PRO F 159 -17.17 6.41 0.81
N ASP F 160 -16.36 7.02 1.67
CA ASP F 160 -16.09 8.45 1.58
C ASP F 160 -15.50 8.78 0.21
N GLY F 161 -15.89 9.94 -0.34
CA GLY F 161 -15.40 10.38 -1.64
C GLY F 161 -16.27 9.97 -2.82
N TYR F 162 -17.34 9.21 -2.55
CA TYR F 162 -18.22 8.71 -3.59
C TYR F 162 -19.67 8.78 -3.12
N GLU F 163 -20.60 8.92 -4.06
CA GLU F 163 -22.01 9.15 -3.70
C GLU F 163 -22.90 7.92 -3.70
N GLN F 164 -22.37 6.80 -4.15
CA GLN F 164 -23.12 5.56 -4.10
C GLN F 164 -22.44 4.49 -3.24
N THR F 165 -23.24 3.52 -2.80
CA THR F 165 -22.75 2.39 -1.99
C THR F 165 -22.02 1.39 -2.86
N TYR F 166 -21.29 0.47 -2.24
CA TYR F 166 -20.60 -0.57 -3.00
C TYR F 166 -21.57 -1.38 -3.91
N ALA F 167 -22.77 -1.66 -3.41
CA ALA F 167 -23.75 -2.41 -4.19
C ALA F 167 -24.30 -1.61 -5.38
N GLU F 168 -24.24 -0.29 -5.31
CA GLU F 168 -24.70 0.57 -6.41
C GLU F 168 -23.66 0.70 -7.52
N MET F 169 -22.39 0.72 -7.13
CA MET F 169 -21.27 0.81 -8.06
C MET F 169 -21.19 -0.43 -8.95
N PRO F 170 -20.83 -0.25 -10.23
CA PRO F 170 -20.47 -1.41 -11.04
C PRO F 170 -19.31 -2.16 -10.37
N LYS F 171 -19.14 -3.43 -10.71
CA LYS F 171 -18.11 -4.24 -10.07
C LYS F 171 -16.72 -3.68 -10.36
N ALA F 172 -16.52 -3.17 -11.58
CA ALA F 172 -15.24 -2.58 -11.98
C ALA F 172 -14.87 -1.29 -11.23
N GLU F 173 -15.87 -0.56 -10.73
CA GLU F 173 -15.61 0.65 -9.93
C GLU F 173 -15.25 0.26 -8.49
N LYS F 174 -16.02 -0.67 -7.93
CA LYS F 174 -15.75 -1.19 -6.58
C LYS F 174 -14.34 -1.78 -6.51
N ASN F 175 -14.00 -2.59 -7.52
CA ASN F 175 -12.67 -3.18 -7.63
C ASN F 175 -11.53 -2.18 -7.83
N ALA F 176 -11.84 -0.87 -7.89
CA ALA F 176 -10.81 0.17 -8.05
C ALA F 176 -10.75 1.17 -6.88
N VAL F 177 -11.57 0.94 -5.85
CA VAL F 177 -11.61 1.83 -4.69
C VAL F 177 -11.78 1.12 -3.35
N SER F 178 -11.99 -0.20 -3.38
CA SER F 178 -12.46 -0.93 -2.21
C SER F 178 -11.34 -1.28 -1.26
N HIS F 179 -11.71 -1.57 -0.03
CA HIS F 179 -10.79 -2.15 0.95
C HIS F 179 -9.96 -3.27 0.34
N ARG F 180 -10.58 -4.13 -0.46
CA ARG F 180 -9.90 -5.28 -1.05
C ARG F 180 -8.92 -4.88 -2.15
N PHE F 181 -9.30 -3.90 -2.96
CA PHE F 181 -8.39 -3.31 -3.95
C PHE F 181 -7.12 -2.72 -3.29
N ARG F 182 -7.29 -2.06 -2.14
CA ARG F 182 -6.17 -1.43 -1.41
C ARG F 182 -5.23 -2.47 -0.82
N ALA F 183 -5.78 -3.58 -0.34
CA ALA F 183 -4.95 -4.64 0.26
C ALA F 183 -4.10 -5.31 -0.79
N LEU F 184 -4.69 -5.56 -1.97
CA LEU F 184 -3.99 -6.16 -3.08
C LEU F 184 -3.00 -5.20 -3.75
N LEU F 185 -3.07 -3.92 -3.41
CA LEU F 185 -2.11 -2.96 -3.92
C LEU F 185 -0.80 -3.10 -3.15
N GLU F 186 -0.88 -3.17 -1.82
CA GLU F 186 0.29 -3.48 -0.98
C GLU F 186 0.97 -4.79 -1.40
N LEU F 187 0.16 -5.85 -1.54
CA LEU F 187 0.66 -7.15 -1.98
C LEU F 187 1.38 -7.03 -3.32
N GLN F 188 0.77 -6.34 -4.27
CA GLN F 188 1.36 -6.13 -5.59
C GLN F 188 2.55 -5.17 -5.57
N GLU F 189 2.54 -4.20 -4.65
CA GLU F 189 3.68 -3.30 -4.45
C GLU F 189 4.87 -4.01 -3.78
N TYR F 190 4.57 -5.04 -2.98
CA TYR F 190 5.60 -5.88 -2.34
C TYR F 190 6.37 -6.71 -3.37
N PHE F 191 5.63 -7.55 -4.10
CA PHE F 191 6.17 -8.14 -5.32
C PHE F 191 6.32 -6.97 -6.29
N GLY F 192 7.34 -6.97 -7.12
CA GLY F 192 7.57 -5.82 -7.99
C GLY F 192 8.23 -4.66 -7.27
N SER F 193 8.73 -4.90 -6.06
CA SER F 193 9.83 -4.13 -5.51
C SER F 193 11.11 -4.71 -6.12
N LEU F 194 11.01 -5.98 -6.52
CA LEU F 194 12.05 -6.72 -7.23
C LEU F 194 12.40 -6.06 -8.56
N ALA F 195 13.64 -6.23 -8.99
CA ALA F 195 14.09 -5.74 -10.29
C ALA F 195 13.58 -6.66 -11.39
N SER G 2 -19.81 -42.30 32.93
CA SER G 2 -18.67 -42.95 33.65
C SER G 2 -17.49 -42.00 33.78
N MET G 3 -17.76 -40.79 34.26
CA MET G 3 -16.72 -39.79 34.47
C MET G 3 -16.75 -39.24 35.90
N ALA G 4 -17.94 -38.88 36.38
CA ALA G 4 -18.15 -38.38 37.75
C ALA G 4 -17.46 -39.23 38.81
N ALA G 5 -17.51 -40.56 38.65
CA ALA G 5 -16.87 -41.50 39.58
C ALA G 5 -15.36 -41.31 39.67
N SER G 6 -14.71 -41.15 38.53
CA SER G 6 -13.26 -40.90 38.46
C SER G 6 -12.88 -39.67 39.29
N LEU G 7 -13.64 -38.60 39.10
CA LEU G 7 -13.30 -37.30 39.66
C LEU G 7 -13.73 -37.09 41.12
N VAL G 8 -14.40 -38.07 41.73
CA VAL G 8 -14.82 -37.94 43.13
C VAL G 8 -13.60 -37.79 44.05
N GLY G 9 -13.66 -36.82 44.95
CA GLY G 9 -12.57 -36.54 45.90
C GLY G 9 -11.28 -36.10 45.25
N LYS G 10 -11.38 -35.52 44.05
CA LYS G 10 -10.21 -35.14 43.25
C LYS G 10 -10.11 -33.62 43.09
N LYS G 11 -8.91 -33.16 42.77
CA LYS G 11 -8.65 -31.73 42.51
C LYS G 11 -8.95 -31.41 41.03
N ILE G 12 -9.77 -30.39 40.80
CA ILE G 12 -10.13 -29.96 39.45
C ILE G 12 -9.79 -28.48 39.27
N VAL G 13 -8.87 -28.18 38.37
CA VAL G 13 -8.42 -26.80 38.17
C VAL G 13 -9.46 -26.03 37.36
N PHE G 14 -10.12 -25.09 38.02
CA PHE G 14 -11.03 -24.16 37.35
C PHE G 14 -10.16 -23.06 36.76
N VAL G 15 -10.06 -23.03 35.43
CA VAL G 15 -9.18 -22.08 34.76
C VAL G 15 -9.97 -20.86 34.29
N THR G 16 -9.72 -19.72 34.94
CA THR G 16 -10.46 -18.50 34.66
C THR G 16 -9.72 -17.27 35.22
N GLY G 17 -9.83 -16.15 34.51
CA GLY G 17 -9.19 -14.91 34.93
C GLY G 17 -10.17 -13.85 35.42
N ASN G 18 -11.36 -14.30 35.84
CA ASN G 18 -12.48 -13.42 36.18
C ASN G 18 -12.84 -13.54 37.65
N ALA G 19 -12.35 -12.60 38.46
CA ALA G 19 -12.48 -12.63 39.92
C ALA G 19 -13.93 -12.64 40.42
N LYS G 20 -14.79 -11.87 39.75
CA LYS G 20 -16.21 -11.80 40.11
C LYS G 20 -16.95 -13.10 39.78
N LYS G 21 -16.66 -13.66 38.61
CA LYS G 21 -17.21 -14.96 38.21
C LYS G 21 -16.77 -16.08 39.16
N LEU G 22 -15.49 -16.09 39.53
CA LEU G 22 -14.93 -17.11 40.43
C LEU G 22 -15.64 -17.16 41.78
N GLU G 23 -15.90 -15.99 42.37
CA GLU G 23 -16.54 -15.92 43.67
C GLU G 23 -17.99 -16.42 43.63
N GLU G 24 -18.69 -16.14 42.54
CA GLU G 24 -20.04 -16.65 42.38
C GLU G 24 -20.08 -18.17 42.36
N VAL G 25 -19.10 -18.81 41.72
CA VAL G 25 -19.06 -20.28 41.67
C VAL G 25 -18.79 -20.86 43.06
N VAL G 26 -17.77 -20.30 43.72
CA VAL G 26 -17.39 -20.71 45.08
C VAL G 26 -18.53 -20.52 46.08
N GLN G 27 -19.37 -19.51 45.85
CA GLN G 27 -20.55 -19.26 46.69
C GLN G 27 -21.69 -20.24 46.39
N ILE G 28 -21.92 -20.49 45.10
CA ILE G 28 -23.03 -21.33 44.66
C ILE G 28 -22.76 -22.79 44.98
N LEU G 29 -21.55 -23.26 44.69
CA LEU G 29 -21.10 -24.58 45.16
C LEU G 29 -20.52 -24.44 46.56
N GLY G 30 -21.35 -24.69 47.57
CA GLY G 30 -20.93 -24.50 48.95
C GLY G 30 -20.00 -25.57 49.48
N ASP G 31 -20.04 -25.79 50.79
CA ASP G 31 -19.21 -26.79 51.46
C ASP G 31 -19.46 -28.20 50.96
N LYS G 32 -20.64 -28.45 50.39
CA LYS G 32 -20.96 -29.73 49.78
C LYS G 32 -20.65 -29.71 48.30
N PHE G 33 -19.47 -30.22 47.95
CA PHE G 33 -19.14 -30.56 46.57
C PHE G 33 -18.14 -31.71 46.62
N PRO G 34 -18.49 -32.85 46.01
CA PRO G 34 -17.62 -34.04 46.03
C PRO G 34 -16.16 -33.74 45.69
N CYS G 35 -15.95 -32.89 44.68
CA CYS G 35 -14.61 -32.56 44.21
C CYS G 35 -14.07 -31.30 44.87
N THR G 36 -12.78 -31.05 44.67
CA THR G 36 -12.10 -29.84 45.18
C THR G 36 -11.76 -28.91 44.02
N LEU G 37 -12.19 -27.65 44.10
CA LEU G 37 -11.88 -26.65 43.07
C LEU G 37 -10.69 -25.79 43.46
N VAL G 38 -9.86 -25.47 42.47
CA VAL G 38 -8.70 -24.60 42.65
C VAL G 38 -8.60 -23.69 41.43
N ALA G 39 -8.53 -22.38 41.66
CA ALA G 39 -8.52 -21.42 40.56
C ALA G 39 -7.12 -21.29 39.97
N GLN G 40 -7.05 -20.93 38.68
CA GLN G 40 -5.78 -20.64 38.00
C GLN G 40 -6.00 -19.67 36.84
N LYS G 41 -5.35 -18.51 36.91
CA LYS G 41 -5.51 -17.46 35.90
C LYS G 41 -4.73 -17.76 34.62
N ILE G 42 -5.46 -18.20 33.59
CA ILE G 42 -4.94 -18.24 32.22
C ILE G 42 -5.99 -17.62 31.29
N ASP G 43 -5.57 -16.61 30.53
CA ASP G 43 -6.43 -15.98 29.54
C ASP G 43 -6.38 -16.86 28.28
N LEU G 44 -7.35 -17.79 28.15
CA LEU G 44 -7.36 -18.76 27.05
C LEU G 44 -7.89 -18.13 25.77
N PRO G 45 -7.35 -18.52 24.61
CA PRO G 45 -7.87 -18.06 23.33
C PRO G 45 -9.16 -18.78 22.95
N GLU G 46 -10.17 -18.01 22.53
CA GLU G 46 -11.50 -18.55 22.19
C GLU G 46 -11.82 -18.39 20.70
N TYR G 47 -12.33 -19.47 20.09
CA TYR G 47 -12.71 -19.46 18.69
C TYR G 47 -14.03 -18.70 18.47
N GLN G 48 -14.22 -18.23 17.24
CA GLN G 48 -15.53 -17.75 16.80
C GLN G 48 -16.37 -19.00 16.52
N GLY G 49 -17.67 -18.91 16.75
CA GLY G 49 -18.58 -20.00 16.41
C GLY G 49 -19.80 -20.08 17.30
N GLU G 50 -20.42 -21.26 17.33
CA GLU G 50 -21.57 -21.53 18.18
C GLU G 50 -21.11 -21.79 19.62
N PRO G 51 -21.89 -21.32 20.63
CA PRO G 51 -21.55 -21.39 22.06
C PRO G 51 -20.97 -22.72 22.56
N ASP G 52 -21.54 -23.84 22.12
CA ASP G 52 -21.07 -25.16 22.56
C ASP G 52 -19.66 -25.46 22.02
N GLU G 53 -19.47 -25.25 20.72
CA GLU G 53 -18.19 -25.52 20.10
C GLU G 53 -17.07 -24.62 20.60
N ILE G 54 -17.41 -23.42 21.06
CA ILE G 54 -16.43 -22.51 21.67
C ILE G 54 -15.95 -23.08 23.00
N SER G 55 -16.88 -23.60 23.80
CA SER G 55 -16.53 -24.11 25.13
C SER G 55 -15.76 -25.42 25.06
N ILE G 56 -16.20 -26.36 24.22
CA ILE G 56 -15.48 -27.63 24.01
C ILE G 56 -14.03 -27.40 23.62
N GLN G 57 -13.81 -26.46 22.70
CA GLN G 57 -12.47 -26.07 22.27
C GLN G 57 -11.68 -25.39 23.38
N LYS G 58 -12.34 -24.46 24.08
CA LYS G 58 -11.71 -23.72 25.18
C LYS G 58 -11.23 -24.66 26.28
N CYS G 59 -12.05 -25.67 26.56
CA CYS G 59 -11.73 -26.69 27.54
C CYS G 59 -10.54 -27.56 27.09
N GLN G 60 -10.57 -28.01 25.84
CA GLN G 60 -9.48 -28.80 25.28
C GLN G 60 -8.18 -28.01 25.29
N GLU G 61 -8.29 -26.70 25.10
CA GLU G 61 -7.13 -25.80 25.17
C GLU G 61 -6.60 -25.73 26.59
N ALA G 62 -7.50 -25.75 27.58
CA ALA G 62 -7.09 -25.78 28.98
C ALA G 62 -6.38 -27.09 29.30
N VAL G 63 -6.99 -28.20 28.87
CA VAL G 63 -6.41 -29.54 29.04
C VAL G 63 -4.97 -29.63 28.55
N ARG G 64 -4.69 -29.04 27.38
CA ARG G 64 -3.34 -29.09 26.81
C ARG G 64 -2.36 -28.13 27.51
N GLN G 65 -2.86 -27.25 28.37
CA GLN G 65 -2.01 -26.38 29.19
C GLN G 65 -1.89 -26.85 30.65
N VAL G 66 -3.01 -27.22 31.25
CA VAL G 66 -3.03 -27.61 32.67
C VAL G 66 -2.65 -29.08 32.88
N GLN G 67 -3.04 -29.93 31.92
CA GLN G 67 -2.64 -31.36 31.85
C GLN G 67 -3.51 -32.30 32.72
N GLY G 68 -3.82 -31.89 33.95
CA GLY G 68 -4.72 -32.66 34.82
C GLY G 68 -6.18 -32.45 34.48
N PRO G 69 -7.10 -32.85 35.37
CA PRO G 69 -8.53 -32.58 35.18
C PRO G 69 -8.87 -31.09 35.35
N VAL G 70 -9.79 -30.59 34.52
CA VAL G 70 -9.96 -29.14 34.36
C VAL G 70 -11.41 -28.72 34.08
N LEU G 71 -11.73 -27.47 34.44
CA LEU G 71 -13.06 -26.88 34.22
C LEU G 71 -12.92 -25.48 33.67
N VAL G 72 -13.78 -25.14 32.71
CA VAL G 72 -13.82 -23.80 32.13
C VAL G 72 -15.27 -23.38 31.96
N GLU G 73 -15.52 -22.10 31.68
CA GLU G 73 -16.88 -21.68 31.36
C GLU G 73 -16.97 -20.38 30.59
N ASP G 74 -18.01 -20.27 29.76
CA ASP G 74 -18.29 -19.09 28.96
C ASP G 74 -19.71 -18.65 29.26
N THR G 75 -19.95 -17.36 29.14
CA THR G 75 -21.27 -16.79 29.37
C THR G 75 -21.66 -15.85 28.23
N CYS G 76 -22.68 -16.24 27.48
CA CYS G 76 -23.20 -15.45 26.37
C CYS G 76 -24.38 -14.61 26.83
N LEU G 77 -24.44 -13.36 26.35
CA LEU G 77 -25.62 -12.52 26.51
C LEU G 77 -26.25 -12.33 25.12
N CYS G 78 -27.45 -12.87 24.93
CA CYS G 78 -28.05 -13.03 23.62
C CYS G 78 -29.31 -12.21 23.47
N PHE G 79 -29.29 -11.25 22.55
CA PHE G 79 -30.47 -10.42 22.29
C PHE G 79 -31.27 -11.06 21.17
N ASN G 80 -32.55 -11.27 21.37
CA ASN G 80 -33.38 -11.94 20.37
C ASN G 80 -33.60 -11.10 19.12
N ALA G 81 -33.69 -9.77 19.27
CA ALA G 81 -33.79 -8.87 18.14
C ALA G 81 -32.60 -9.02 17.20
N LEU G 82 -31.44 -9.33 17.76
CA LEU G 82 -30.20 -9.49 17.00
C LEU G 82 -29.85 -10.96 16.74
N GLY G 83 -30.86 -11.83 16.68
CA GLY G 83 -30.64 -13.24 16.35
C GLY G 83 -29.88 -14.06 17.40
N GLY G 84 -29.72 -13.50 18.60
CA GLY G 84 -28.97 -14.16 19.66
C GLY G 84 -27.57 -13.61 19.83
N LEU G 85 -27.18 -12.70 18.95
CA LEU G 85 -25.94 -11.93 19.13
C LEU G 85 -26.26 -10.83 20.14
N PRO G 86 -25.23 -10.22 20.75
CA PRO G 86 -23.79 -10.44 20.57
C PRO G 86 -23.31 -11.80 21.08
N GLY G 87 -24.14 -12.48 21.88
CA GLY G 87 -23.87 -13.86 22.29
C GLY G 87 -22.49 -14.07 22.87
N PRO G 88 -21.70 -14.96 22.25
CA PRO G 88 -20.37 -15.30 22.76
C PRO G 88 -19.31 -14.21 22.59
N TYR G 89 -19.66 -13.13 21.89
CA TYR G 89 -18.75 -12.02 21.71
C TYR G 89 -19.11 -10.86 22.67
N ILE G 90 -19.83 -11.17 23.75
CA ILE G 90 -20.31 -10.13 24.68
C ILE G 90 -19.17 -9.41 25.41
N LYS G 91 -18.08 -10.12 25.69
CA LYS G 91 -16.91 -9.53 26.35
C LYS G 91 -16.40 -8.30 25.60
N TRP G 92 -16.47 -8.34 24.27
CA TRP G 92 -15.89 -7.28 23.44
C TRP G 92 -16.84 -6.10 23.38
N PHE G 93 -18.11 -6.36 23.13
CA PHE G 93 -19.13 -5.31 23.13
C PHE G 93 -19.17 -4.56 24.46
N LEU G 94 -19.10 -5.34 25.55
CA LEU G 94 -19.10 -4.79 26.92
C LEU G 94 -17.86 -3.89 27.20
N GLU G 95 -16.73 -4.27 26.61
CA GLU G 95 -15.48 -3.51 26.72
C GLU G 95 -15.55 -2.18 25.97
N LYS G 96 -16.33 -2.14 24.89
CA LYS G 96 -16.41 -0.97 24.00
C LYS G 96 -17.64 -0.09 24.26
N LEU G 97 -18.66 -0.61 24.96
CA LEU G 97 -19.95 0.10 25.10
C LEU G 97 -20.48 0.29 26.54
N LYS G 98 -20.08 -0.56 27.50
CA LYS G 98 -20.65 -0.56 28.85
C LYS G 98 -22.13 -0.96 28.75
N PRO G 99 -22.79 -1.23 29.90
CA PRO G 99 -24.23 -1.44 29.90
C PRO G 99 -25.06 -0.34 29.25
N GLU G 100 -24.67 0.92 29.40
CA GLU G 100 -25.38 2.01 28.72
C GLU G 100 -25.51 1.72 27.23
N GLY G 101 -24.38 1.42 26.60
CA GLY G 101 -24.31 1.19 25.15
C GLY G 101 -24.94 -0.10 24.63
N LEU G 102 -24.98 -1.15 25.46
CA LEU G 102 -25.64 -2.37 25.06
C LEU G 102 -27.14 -2.10 24.91
N HIS G 103 -27.67 -1.26 25.77
CA HIS G 103 -29.07 -0.89 25.72
C HIS G 103 -29.35 0.05 24.53
N GLN G 104 -28.36 0.83 24.11
CA GLN G 104 -28.49 1.66 22.91
C GLN G 104 -28.53 0.83 21.63
N LEU G 105 -27.88 -0.33 21.64
CA LEU G 105 -27.89 -1.25 20.49
C LEU G 105 -29.31 -1.61 20.03
N LEU G 106 -30.24 -1.64 20.99
CA LEU G 106 -31.62 -2.00 20.72
C LEU G 106 -32.53 -0.77 20.51
N ALA G 107 -31.93 0.39 20.28
CA ALA G 107 -32.70 1.62 20.09
C ALA G 107 -33.68 1.52 18.91
N GLY G 108 -33.28 0.80 17.87
CA GLY G 108 -34.12 0.66 16.67
C GLY G 108 -34.84 -0.67 16.56
N PHE G 109 -34.92 -1.40 17.66
CA PHE G 109 -35.63 -2.68 17.67
C PHE G 109 -36.66 -2.71 18.79
N GLU G 110 -37.91 -2.98 18.46
CA GLU G 110 -38.98 -2.96 19.46
C GLU G 110 -38.84 -4.12 20.47
N ASP G 111 -38.28 -5.25 20.02
CA ASP G 111 -38.03 -6.42 20.88
C ASP G 111 -36.75 -6.28 21.73
N LYS G 112 -36.92 -6.20 23.05
CA LYS G 112 -35.79 -6.07 23.97
C LYS G 112 -35.50 -7.38 24.70
N SER G 113 -36.20 -8.44 24.33
CA SER G 113 -36.04 -9.72 25.00
C SER G 113 -34.65 -10.28 24.75
N ALA G 114 -34.14 -11.03 25.71
CA ALA G 114 -32.82 -11.61 25.59
C ALA G 114 -32.67 -12.74 26.60
N TYR G 115 -31.62 -13.53 26.43
CA TYR G 115 -31.31 -14.58 27.39
C TYR G 115 -29.83 -14.59 27.76
N ALA G 116 -29.55 -15.05 28.98
CA ALA G 116 -28.18 -15.24 29.43
C ALA G 116 -27.87 -16.75 29.42
N LEU G 117 -26.79 -17.14 28.75
CA LEU G 117 -26.38 -18.54 28.66
C LEU G 117 -25.12 -18.74 29.47
N CYS G 118 -25.09 -19.81 30.26
CA CYS G 118 -23.89 -20.20 30.99
C CYS G 118 -23.54 -21.64 30.69
N THR G 119 -22.38 -21.85 30.06
CA THR G 119 -21.91 -23.18 29.66
C THR G 119 -20.61 -23.54 30.35
N PHE G 120 -20.69 -24.43 31.34
CA PHE G 120 -19.51 -25.02 31.96
C PHE G 120 -19.04 -26.20 31.14
N ALA G 121 -17.75 -26.48 31.18
CA ALA G 121 -17.16 -27.55 30.37
C ALA G 121 -16.07 -28.29 31.15
N LEU G 122 -16.16 -29.61 31.22
CA LEU G 122 -15.32 -30.41 32.11
C LEU G 122 -14.60 -31.52 31.34
N SER G 123 -13.36 -31.78 31.74
CA SER G 123 -12.52 -32.83 31.17
C SER G 123 -11.65 -33.46 32.25
N THR G 124 -11.20 -34.68 32.03
CA THR G 124 -10.26 -35.32 32.94
C THR G 124 -8.84 -35.07 32.45
N PRO G 130 -13.21 -37.07 26.92
CA PRO G 130 -14.17 -36.36 26.09
C PRO G 130 -14.95 -35.31 26.90
N VAL G 131 -15.02 -34.08 26.38
CA VAL G 131 -15.62 -32.96 27.10
C VAL G 131 -17.12 -33.14 27.39
N ARG G 132 -17.51 -32.87 28.65
CA ARG G 132 -18.92 -32.89 29.05
C ARG G 132 -19.35 -31.45 29.33
N LEU G 133 -20.46 -31.05 28.73
CA LEU G 133 -20.99 -29.69 28.91
C LEU G 133 -22.13 -29.65 29.92
N PHE G 134 -22.18 -28.56 30.69
CA PHE G 134 -23.27 -28.28 31.62
C PHE G 134 -23.78 -26.86 31.36
N ARG G 135 -25.07 -26.75 31.02
CA ARG G 135 -25.67 -25.49 30.55
C ARG G 135 -26.75 -24.92 31.48
N GLY G 136 -26.80 -23.60 31.53
CA GLY G 136 -27.80 -22.89 32.32
C GLY G 136 -28.27 -21.67 31.54
N ARG G 137 -29.59 -21.54 31.42
CA ARG G 137 -30.19 -20.48 30.62
C ARG G 137 -31.25 -19.72 31.42
N THR G 138 -31.07 -18.40 31.45
CA THR G 138 -31.95 -17.50 32.15
C THR G 138 -32.51 -16.56 31.09
N SER G 139 -33.76 -16.13 31.25
CA SER G 139 -34.42 -15.25 30.27
C SER G 139 -34.84 -13.96 30.93
N GLY G 140 -34.87 -12.88 30.14
CA GLY G 140 -35.19 -11.58 30.65
C GLY G 140 -35.40 -10.60 29.52
N ARG G 141 -35.00 -9.34 29.77
CA ARG G 141 -34.97 -8.30 28.73
C ARG G 141 -33.96 -7.21 29.08
N ILE G 142 -33.56 -6.45 28.07
CA ILE G 142 -32.52 -5.45 28.20
C ILE G 142 -33.11 -4.07 28.48
N VAL G 143 -32.59 -3.44 29.53
CA VAL G 143 -33.13 -2.20 30.05
C VAL G 143 -32.00 -1.22 30.29
N ALA G 144 -32.35 0.04 30.48
CA ALA G 144 -31.38 1.08 30.76
C ALA G 144 -30.78 0.80 32.12
N PRO G 145 -29.44 0.80 32.23
CA PRO G 145 -28.66 0.42 33.41
C PRO G 145 -29.22 0.84 34.76
N ARG G 146 -29.26 -0.12 35.68
CA ARG G 146 -29.79 0.05 37.02
C ARG G 146 -29.05 -0.89 37.97
N GLY G 147 -28.66 -0.38 39.14
CA GLY G 147 -28.14 -1.24 40.21
C GLY G 147 -26.65 -1.07 40.44
N CYS G 148 -26.21 -1.42 41.64
CA CYS G 148 -24.88 -1.09 42.13
C CYS G 148 -23.81 -2.17 41.98
N GLN G 149 -24.20 -3.36 41.48
CA GLN G 149 -23.23 -4.40 41.09
C GLN G 149 -23.55 -4.92 39.69
N ASP G 150 -23.01 -4.37 38.60
CA ASP G 150 -21.70 -3.67 38.46
C ASP G 150 -20.76 -4.71 37.84
N PHE G 151 -21.14 -5.98 37.98
CA PHE G 151 -20.51 -7.09 37.29
C PHE G 151 -20.98 -7.09 35.83
N GLY G 152 -20.03 -6.87 34.92
CA GLY G 152 -20.27 -6.91 33.48
C GLY G 152 -21.59 -6.31 33.08
N TRP G 153 -22.43 -7.11 32.43
CA TRP G 153 -23.69 -6.64 31.84
C TRP G 153 -24.90 -6.70 32.79
N ASP G 154 -24.69 -6.96 34.07
CA ASP G 154 -25.80 -7.06 35.02
C ASP G 154 -26.75 -5.86 35.05
N PRO G 155 -26.22 -4.64 35.12
CA PRO G 155 -27.13 -3.49 35.17
C PRO G 155 -28.19 -3.42 34.05
N CYS G 156 -27.89 -3.99 32.89
CA CYS G 156 -28.78 -3.85 31.72
C CYS G 156 -29.66 -5.07 31.44
N PHE G 157 -29.68 -6.05 32.36
CA PHE G 157 -30.46 -7.27 32.16
C PHE G 157 -31.47 -7.53 33.28
N GLN G 158 -32.75 -7.46 32.93
CA GLN G 158 -33.83 -7.70 33.86
C GLN G 158 -34.38 -9.12 33.64
N PRO G 159 -34.14 -10.01 34.60
CA PRO G 159 -34.56 -11.39 34.42
C PRO G 159 -36.08 -11.52 34.47
N ASP G 160 -36.63 -12.49 33.77
CA ASP G 160 -38.07 -12.72 33.80
C ASP G 160 -38.52 -13.14 35.19
N GLY G 161 -39.63 -12.58 35.65
CA GLY G 161 -40.17 -12.88 36.97
C GLY G 161 -39.86 -11.83 38.03
N TYR G 162 -38.99 -10.88 37.70
CA TYR G 162 -38.49 -9.90 38.67
C TYR G 162 -38.56 -8.46 38.16
N GLU G 163 -38.73 -7.54 39.10
CA GLU G 163 -38.73 -6.12 38.81
C GLU G 163 -37.31 -5.58 38.70
N GLN G 164 -36.39 -6.11 39.49
CA GLN G 164 -35.03 -5.59 39.52
C GLN G 164 -34.04 -6.35 38.62
N THR G 165 -33.17 -5.60 37.94
CA THR G 165 -32.06 -6.17 37.13
C THR G 165 -31.10 -6.96 38.01
N TYR G 166 -30.29 -7.82 37.42
CA TYR G 166 -29.33 -8.62 38.21
C TYR G 166 -28.42 -7.74 39.10
N ALA G 167 -28.18 -6.50 38.68
CA ALA G 167 -27.32 -5.59 39.42
C ALA G 167 -27.98 -5.05 40.68
N GLU G 168 -29.30 -5.08 40.71
CA GLU G 168 -30.08 -4.56 41.82
C GLU G 168 -30.30 -5.60 42.92
N MET G 169 -30.03 -6.86 42.62
CA MET G 169 -30.27 -7.96 43.57
C MET G 169 -29.05 -8.14 44.40
N PRO G 170 -29.20 -8.52 45.68
CA PRO G 170 -28.07 -9.01 46.45
C PRO G 170 -27.50 -10.31 45.87
N LYS G 171 -26.22 -10.56 46.09
CA LYS G 171 -25.56 -11.75 45.54
C LYS G 171 -26.31 -13.01 46.01
N ALA G 172 -26.78 -13.01 47.25
CA ALA G 172 -27.58 -14.10 47.77
C ALA G 172 -28.74 -14.44 46.82
N GLU G 173 -29.48 -13.40 46.42
CA GLU G 173 -30.62 -13.54 45.50
C GLU G 173 -30.18 -13.91 44.09
N LYS G 174 -29.19 -13.19 43.55
CA LYS G 174 -28.72 -13.42 42.18
C LYS G 174 -28.20 -14.85 42.04
N ASN G 175 -27.33 -15.24 42.95
CA ASN G 175 -26.77 -16.60 42.98
C ASN G 175 -27.82 -17.68 43.22
N ALA G 176 -29.01 -17.30 43.69
CA ALA G 176 -30.13 -18.23 43.87
C ALA G 176 -30.94 -18.47 42.59
N VAL G 177 -30.83 -17.57 41.61
CA VAL G 177 -31.71 -17.61 40.43
C VAL G 177 -31.01 -17.53 39.06
N SER G 178 -29.72 -17.23 39.04
CA SER G 178 -29.05 -16.87 37.80
C SER G 178 -28.95 -18.00 36.78
N HIS G 179 -28.62 -17.60 35.55
CA HIS G 179 -28.08 -18.49 34.53
C HIS G 179 -26.96 -19.38 35.04
N ARG G 180 -26.02 -18.82 35.80
CA ARG G 180 -24.89 -19.60 36.32
C ARG G 180 -25.32 -20.56 37.44
N PHE G 181 -26.32 -20.18 38.23
CA PHE G 181 -26.94 -21.08 39.19
C PHE G 181 -27.51 -22.30 38.46
N ARG G 182 -28.36 -22.03 37.47
CA ARG G 182 -28.97 -23.10 36.65
C ARG G 182 -27.93 -24.09 36.11
N ALA G 183 -26.81 -23.57 35.63
CA ALA G 183 -25.76 -24.39 35.04
C ALA G 183 -25.00 -25.22 36.09
N LEU G 184 -24.74 -24.62 37.26
CA LEU G 184 -24.06 -25.33 38.35
C LEU G 184 -24.96 -26.42 38.96
N LEU G 185 -26.26 -26.28 38.76
CA LEU G 185 -27.24 -27.28 39.18
C LEU G 185 -27.08 -28.56 38.36
N GLU G 186 -26.91 -28.40 37.05
CA GLU G 186 -26.62 -29.53 36.17
C GLU G 186 -25.26 -30.14 36.50
N LEU G 187 -24.32 -29.31 36.96
CA LEU G 187 -22.99 -29.80 37.35
C LEU G 187 -23.06 -30.59 38.66
N GLN G 188 -23.85 -30.12 39.62
CA GLN G 188 -24.03 -30.82 40.88
C GLN G 188 -24.88 -32.07 40.68
N GLU G 189 -25.88 -31.99 39.80
CA GLU G 189 -26.65 -33.15 39.34
C GLU G 189 -25.76 -34.30 38.80
N TYR G 190 -24.64 -33.95 38.16
CA TYR G 190 -23.69 -34.94 37.62
C TYR G 190 -23.06 -35.83 38.71
N PHE G 191 -22.71 -35.22 39.85
CA PHE G 191 -22.09 -35.93 40.96
C PHE G 191 -23.10 -36.35 42.04
N GLY G 192 -24.38 -36.13 41.80
CA GLY G 192 -25.42 -36.49 42.76
C GLY G 192 -25.58 -38.00 42.92
N ALA H 5 56.79 9.14 -17.85
CA ALA H 5 57.87 10.13 -18.12
C ALA H 5 57.56 10.99 -19.35
N SER H 6 57.17 10.34 -20.44
CA SER H 6 57.01 11.02 -21.74
C SER H 6 56.32 10.19 -22.85
N LEU H 7 56.39 8.86 -22.76
CA LEU H 7 56.16 7.98 -23.91
C LEU H 7 54.69 7.68 -24.26
N VAL H 8 53.75 8.49 -23.77
CA VAL H 8 52.33 8.21 -23.98
C VAL H 8 51.96 8.25 -25.47
N GLY H 9 51.69 7.09 -26.04
CA GLY H 9 51.28 6.97 -27.46
C GLY H 9 52.30 6.26 -28.33
N LYS H 10 53.58 6.58 -28.13
CA LYS H 10 54.66 6.05 -28.94
C LYS H 10 54.87 4.55 -28.70
N LYS H 11 55.46 3.88 -29.69
CA LYS H 11 55.77 2.46 -29.58
C LYS H 11 57.00 2.23 -28.70
N ILE H 12 57.15 1.01 -28.19
CA ILE H 12 58.34 0.64 -27.43
C ILE H 12 58.82 -0.75 -27.86
N VAL H 13 60.13 -0.87 -28.03
CA VAL H 13 60.74 -2.13 -28.43
C VAL H 13 61.05 -2.98 -27.19
N PHE H 14 60.21 -3.98 -26.94
CA PHE H 14 60.48 -4.95 -25.90
C PHE H 14 61.41 -5.99 -26.49
N VAL H 15 62.66 -6.00 -26.02
CA VAL H 15 63.67 -6.91 -26.56
C VAL H 15 63.85 -8.10 -25.63
N THR H 16 63.56 -9.29 -26.17
CA THR H 16 63.68 -10.52 -25.42
C THR H 16 63.63 -11.71 -26.38
N GLY H 17 64.37 -12.76 -26.03
CA GLY H 17 64.44 -13.98 -26.83
C GLY H 17 63.41 -15.02 -26.43
N ASN H 18 62.90 -14.92 -25.20
CA ASN H 18 62.02 -15.94 -24.61
C ASN H 18 60.57 -15.78 -25.07
N ALA H 19 60.14 -16.63 -26.01
CA ALA H 19 58.81 -16.54 -26.62
C ALA H 19 57.68 -16.70 -25.62
N LYS H 20 57.84 -17.62 -24.67
CA LYS H 20 56.83 -17.85 -23.63
C LYS H 20 56.64 -16.61 -22.78
N LYS H 21 57.74 -15.92 -22.49
CA LYS H 21 57.71 -14.72 -21.66
C LYS H 21 56.97 -13.57 -22.36
N LEU H 22 57.14 -13.46 -23.67
CA LEU H 22 56.41 -12.47 -24.48
C LEU H 22 54.94 -12.85 -24.54
N GLU H 23 54.66 -14.13 -24.76
CA GLU H 23 53.29 -14.67 -24.75
C GLU H 23 52.56 -14.22 -23.47
N GLU H 24 53.25 -14.28 -22.33
CA GLU H 24 52.66 -13.91 -21.04
C GLU H 24 52.49 -12.42 -20.87
N VAL H 25 53.50 -11.64 -21.27
CA VAL H 25 53.43 -10.19 -21.11
C VAL H 25 52.28 -9.62 -21.93
N VAL H 26 52.19 -10.02 -23.20
CA VAL H 26 51.09 -9.59 -24.09
C VAL H 26 49.71 -9.88 -23.49
N GLN H 27 49.54 -11.06 -22.90
CA GLN H 27 48.27 -11.48 -22.30
C GLN H 27 47.91 -10.70 -21.03
N ILE H 28 48.90 -10.45 -20.17
CA ILE H 28 48.67 -9.80 -18.88
C ILE H 28 48.20 -8.35 -19.04
N LEU H 29 49.07 -7.49 -19.58
CA LEU H 29 48.75 -6.07 -19.70
C LEU H 29 47.63 -5.79 -20.70
N GLY H 30 47.43 -6.74 -21.63
CA GLY H 30 46.22 -6.79 -22.44
C GLY H 30 45.90 -5.57 -23.29
N ASP H 31 44.87 -4.83 -22.90
CA ASP H 31 44.17 -3.94 -23.82
C ASP H 31 44.58 -2.46 -23.78
N LYS H 32 44.40 -1.81 -22.63
CA LYS H 32 44.56 -0.36 -22.55
C LYS H 32 45.89 0.09 -21.93
N PHE H 33 46.99 -0.53 -22.40
CA PHE H 33 48.32 -0.05 -22.06
C PHE H 33 48.62 1.13 -22.98
N PRO H 34 48.86 2.33 -22.41
CA PRO H 34 49.02 3.54 -23.24
C PRO H 34 50.29 3.64 -24.12
N CYS H 35 50.92 2.50 -24.42
CA CYS H 35 52.00 2.45 -25.41
C CYS H 35 51.85 1.18 -26.24
N THR H 36 52.58 1.09 -27.35
CA THR H 36 52.45 -0.05 -28.26
C THR H 36 53.72 -0.90 -28.23
N LEU H 37 53.62 -2.11 -27.69
CA LEU H 37 54.78 -3.01 -27.60
C LEU H 37 55.10 -3.67 -28.95
N VAL H 38 56.38 -3.66 -29.29
CA VAL H 38 56.91 -4.33 -30.47
C VAL H 38 58.02 -5.29 -30.01
N ALA H 39 57.83 -6.58 -30.27
CA ALA H 39 58.84 -7.57 -29.91
C ALA H 39 59.95 -7.60 -30.95
N GLN H 40 61.20 -7.75 -30.47
CA GLN H 40 62.37 -7.90 -31.35
C GLN H 40 63.36 -8.83 -30.66
N LYS H 41 63.59 -10.00 -31.25
CA LYS H 41 64.45 -10.99 -30.59
C LYS H 41 65.92 -10.60 -30.69
N ILE H 42 66.49 -10.24 -29.55
CA ILE H 42 67.94 -10.09 -29.40
C ILE H 42 68.33 -10.74 -28.07
N ASP H 43 69.06 -11.84 -28.15
CA ASP H 43 69.66 -12.45 -26.97
C ASP H 43 70.78 -11.52 -26.53
N LEU H 44 70.55 -10.77 -25.45
CA LEU H 44 71.52 -9.82 -24.94
C LEU H 44 72.45 -10.48 -23.93
N PRO H 45 73.68 -9.98 -23.78
CA PRO H 45 74.53 -10.41 -22.68
C PRO H 45 74.03 -9.84 -21.35
N GLU H 46 74.12 -10.63 -20.28
CA GLU H 46 73.74 -10.20 -18.94
C GLU H 46 74.95 -10.32 -18.00
N TYR H 47 75.17 -9.31 -17.15
CA TYR H 47 76.33 -9.31 -16.24
C TYR H 47 76.09 -10.20 -15.02
N GLN H 48 77.17 -10.52 -14.31
CA GLN H 48 77.09 -11.19 -13.01
C GLN H 48 76.86 -10.13 -11.94
N GLY H 49 76.00 -10.43 -10.96
CA GLY H 49 75.79 -9.56 -9.82
C GLY H 49 74.38 -9.59 -9.27
N GLU H 50 73.85 -8.41 -8.95
CA GLU H 50 72.52 -8.26 -8.35
C GLU H 50 71.47 -8.03 -9.44
N PRO H 51 70.22 -8.50 -9.23
CA PRO H 51 69.20 -8.40 -10.29
C PRO H 51 68.91 -6.98 -10.78
N ASP H 52 69.09 -5.99 -9.91
CA ASP H 52 68.89 -4.58 -10.28
C ASP H 52 70.03 -4.07 -11.19
N GLU H 53 71.27 -4.25 -10.75
CA GLU H 53 72.45 -3.93 -11.59
C GLU H 53 72.38 -4.63 -12.93
N ILE H 54 72.10 -5.94 -12.90
CA ILE H 54 71.99 -6.77 -14.10
C ILE H 54 70.99 -6.19 -15.10
N SER H 55 69.77 -5.94 -14.62
CA SER H 55 68.69 -5.42 -15.47
C SER H 55 69.02 -4.03 -16.03
N ILE H 56 69.59 -3.15 -15.20
CA ILE H 56 69.99 -1.81 -15.65
C ILE H 56 70.98 -1.92 -16.81
N GLN H 57 72.07 -2.65 -16.57
CA GLN H 57 73.10 -2.83 -17.59
C GLN H 57 72.56 -3.58 -18.81
N LYS H 58 71.64 -4.51 -18.61
CA LYS H 58 70.97 -5.20 -19.72
C LYS H 58 70.14 -4.22 -20.54
N CYS H 59 69.51 -3.25 -19.86
CA CYS H 59 68.71 -2.22 -20.53
C CYS H 59 69.57 -1.29 -21.38
N GLN H 60 70.62 -0.71 -20.78
CA GLN H 60 71.58 0.12 -21.50
C GLN H 60 72.11 -0.59 -22.75
N GLU H 61 72.34 -1.90 -22.64
CA GLU H 61 72.81 -2.72 -23.77
C GLU H 61 71.81 -2.72 -24.92
N ALA H 62 70.53 -2.91 -24.60
CA ALA H 62 69.46 -2.80 -25.59
C ALA H 62 69.47 -1.43 -26.28
N VAL H 63 69.71 -0.38 -25.49
CA VAL H 63 69.67 1.00 -25.99
C VAL H 63 70.70 1.26 -27.10
N ARG H 64 71.89 0.66 -26.98
CA ARG H 64 72.94 0.82 -27.99
C ARG H 64 72.64 0.05 -29.29
N GLN H 65 71.79 -0.98 -29.21
CA GLN H 65 71.49 -1.85 -30.35
C GLN H 65 70.11 -1.64 -30.99
N VAL H 66 69.21 -0.97 -30.29
CA VAL H 66 67.87 -0.72 -30.81
C VAL H 66 67.64 0.74 -31.21
N GLN H 67 68.31 1.67 -30.51
CA GLN H 67 68.26 3.11 -30.81
C GLN H 67 67.06 3.81 -30.14
N GLY H 68 65.85 3.35 -30.43
CA GLY H 68 64.63 3.97 -29.88
C GLY H 68 64.29 3.52 -28.46
N PRO H 69 63.12 3.94 -27.94
CA PRO H 69 62.64 3.53 -26.62
C PRO H 69 62.57 2.01 -26.46
N VAL H 70 62.90 1.50 -25.28
CA VAL H 70 63.20 0.06 -25.11
C VAL H 70 62.80 -0.53 -23.74
N LEU H 71 62.25 -1.74 -23.76
CA LEU H 71 61.91 -2.47 -22.54
C LEU H 71 62.62 -3.83 -22.51
N VAL H 72 63.02 -4.25 -21.32
CA VAL H 72 63.60 -5.59 -21.12
C VAL H 72 63.15 -6.14 -19.78
N GLU H 73 63.46 -7.42 -19.51
CA GLU H 73 63.24 -7.96 -18.17
C GLU H 73 64.11 -9.18 -17.83
N ASP H 74 64.21 -9.43 -16.53
CA ASP H 74 65.02 -10.51 -15.97
C ASP H 74 64.27 -11.20 -14.85
N THR H 75 63.95 -12.47 -15.05
CA THR H 75 63.33 -13.28 -14.01
C THR H 75 64.42 -14.05 -13.28
N CYS H 76 64.38 -13.97 -11.95
CA CYS H 76 65.26 -14.76 -11.09
C CYS H 76 64.43 -15.71 -10.23
N LEU H 77 64.91 -16.92 -10.04
CA LEU H 77 64.34 -17.83 -9.04
C LEU H 77 65.36 -17.96 -7.93
N CYS H 78 64.95 -17.70 -6.70
CA CYS H 78 65.87 -17.57 -5.57
C CYS H 78 65.52 -18.54 -4.45
N PHE H 79 66.45 -19.42 -4.11
CA PHE H 79 66.25 -20.39 -3.04
C PHE H 79 66.77 -19.80 -1.72
N ASN H 80 65.90 -19.69 -0.73
CA ASN H 80 66.26 -19.14 0.58
C ASN H 80 67.29 -20.01 1.31
N ALA H 81 67.17 -21.32 1.16
CA ALA H 81 68.14 -22.23 1.74
C ALA H 81 69.55 -21.88 1.25
N LEU H 82 69.66 -21.42 0.01
CA LEU H 82 70.95 -21.06 -0.61
C LEU H 82 71.17 -19.55 -0.68
N GLY H 83 70.63 -18.80 0.27
CA GLY H 83 70.80 -17.34 0.33
C GLY H 83 70.40 -16.56 -0.93
N GLY H 84 69.31 -16.95 -1.57
CA GLY H 84 68.80 -16.22 -2.72
C GLY H 84 69.34 -16.66 -4.08
N LEU H 85 70.27 -17.63 -4.07
CA LEU H 85 70.77 -18.24 -5.30
C LEU H 85 69.86 -19.41 -5.64
N PRO H 86 69.91 -19.90 -6.90
CA PRO H 86 70.74 -19.46 -8.04
C PRO H 86 70.37 -18.08 -8.61
N GLY H 87 69.18 -17.59 -8.26
CA GLY H 87 68.80 -16.21 -8.54
C GLY H 87 68.91 -15.84 -10.00
N PRO H 88 69.81 -14.89 -10.34
CA PRO H 88 69.97 -14.43 -11.71
C PRO H 88 70.58 -15.46 -12.66
N TYR H 89 71.15 -16.52 -12.12
CA TYR H 89 71.80 -17.53 -12.93
C TYR H 89 70.88 -18.72 -13.23
N ILE H 90 69.61 -18.59 -12.86
CA ILE H 90 68.63 -19.68 -12.98
C ILE H 90 68.55 -20.29 -14.38
N LYS H 91 68.68 -19.45 -15.41
CA LYS H 91 68.64 -19.91 -16.80
C LYS H 91 69.60 -21.08 -17.03
N TRP H 92 70.80 -20.97 -16.48
CA TRP H 92 71.86 -21.97 -16.71
C TRP H 92 71.62 -23.23 -15.91
N PHE H 93 71.11 -23.08 -14.69
CA PHE H 93 70.80 -24.20 -13.82
C PHE H 93 69.64 -24.99 -14.38
N LEU H 94 68.66 -24.28 -14.95
CA LEU H 94 67.52 -24.93 -15.60
C LEU H 94 67.98 -25.77 -16.80
N GLU H 95 69.04 -25.30 -17.44
CA GLU H 95 69.62 -25.95 -18.60
C GLU H 95 70.30 -27.27 -18.26
N LYS H 96 71.00 -27.32 -17.13
CA LYS H 96 71.79 -28.49 -16.75
C LYS H 96 71.02 -29.50 -15.90
N LEU H 97 70.05 -29.00 -15.12
CA LEU H 97 69.38 -29.80 -14.09
C LEU H 97 67.93 -30.19 -14.42
N LYS H 98 67.22 -29.32 -15.17
CA LYS H 98 65.76 -29.41 -15.37
C LYS H 98 65.03 -29.18 -14.03
N PRO H 99 63.70 -29.02 -14.05
CA PRO H 99 63.00 -28.90 -12.77
C PRO H 99 63.29 -30.05 -11.80
N GLU H 100 63.45 -31.27 -12.31
CA GLU H 100 63.81 -32.41 -11.46
C GLU H 100 65.05 -32.05 -10.64
N GLY H 101 66.12 -31.65 -11.33
CA GLY H 101 67.39 -31.34 -10.68
C GLY H 101 67.42 -30.11 -9.80
N LEU H 102 66.47 -29.19 -10.01
CA LEU H 102 66.36 -28.01 -9.18
C LEU H 102 65.78 -28.37 -7.81
N HIS H 103 64.83 -29.30 -7.79
CA HIS H 103 64.31 -29.82 -6.52
C HIS H 103 65.42 -30.60 -5.80
N GLN H 104 66.10 -31.49 -6.54
CA GLN H 104 67.23 -32.26 -6.00
C GLN H 104 68.31 -31.39 -5.37
N LEU H 105 68.51 -30.21 -5.95
CA LEU H 105 69.52 -29.26 -5.49
C LEU H 105 69.36 -28.90 -4.02
N LEU H 106 68.10 -28.93 -3.54
CA LEU H 106 67.80 -28.64 -2.14
C LEU H 106 67.69 -29.92 -1.30
N ALA H 107 68.14 -31.05 -1.83
CA ALA H 107 67.97 -32.35 -1.16
C ALA H 107 68.57 -32.35 0.23
N GLY H 108 69.68 -31.63 0.42
CA GLY H 108 70.35 -31.58 1.72
C GLY H 108 69.92 -30.45 2.64
N PHE H 109 68.91 -29.68 2.23
CA PHE H 109 68.46 -28.54 3.02
C PHE H 109 67.02 -28.69 3.51
N GLU H 110 66.80 -28.50 4.80
CA GLU H 110 65.47 -28.61 5.39
C GLU H 110 64.51 -27.56 4.82
N ASP H 111 65.02 -26.35 4.54
CA ASP H 111 64.22 -25.23 4.06
C ASP H 111 64.02 -25.27 2.54
N LYS H 112 62.82 -25.62 2.11
CA LYS H 112 62.50 -25.70 0.69
C LYS H 112 61.88 -24.40 0.15
N SER H 113 61.98 -23.31 0.91
CA SER H 113 61.31 -22.05 0.55
C SER H 113 62.10 -21.25 -0.48
N ALA H 114 61.39 -20.39 -1.21
CA ALA H 114 61.98 -19.60 -2.30
C ALA H 114 61.08 -18.44 -2.72
N TYR H 115 61.60 -17.63 -3.65
CA TYR H 115 60.83 -16.56 -4.28
C TYR H 115 61.26 -16.33 -5.73
N ALA H 116 60.28 -16.03 -6.58
CA ALA H 116 60.54 -15.63 -7.96
C ALA H 116 60.55 -14.11 -8.01
N LEU H 117 61.60 -13.54 -8.60
CA LEU H 117 61.74 -12.09 -8.76
C LEU H 117 61.68 -11.73 -10.24
N CYS H 118 60.86 -10.72 -10.57
CA CYS H 118 60.73 -10.25 -11.95
C CYS H 118 60.96 -8.74 -12.02
N THR H 119 62.00 -8.33 -12.74
CA THR H 119 62.44 -6.94 -12.83
C THR H 119 62.36 -6.45 -14.27
N PHE H 120 61.49 -5.47 -14.51
CA PHE H 120 61.43 -4.79 -15.81
C PHE H 120 62.35 -3.57 -15.80
N ALA H 121 62.91 -3.23 -16.96
CA ALA H 121 63.81 -2.10 -17.11
C ALA H 121 63.44 -1.28 -18.35
N LEU H 122 63.25 0.04 -18.16
CA LEU H 122 62.71 0.92 -19.22
C LEU H 122 63.65 2.07 -19.55
N SER H 123 63.79 2.37 -20.84
CA SER H 123 64.58 3.50 -21.31
C SER H 123 63.93 4.22 -22.49
N THR H 124 64.23 5.51 -22.61
CA THR H 124 63.60 6.39 -23.59
C THR H 124 64.49 6.64 -24.80
N GLN H 129 68.34 9.91 -19.94
CA GLN H 129 68.04 9.96 -18.51
C GLN H 129 67.86 8.54 -17.94
N PRO H 130 68.46 8.25 -16.76
CA PRO H 130 68.60 6.93 -16.13
C PRO H 130 67.47 5.92 -16.33
N VAL H 131 67.82 4.64 -16.25
CA VAL H 131 66.86 3.54 -16.38
C VAL H 131 65.89 3.52 -15.19
N ARG H 132 64.67 3.05 -15.44
CA ARG H 132 63.63 2.90 -14.41
C ARG H 132 63.29 1.42 -14.23
N LEU H 133 63.32 0.94 -12.99
CA LEU H 133 63.07 -0.47 -12.70
C LEU H 133 61.68 -0.69 -12.11
N PHE H 134 61.06 -1.81 -12.47
CA PHE H 134 59.74 -2.20 -11.97
C PHE H 134 59.77 -3.66 -11.54
N ARG H 135 59.57 -3.90 -10.24
CA ARG H 135 59.76 -5.22 -9.65
C ARG H 135 58.46 -5.88 -9.20
N GLY H 136 58.41 -7.20 -9.34
CA GLY H 136 57.34 -8.01 -8.77
C GLY H 136 57.96 -9.29 -8.23
N ARG H 137 57.64 -9.65 -6.99
CA ARG H 137 58.21 -10.85 -6.40
C ARG H 137 57.17 -11.71 -5.68
N THR H 138 57.09 -12.98 -6.08
CA THR H 138 56.16 -13.93 -5.50
C THR H 138 56.92 -14.92 -4.63
N SER H 139 56.35 -15.25 -3.47
CA SER H 139 56.92 -16.28 -2.59
C SER H 139 56.27 -17.63 -2.83
N GLY H 140 57.02 -18.68 -2.52
CA GLY H 140 56.53 -20.04 -2.64
C GLY H 140 57.55 -21.01 -2.09
N ARG H 141 57.53 -22.23 -2.61
CA ARG H 141 58.51 -23.25 -2.22
C ARG H 141 58.73 -24.27 -3.33
N ILE H 142 59.92 -24.86 -3.33
CA ILE H 142 60.32 -25.72 -4.42
C ILE H 142 59.91 -27.15 -4.12
N VAL H 143 59.31 -27.80 -5.11
CA VAL H 143 58.71 -29.13 -4.96
C VAL H 143 59.06 -30.01 -6.15
N ALA H 144 58.91 -31.32 -5.98
CA ALA H 144 59.11 -32.26 -7.08
C ALA H 144 58.13 -31.88 -8.18
N PRO H 145 58.61 -31.81 -9.42
CA PRO H 145 57.87 -31.17 -10.51
C PRO H 145 56.52 -31.82 -10.86
N ARG H 146 55.51 -30.96 -11.03
CA ARG H 146 54.16 -31.36 -11.45
C ARG H 146 53.62 -30.42 -12.52
N GLY H 147 52.79 -30.95 -13.42
CA GLY H 147 52.27 -30.17 -14.54
C GLY H 147 53.22 -30.24 -15.73
N CYS H 148 52.74 -29.77 -16.88
CA CYS H 148 53.48 -29.89 -18.14
C CYS H 148 54.81 -29.14 -18.12
N GLN H 149 55.78 -29.66 -18.88
CA GLN H 149 57.12 -29.08 -18.99
C GLN H 149 57.10 -27.99 -20.07
N ASP H 150 56.41 -26.89 -19.79
CA ASP H 150 56.15 -25.86 -20.81
C ASP H 150 56.98 -24.59 -20.67
N PHE H 151 57.19 -24.15 -19.43
CA PHE H 151 57.83 -22.87 -19.15
C PHE H 151 58.89 -23.03 -18.06
N GLY H 152 60.12 -23.27 -18.46
CA GLY H 152 61.24 -23.34 -17.53
C GLY H 152 60.88 -23.98 -16.20
N TRP H 153 61.04 -23.22 -15.11
CA TRP H 153 60.96 -23.74 -13.74
C TRP H 153 59.56 -23.80 -13.14
N ASP H 154 58.54 -23.52 -13.95
CA ASP H 154 57.15 -23.52 -13.48
C ASP H 154 56.75 -24.81 -12.74
N PRO H 155 57.10 -25.97 -13.30
CA PRO H 155 56.63 -27.22 -12.68
C PRO H 155 57.12 -27.47 -11.26
N CYS H 156 58.25 -26.87 -10.87
CA CYS H 156 58.81 -27.08 -9.53
C CYS H 156 58.68 -25.86 -8.62
N PHE H 157 57.69 -24.99 -8.88
CA PHE H 157 57.44 -23.85 -8.01
C PHE H 157 55.97 -23.80 -7.60
N GLN H 158 55.73 -24.17 -6.35
CA GLN H 158 54.42 -24.03 -5.74
C GLN H 158 54.37 -22.68 -5.00
N PRO H 159 53.54 -21.74 -5.50
CA PRO H 159 53.44 -20.47 -4.82
C PRO H 159 52.68 -20.60 -3.52
N ASP H 160 53.02 -19.79 -2.53
CA ASP H 160 52.33 -19.78 -1.25
C ASP H 160 50.83 -19.54 -1.50
N GLY H 161 50.00 -20.25 -0.75
CA GLY H 161 48.56 -20.08 -0.81
C GLY H 161 47.87 -21.16 -1.61
N TYR H 162 48.56 -21.70 -2.62
CA TYR H 162 47.95 -22.62 -3.57
C TYR H 162 48.55 -24.02 -3.46
N GLU H 163 47.77 -25.01 -3.88
CA GLU H 163 48.19 -26.40 -3.88
C GLU H 163 48.79 -26.78 -5.24
N GLN H 164 48.58 -25.93 -6.24
CA GLN H 164 49.07 -26.17 -7.60
C GLN H 164 50.36 -25.40 -7.85
N THR H 165 51.27 -26.01 -8.61
CA THR H 165 52.46 -25.32 -9.07
C THR H 165 52.05 -24.43 -10.23
N TYR H 166 52.90 -23.53 -10.67
CA TYR H 166 52.55 -22.64 -11.78
C TYR H 166 52.21 -23.45 -13.05
N ALA H 167 52.94 -24.53 -13.30
CA ALA H 167 52.65 -25.39 -14.46
C ALA H 167 51.28 -26.06 -14.34
N GLU H 168 50.91 -26.47 -13.12
CA GLU H 168 49.60 -27.10 -12.88
C GLU H 168 48.43 -26.14 -13.10
N MET H 169 48.62 -24.87 -12.71
CA MET H 169 47.61 -23.83 -12.87
C MET H 169 47.30 -23.56 -14.34
N PRO H 170 45.99 -23.40 -14.69
CA PRO H 170 45.63 -22.79 -15.97
C PRO H 170 46.25 -21.41 -16.10
N LYS H 171 46.79 -21.08 -17.28
CA LYS H 171 47.58 -19.84 -17.43
C LYS H 171 46.81 -18.57 -17.03
N ALA H 172 45.50 -18.57 -17.27
CA ALA H 172 44.64 -17.51 -16.78
C ALA H 172 44.87 -17.27 -15.28
N GLU H 173 44.99 -18.34 -14.51
CA GLU H 173 45.25 -18.25 -13.07
C GLU H 173 46.66 -17.73 -12.79
N LYS H 174 47.65 -18.25 -13.52
CA LYS H 174 49.04 -17.87 -13.30
C LYS H 174 49.21 -16.37 -13.53
N ASN H 175 48.66 -15.89 -14.63
CA ASN H 175 48.82 -14.49 -15.03
C ASN H 175 48.08 -13.48 -14.16
N ALA H 176 47.44 -13.97 -13.10
CA ALA H 176 46.78 -13.09 -12.13
C ALA H 176 47.52 -13.03 -10.81
N VAL H 177 48.47 -13.94 -10.60
CA VAL H 177 49.14 -14.13 -9.32
C VAL H 177 50.68 -14.14 -9.38
N SER H 178 51.23 -14.24 -10.58
CA SER H 178 52.66 -14.51 -10.75
C SER H 178 53.54 -13.27 -10.57
N HIS H 179 54.78 -13.52 -10.20
CA HIS H 179 55.86 -12.52 -10.18
C HIS H 179 55.83 -11.53 -11.35
N ARG H 180 55.54 -12.02 -12.55
CA ARG H 180 55.48 -11.15 -13.72
C ARG H 180 54.22 -10.28 -13.71
N PHE H 181 53.10 -10.84 -13.25
CA PHE H 181 51.89 -10.05 -13.06
C PHE H 181 52.12 -8.91 -12.05
N ARG H 182 52.83 -9.21 -10.97
CA ARG H 182 53.16 -8.21 -9.95
C ARG H 182 54.10 -7.12 -10.47
N ALA H 183 55.02 -7.51 -11.35
CA ALA H 183 55.96 -6.56 -11.94
C ALA H 183 55.26 -5.66 -12.96
N LEU H 184 54.50 -6.27 -13.87
CA LEU H 184 53.70 -5.52 -14.85
C LEU H 184 52.67 -4.60 -14.17
N LEU H 185 52.23 -4.97 -12.97
CA LEU H 185 51.36 -4.11 -12.16
C LEU H 185 52.05 -2.80 -11.79
N GLU H 186 53.31 -2.88 -11.38
CA GLU H 186 54.12 -1.67 -11.16
C GLU H 186 54.35 -0.88 -12.44
N LEU H 187 54.44 -1.56 -13.58
CA LEU H 187 54.62 -0.88 -14.88
C LEU H 187 53.38 -0.13 -15.33
N GLN H 188 52.19 -0.65 -15.01
CA GLN H 188 50.93 -0.02 -15.41
C GLN H 188 50.57 1.18 -14.53
N GLU H 189 50.82 1.07 -13.23
CA GLU H 189 50.59 2.20 -12.29
C GLU H 189 51.54 3.36 -12.59
N TYR H 190 52.65 3.06 -13.27
CA TYR H 190 53.58 4.10 -13.73
C TYR H 190 52.95 5.04 -14.75
N PHE H 191 52.12 4.49 -15.65
CA PHE H 191 51.40 5.28 -16.64
C PHE H 191 49.98 5.63 -16.16
N GLY H 192 49.88 6.66 -15.32
CA GLY H 192 48.58 7.08 -14.77
C GLY H 192 48.06 6.17 -13.67
PG ITT I . 24.06 -17.39 3.34
O1G ITT I . 23.24 -18.53 2.56
O2G ITT I . 25.42 -18.10 3.87
O3G ITT I . 23.31 -16.80 4.47
PB ITT I . 23.55 -15.28 1.51
O1B ITT I . 22.48 -14.76 2.59
O2B ITT I . 22.89 -15.85 0.31
O3B ITT I . 24.53 -16.34 2.21
PA ITT I . 25.25 -13.07 2.18
O1A ITT I . 26.79 -13.51 2.31
O2A ITT I . 24.53 -12.98 3.48
O3A ITT I . 24.57 -14.08 1.14
O5' ITT I . 25.18 -11.67 1.37
C5' ITT I . 26.02 -11.51 0.23
C4' ITT I . 25.23 -11.27 -1.06
O4' ITT I . 26.23 -11.07 -2.08
C3' ITT I . 24.38 -12.47 -1.49
O3' ITT I . 23.21 -12.01 -2.17
C2' ITT I . 25.24 -13.23 -2.50
O2' ITT I . 24.40 -13.61 -3.60
C1' ITT I . 26.27 -12.20 -2.96
N9 ITT I . 27.67 -12.71 -2.94
C8 ITT I . 28.32 -13.24 -1.91
N7 ITT I . 29.55 -13.55 -2.31
C5 ITT I . 29.69 -13.20 -3.59
C6 ITT I . 30.74 -13.29 -4.50
O6 ITT I . 31.84 -13.76 -4.22
N1 ITT I . 30.52 -12.82 -5.80
C2 ITT I . 29.26 -12.29 -6.13
N3 ITT I . 28.30 -12.23 -5.24
C4 ITT I . 28.47 -12.67 -3.99
MG MG J . 23.17 -14.42 4.23
PG ITT K . 15.87 3.34 18.60
O1G ITT K . 16.50 2.54 19.84
O2G ITT K . 14.56 4.07 19.19
O3G ITT K . 15.53 2.40 17.50
PB ITT K . 17.32 4.71 16.63
O1B ITT K . 18.13 3.36 16.28
O2B ITT K . 18.16 5.91 16.47
O3B ITT K . 16.88 4.51 18.17
PA ITT K . 15.73 3.94 14.35
O1A ITT K . 14.22 4.29 13.94
O2A ITT K . 16.02 2.49 14.47
O3A ITT K . 15.98 4.73 15.74
O5' ITT K . 16.71 4.58 13.25
C5' ITT K . 16.23 5.44 12.20
C4' ITT K . 17.24 6.54 11.89
O4' ITT K . 16.53 7.67 11.33
C3' ITT K . 17.98 7.09 13.12
O3' ITT K . 19.24 7.58 12.69
C2' ITT K . 17.10 8.25 13.58
O2' ITT K . 17.95 9.26 14.16
C1' ITT K . 16.46 8.73 12.29
N9 ITT K . 15.04 9.12 12.46
C8 ITT K . 14.05 8.46 13.05
N7 ITT K . 12.91 9.16 13.00
C5 ITT K . 13.20 10.29 12.36
C6 ITT K . 12.40 11.39 12.04
O6 ITT K . 11.22 11.46 12.31
N1 ITT K . 13.00 12.45 11.35
C2 ITT K . 14.37 12.39 11.03
N3 ITT K . 15.07 11.33 11.37
C4 ITT K . 14.54 10.29 12.02
MG MG L . 17.38 1.49 16.38
PG ITT M . -15.15 39.04 7.21
O1G ITT M . -14.74 40.58 7.46
O2G ITT M . -13.74 38.30 6.96
O3G ITT M . -16.10 38.87 6.08
PB ITT M . -16.96 37.55 8.67
O1B ITT M . -18.11 38.28 7.80
O2B ITT M . -17.32 37.35 10.10
O3B ITT M . -15.69 38.52 8.63
PA ITT M . -17.42 35.30 6.98
O1A ITT M . -16.48 34.37 6.06
O2A ITT M . -18.32 36.18 6.21
O3A ITT M . -16.49 36.19 7.94
O5' ITT M . -18.23 34.33 7.98
C5' ITT M . -17.65 33.13 8.50
C4' ITT M . -18.10 32.86 9.93
O4' ITT M . -17.55 31.59 10.34
C3' ITT M . -17.61 33.90 10.93
O3' ITT M . -18.56 34.10 11.96
C2' ITT M . -16.33 33.30 11.53
O2' ITT M . -16.23 33.66 12.91
C1' ITT M . -16.53 31.79 11.34
N9 ITT M . -15.28 31.16 10.86
C8 ITT M . -14.53 31.48 9.81
N7 ITT M . -13.46 30.68 9.74
C5 ITT M . -13.54 29.83 10.75
C6 ITT M . -12.73 28.79 11.17
O6 ITT M . -11.70 28.47 10.57
N1 ITT M . -13.10 28.06 12.31
C2 ITT M . -14.27 28.42 12.99
N3 ITT M . -15.01 29.42 12.56
C4 ITT M . -14.69 30.13 11.47
MG MG N . -18.50 39.49 6.19
P1 POP O . -12.65 20.62 -26.25
O1 POP O . -13.49 20.13 -25.09
O2 POP O . -13.46 20.53 -27.52
O3 POP O . -12.21 22.05 -26.01
O POP O . -11.35 19.70 -26.35
P2 POP O . -10.24 20.07 -27.46
O4 POP O . -10.87 19.85 -28.81
O5 POP O . -9.84 21.53 -27.34
O6 POP O . -9.03 19.17 -27.28
P IMP P . -8.78 20.02 -23.33
O1P IMP P . -9.21 21.56 -23.50
O2P IMP P . -9.66 19.13 -24.35
O3P IMP P . -9.00 19.54 -21.96
O5' IMP P . -7.26 19.85 -23.83
C5' IMP P . -6.37 19.01 -23.10
C4' IMP P . -5.51 18.13 -24.01
O4' IMP P . -5.08 17.03 -23.18
C3' IMP P . -6.16 17.50 -25.25
O3' IMP P . -5.20 17.34 -26.30
C2' IMP P . -6.65 16.13 -24.79
O2' IMP P . -6.36 15.12 -25.75
C1' IMP P . -5.80 15.85 -23.54
N9 IMP P . -6.63 15.40 -22.41
C8 IMP P . -7.76 15.92 -21.95
N7 IMP P . -8.15 15.19 -20.92
C5 IMP P . -7.28 14.22 -20.71
C6 IMP P . -7.18 13.19 -19.78
O6 IMP P . -8.02 13.03 -18.90
N1 IMP P . -6.08 12.32 -19.84
C2 IMP P . -5.12 12.50 -20.84
N3 IMP P . -5.24 13.50 -21.70
C4 IMP P . -6.28 14.35 -21.67
MG MG Q . -10.44 23.19 -26.96
PG ITT R . -47.53 -1.80 -15.60
O1G ITT R . -48.14 -0.83 -14.46
O2G ITT R . -47.28 -0.88 -16.90
O3G ITT R . -48.43 -2.93 -15.91
PB ITT R . -45.69 -3.62 -14.43
O1B ITT R . -47.06 -4.38 -14.08
O2B ITT R . -44.86 -3.39 -13.23
O3B ITT R . -46.06 -2.19 -15.07
PA ITT R . -45.23 -5.69 -16.40
O1A ITT R . -44.56 -5.51 -17.85
O2A ITT R . -46.69 -5.90 -16.48
O3A ITT R . -44.84 -4.36 -15.58
O5' ITT R . -44.53 -6.94 -15.67
C5' ITT R . -43.16 -7.30 -15.88
C4' ITT R . -42.38 -7.43 -14.58
O4' ITT R . -40.96 -7.42 -14.83
C3' ITT R . -42.58 -6.32 -13.55
O3' ITT R . -42.38 -6.88 -12.25
C2' ITT R . -41.50 -5.29 -13.85
O2' ITT R . -40.94 -4.74 -12.65
C1' ITT R . -40.43 -6.11 -14.59
N9 ITT R . -39.97 -5.51 -15.87
C8 ITT R . -40.65 -4.86 -16.81
N7 ITT R . -39.84 -4.51 -17.81
C5 ITT R . -38.62 -4.95 -17.51
C6 ITT R . -37.39 -4.88 -18.15
O6 ITT R . -37.20 -4.34 -19.25
N1 ITT R . -36.29 -5.47 -17.54
C2 ITT R . -36.43 -6.12 -16.30
N3 ITT R . -37.62 -6.15 -15.73
C4 ITT R . -38.71 -5.59 -16.28
MG MG S . -48.76 -5.31 -14.62
PG ITT T . -13.38 -17.10 4.20
O1G ITT T . -13.14 -18.62 3.75
O2G ITT T . -12.49 -16.25 3.16
O3G ITT T . -12.96 -16.83 5.60
PB ITT T . -15.79 -15.72 4.77
O1B ITT T . -16.02 -16.36 6.22
O2B ITT T . -17.08 -15.50 4.08
O3B ITT T . -14.95 -16.80 3.92
PA ITT T . -14.65 -13.41 6.13
O1A ITT T . -13.80 -12.19 5.49
O2A ITT T . -13.90 -14.01 7.25
O3A ITT T . -14.88 -14.40 4.86
O5' ITT T . -16.08 -12.82 6.57
C5' ITT T . -16.46 -11.49 6.24
C4' ITT T . -17.97 -11.35 6.03
O4' ITT T . -18.20 -10.14 5.30
C3' ITT T . -18.64 -12.47 5.21
O3' ITT T . -20.03 -12.53 5.56
C2' ITT T . -18.55 -11.97 3.77
O2' ITT T . -19.67 -12.40 3.01
C1' ITT T . -18.58 -10.46 3.96
N9 ITT T . -17.66 -9.79 3.02
C8 ITT T . -16.39 -10.07 2.74
N7 ITT T . -15.95 -9.20 1.83
C5 ITT T . -16.92 -8.36 1.51
C6 ITT T . -17.04 -7.29 0.64
O6 ITT T . -16.12 -6.88 -0.07
N1 ITT T . -18.27 -6.62 0.58
C2 ITT T . -19.33 -7.04 1.38
N3 ITT T . -19.19 -8.07 2.20
C4 ITT T . -18.02 -8.74 2.28
MG MG U . -14.07 -16.69 7.52
PG ITT V . -12.68 -16.41 31.53
O1G ITT V . -11.19 -16.51 32.14
O2G ITT V . -13.61 -17.36 32.45
O3G ITT V . -12.71 -16.84 30.12
PB ITT V . -14.22 -14.18 30.77
O1B ITT V . -13.57 -14.41 29.31
O2B ITT V . -14.33 -12.75 31.13
O3B ITT V . -13.19 -14.91 31.78
PA ITT V . -16.73 -14.97 29.66
O1A ITT V . -18.10 -15.50 30.33
O2A ITT V . -16.36 -15.83 28.52
O3A ITT V . -15.62 -14.98 30.83
O5' ITT V . -16.94 -13.42 29.25
C5' ITT V . -18.21 -12.78 29.13
C4' ITT V . -18.23 -11.32 29.59
O4' ITT V . -19.46 -11.15 30.32
C3' ITT V . -17.11 -10.80 30.50
O3' ITT V . -16.81 -9.45 30.15
C2' ITT V . -17.69 -10.81 31.92
O2' ITT V . -17.34 -9.59 32.59
C1' ITT V . -19.21 -10.83 31.70
N9 ITT V . -19.91 -11.82 32.56
C8 ITT V . -19.64 -13.10 32.77
N7 ITT V . -20.56 -13.58 33.60
C5 ITT V . -21.42 -12.61 33.91
C6 ITT V . -22.55 -12.54 34.71
O6 ITT V . -23.01 -13.50 35.35
N1 ITT V . -23.23 -11.32 34.80
C2 ITT V . -22.75 -10.21 34.10
N3 ITT V . -21.67 -10.33 33.34
C4 ITT V . -21.00 -11.49 33.23
MG MG W . -13.31 -14.86 27.46
PG ITT X . 65.74 -12.90 -22.24
O1G ITT X . 65.80 -12.55 -23.81
O2G ITT X . 64.41 -12.18 -21.68
O3G ITT X . 66.96 -12.45 -21.54
PB ITT X . 65.98 -15.45 -21.02
O1B ITT X . 67.56 -15.19 -20.88
O2B ITT X . 65.66 -16.85 -21.37
O3B ITT X . 65.47 -14.49 -22.20
PA ITT X . 65.89 -14.75 -18.24
O1A ITT X . 64.72 -14.06 -17.38
O2A ITT X . 67.13 -13.94 -18.31
O3A ITT X . 65.20 -15.00 -19.68
O5' ITT X . 66.18 -16.19 -17.57
C5' ITT X . 65.31 -16.74 -16.58
C4' ITT X . 65.00 -18.19 -16.92
O4' ITT X . 63.75 -18.36 -16.22
C3' ITT X . 64.78 -18.46 -18.41
O3' ITT X . 65.47 -19.66 -18.74
C2' ITT X . 63.27 -18.71 -18.55
O2' ITT X . 63.05 -19.88 -19.34
C1' ITT X . 62.78 -18.92 -17.12
N9 ITT X . 61.56 -18.14 -16.81
C8 ITT X . 61.36 -16.83 -16.95
N7 ITT X . 60.13 -16.52 -16.54
C5 ITT X . 59.54 -17.63 -16.11
C6 ITT X . 58.28 -17.92 -15.60
O6 ITT X . 57.38 -17.09 -15.41
N1 ITT X . 58.00 -19.24 -15.25
C2 ITT X . 58.97 -20.22 -15.44
N3 ITT X . 60.15 -19.92 -15.94
C4 ITT X . 60.45 -18.66 -16.28
MG MG Y . 68.68 -14.05 -20.48
#